data_3J63
#
_entry.id   3J63
#
_cell.length_a   1
_cell.length_b   1
_cell.length_c   1
_cell.angle_alpha   90
_cell.angle_beta   90
_cell.angle_gamma   90
#
_symmetry.space_group_name_H-M   'P 1'
#
_entity_poly.entity_id   1
_entity_poly.type   'polypeptide(L)'
_entity_poly.pdbx_seq_one_letter_code
;MGRARDAILDALENLTAEELKKFKLKLLSVPLREGYGRIPRGALLSMDALDLTDKLVSFYLETYGAELTANVLRDMGLQE
MAGQLQAATHQ
;
_entity_poly.pdbx_strand_id   A,B,C,D,E,F,G,H,I,J,K,L,M,N,O
#
# COMPACT_ATOMS: atom_id res chain seq x y z
N MET A 1 -27.64 21.20 -18.68
CA MET A 1 -28.64 21.15 -17.56
C MET A 1 -28.74 19.78 -16.94
N GLY A 2 -27.60 19.24 -16.53
CA GLY A 2 -27.55 17.92 -15.92
C GLY A 2 -28.78 17.48 -15.14
N ARG A 3 -29.31 18.38 -14.31
CA ARG A 3 -30.49 18.09 -13.50
C ARG A 3 -31.52 17.16 -14.12
N ALA A 4 -31.88 17.42 -15.37
CA ALA A 4 -32.85 16.59 -16.07
C ALA A 4 -32.45 15.12 -16.00
N ARG A 5 -31.21 14.87 -15.59
CA ARG A 5 -30.69 13.51 -15.47
C ARG A 5 -31.42 12.81 -14.32
N ASP A 6 -31.58 13.52 -13.22
CA ASP A 6 -32.25 12.98 -12.04
C ASP A 6 -33.63 12.45 -12.40
N ALA A 7 -34.37 13.25 -13.16
CA ALA A 7 -35.71 12.86 -13.57
C ALA A 7 -35.69 11.46 -14.17
N ILE A 8 -34.56 11.09 -14.74
CA ILE A 8 -34.40 9.77 -15.35
C ILE A 8 -34.24 8.73 -14.25
N LEU A 9 -33.75 9.15 -13.10
CA LEU A 9 -33.56 8.25 -11.96
C LEU A 9 -34.93 7.74 -11.54
N ASP A 10 -35.92 8.62 -11.64
CA ASP A 10 -37.29 8.29 -11.27
C ASP A 10 -37.93 7.37 -12.31
N ALA A 11 -37.28 7.26 -13.46
CA ALA A 11 -37.78 6.41 -14.54
C ALA A 11 -37.74 4.95 -14.11
N LEU A 12 -36.61 4.54 -13.55
CA LEU A 12 -36.42 3.17 -13.10
C LEU A 12 -37.06 2.91 -11.74
N GLU A 13 -37.68 3.93 -11.17
CA GLU A 13 -38.31 3.80 -9.86
C GLU A 13 -39.74 3.27 -9.92
N ASN A 14 -40.48 3.69 -10.95
CA ASN A 14 -41.86 3.26 -11.10
C ASN A 14 -41.95 1.82 -11.62
N LEU A 15 -40.81 1.24 -11.95
CA LEU A 15 -40.76 -0.13 -12.46
C LEU A 15 -40.36 -1.12 -11.36
N THR A 16 -40.86 -2.33 -11.46
CA THR A 16 -40.58 -3.38 -10.47
C THR A 16 -39.15 -3.90 -10.59
N ALA A 17 -38.75 -4.74 -9.64
CA ALA A 17 -37.42 -5.32 -9.64
C ALA A 17 -37.32 -6.34 -10.77
N GLU A 18 -38.44 -7.02 -11.05
CA GLU A 18 -38.48 -8.00 -12.12
C GLU A 18 -38.22 -7.31 -13.45
N GLU A 19 -38.92 -6.19 -13.65
CA GLU A 19 -38.79 -5.41 -14.87
C GLU A 19 -37.32 -5.08 -15.17
N LEU A 20 -36.64 -4.55 -14.16
CA LEU A 20 -35.24 -4.16 -14.29
C LEU A 20 -34.39 -5.13 -15.12
N LYS A 21 -34.42 -6.42 -14.76
CA LYS A 21 -33.65 -7.42 -15.48
C LYS A 21 -33.91 -7.36 -16.98
N LYS A 22 -35.19 -7.30 -17.35
CA LYS A 22 -35.59 -7.24 -18.75
C LYS A 22 -34.97 -6.06 -19.48
N PHE A 23 -35.13 -4.87 -18.91
CA PHE A 23 -34.60 -3.65 -19.50
C PHE A 23 -33.15 -3.82 -19.95
N LYS A 24 -32.36 -4.47 -19.10
CA LYS A 24 -30.94 -4.73 -19.40
C LYS A 24 -30.78 -5.41 -20.76
N LEU A 25 -31.33 -6.61 -20.87
CA LEU A 25 -31.26 -7.40 -22.09
C LEU A 25 -31.65 -6.67 -23.37
N LYS A 26 -32.65 -5.79 -23.28
CA LYS A 26 -33.11 -5.08 -24.46
C LYS A 26 -32.26 -3.86 -24.83
N LEU A 27 -31.52 -3.33 -23.86
CA LEU A 27 -30.68 -2.16 -24.10
C LEU A 27 -29.73 -2.37 -25.28
N LEU A 28 -29.05 -3.50 -25.30
CA LEU A 28 -28.10 -3.82 -26.36
C LEU A 28 -28.72 -3.90 -27.75
N SER A 29 -29.91 -4.46 -27.82
CA SER A 29 -30.63 -4.66 -29.09
C SER A 29 -31.23 -3.43 -29.77
N VAL A 30 -31.26 -2.28 -29.10
CA VAL A 30 -31.84 -1.07 -29.68
C VAL A 30 -30.97 -0.38 -30.73
N PRO A 31 -31.61 0.17 -31.78
CA PRO A 31 -30.89 0.88 -32.85
C PRO A 31 -30.24 2.14 -32.29
N LEU A 32 -28.94 2.29 -32.50
CA LEU A 32 -28.21 3.45 -31.99
C LEU A 32 -27.89 4.49 -33.04
N ARG A 33 -27.36 5.63 -32.59
CA ARG A 33 -26.98 6.72 -33.49
C ARG A 33 -25.51 6.60 -33.81
N GLU A 34 -25.12 7.14 -34.97
CA GLU A 34 -23.73 7.13 -35.40
C GLU A 34 -22.90 8.02 -34.48
N GLY A 35 -21.60 7.76 -34.43
CA GLY A 35 -20.72 8.56 -33.59
C GLY A 35 -20.88 8.21 -32.13
N TYR A 36 -21.56 7.10 -31.85
CA TYR A 36 -21.78 6.64 -30.49
C TYR A 36 -21.61 5.12 -30.47
N GLY A 37 -21.47 4.54 -29.28
CA GLY A 37 -21.29 3.10 -29.19
C GLY A 37 -22.09 2.45 -28.09
N ARG A 38 -21.92 1.14 -27.94
CA ARG A 38 -22.64 0.39 -26.91
C ARG A 38 -21.79 0.29 -25.65
N ILE A 39 -22.40 -0.18 -24.57
CA ILE A 39 -21.70 -0.32 -23.31
C ILE A 39 -21.36 -1.78 -23.02
N PRO A 40 -20.10 -2.06 -22.65
CA PRO A 40 -19.67 -3.43 -22.34
C PRO A 40 -20.56 -4.08 -21.28
N ARG A 41 -21.02 -5.28 -21.59
CA ARG A 41 -21.91 -6.04 -20.72
C ARG A 41 -21.48 -6.23 -19.27
N GLY A 42 -20.22 -6.62 -19.08
CA GLY A 42 -19.70 -6.85 -17.73
C GLY A 42 -20.34 -6.00 -16.65
N ALA A 43 -20.08 -4.70 -16.69
CA ALA A 43 -20.62 -3.78 -15.70
C ALA A 43 -22.14 -3.64 -15.81
N LEU A 44 -22.63 -3.52 -17.04
CA LEU A 44 -24.06 -3.36 -17.28
C LEU A 44 -24.95 -4.34 -16.53
N LEU A 45 -24.67 -5.64 -16.67
CA LEU A 45 -25.49 -6.64 -15.98
C LEU A 45 -25.51 -6.41 -14.48
N SER A 46 -24.42 -5.87 -13.94
CA SER A 46 -24.34 -5.59 -12.51
C SER A 46 -24.97 -4.23 -12.25
N MET A 47 -24.31 -3.19 -12.74
CA MET A 47 -24.78 -1.82 -12.57
C MET A 47 -26.29 -1.73 -12.31
N ASP A 48 -26.64 -1.33 -11.09
CA ASP A 48 -28.04 -1.20 -10.70
C ASP A 48 -28.73 -0.08 -11.47
N ALA A 49 -29.96 0.20 -11.10
CA ALA A 49 -30.73 1.25 -11.75
C ALA A 49 -29.93 2.54 -11.67
N LEU A 50 -29.38 2.82 -10.48
CA LEU A 50 -28.58 4.01 -10.26
C LEU A 50 -27.35 3.95 -11.16
N ASP A 51 -26.65 2.82 -11.11
CA ASP A 51 -25.46 2.65 -11.91
C ASP A 51 -25.78 2.87 -13.38
N LEU A 52 -26.99 2.53 -13.77
CA LEU A 52 -27.42 2.71 -15.15
C LEU A 52 -27.66 4.18 -15.44
N THR A 53 -27.78 5.00 -14.40
CA THR A 53 -28.01 6.43 -14.59
C THR A 53 -26.67 7.15 -14.71
N ASP A 54 -25.82 6.99 -13.71
CA ASP A 54 -24.51 7.64 -13.71
C ASP A 54 -23.71 7.30 -14.96
N LYS A 55 -23.68 6.03 -15.32
CA LYS A 55 -22.93 5.60 -16.49
C LYS A 55 -23.65 5.96 -17.79
N LEU A 56 -24.95 5.73 -17.84
CA LEU A 56 -25.75 6.05 -19.02
C LEU A 56 -25.61 7.52 -19.36
N VAL A 57 -26.01 8.38 -18.43
CA VAL A 57 -25.95 9.83 -18.62
C VAL A 57 -24.60 10.32 -19.12
N SER A 58 -23.53 9.80 -18.55
CA SER A 58 -22.18 10.21 -18.95
C SER A 58 -21.86 9.60 -20.30
N PHE A 59 -22.18 8.32 -20.46
CA PHE A 59 -21.93 7.61 -21.71
C PHE A 59 -22.66 8.33 -22.84
N TYR A 60 -23.98 8.41 -22.73
CA TYR A 60 -24.79 9.07 -23.75
C TYR A 60 -25.04 10.54 -23.46
N LEU A 61 -25.40 11.28 -24.52
CA LEU A 61 -25.68 12.70 -24.41
C LEU A 61 -26.91 12.84 -23.51
N GLU A 62 -27.04 13.96 -22.80
CA GLU A 62 -28.20 14.14 -21.94
C GLU A 62 -29.43 14.45 -22.78
N THR A 63 -29.28 15.38 -23.72
CA THR A 63 -30.37 15.75 -24.62
C THR A 63 -30.76 14.50 -25.40
N TYR A 64 -29.74 13.83 -25.92
CA TYR A 64 -29.94 12.61 -26.70
C TYR A 64 -30.32 11.44 -25.80
N GLY A 65 -29.82 11.45 -24.57
CA GLY A 65 -30.13 10.39 -23.62
C GLY A 65 -31.61 10.33 -23.32
N ALA A 66 -32.23 11.50 -23.22
CA ALA A 66 -33.66 11.59 -22.94
C ALA A 66 -34.44 10.84 -24.01
N GLU A 67 -34.19 11.16 -25.26
CA GLU A 67 -34.86 10.50 -26.38
C GLU A 67 -34.63 9.00 -26.30
N LEU A 68 -33.37 8.60 -26.22
CA LEU A 68 -33.00 7.19 -26.14
C LEU A 68 -33.79 6.48 -25.05
N THR A 69 -34.04 7.20 -23.95
CA THR A 69 -34.81 6.65 -22.84
C THR A 69 -36.19 6.21 -23.29
N ALA A 70 -36.94 7.15 -23.83
CA ALA A 70 -38.30 6.90 -24.30
C ALA A 70 -38.42 5.64 -25.15
N ASN A 71 -37.56 5.52 -26.15
CA ASN A 71 -37.55 4.38 -27.05
C ASN A 71 -37.69 3.05 -26.32
N VAL A 72 -36.61 2.63 -25.69
CA VAL A 72 -36.55 1.36 -24.96
C VAL A 72 -37.76 1.16 -24.06
N LEU A 73 -38.15 2.19 -23.33
CA LEU A 73 -39.28 2.12 -22.42
C LEU A 73 -40.59 1.78 -23.12
N ARG A 74 -41.07 2.67 -23.97
CA ARG A 74 -42.34 2.43 -24.66
C ARG A 74 -42.33 1.16 -25.51
N ASP A 75 -41.14 0.66 -25.85
CA ASP A 75 -41.07 -0.55 -26.67
C ASP A 75 -41.10 -1.82 -25.82
N MET A 76 -40.59 -1.75 -24.59
CA MET A 76 -40.59 -2.90 -23.71
C MET A 76 -41.21 -2.57 -22.36
N GLY A 77 -40.73 -1.50 -21.74
CA GLY A 77 -41.27 -1.09 -20.45
C GLY A 77 -42.77 -0.99 -20.51
N LEU A 78 -43.26 -0.43 -21.62
CA LEU A 78 -44.69 -0.28 -21.86
C LEU A 78 -45.42 0.26 -20.63
N GLN A 79 -44.98 1.41 -20.14
CA GLN A 79 -45.59 2.01 -18.97
C GLN A 79 -46.08 3.43 -19.23
N GLU A 80 -47.14 3.84 -18.53
CA GLU A 80 -47.70 5.16 -18.68
C GLU A 80 -46.71 6.18 -18.14
N MET A 81 -45.80 5.71 -17.29
CA MET A 81 -44.78 6.54 -16.68
C MET A 81 -43.73 6.91 -17.72
N ALA A 82 -43.60 6.08 -18.76
CA ALA A 82 -42.65 6.33 -19.82
C ALA A 82 -42.85 7.77 -20.29
N GLY A 83 -44.12 8.13 -20.47
CA GLY A 83 -44.45 9.48 -20.90
C GLY A 83 -44.24 10.46 -19.77
N GLN A 84 -44.38 9.98 -18.54
CA GLN A 84 -44.19 10.80 -17.35
C GLN A 84 -42.82 11.49 -17.42
N LEU A 85 -41.81 10.74 -17.81
CA LEU A 85 -40.47 11.29 -17.91
C LEU A 85 -40.44 12.38 -18.97
N GLN A 86 -40.96 12.07 -20.15
CA GLN A 86 -40.99 13.04 -21.25
C GLN A 86 -41.58 14.36 -20.76
N ALA A 87 -42.55 14.26 -19.87
CA ALA A 87 -43.21 15.43 -19.30
C ALA A 87 -42.15 16.42 -18.80
N ALA A 88 -41.13 15.89 -18.13
CA ALA A 88 -40.06 16.72 -17.59
C ALA A 88 -38.80 16.70 -18.46
N THR A 89 -38.67 15.67 -19.30
CA THR A 89 -37.50 15.55 -20.17
C THR A 89 -37.26 16.83 -20.95
N HIS A 90 -38.22 17.18 -21.80
CA HIS A 90 -38.12 18.40 -22.60
C HIS A 90 -37.82 19.58 -21.69
N GLN A 91 -38.75 19.84 -20.77
CA GLN A 91 -38.66 20.92 -19.80
C GLN A 91 -40.04 21.18 -19.22
N MET B 1 -17.49 28.18 14.46
CA MET B 1 -18.11 27.17 15.36
C MET B 1 -18.03 25.76 14.78
N GLY B 2 -16.84 25.39 14.32
CA GLY B 2 -16.63 24.07 13.73
C GLY B 2 -17.59 22.99 14.18
N ARG B 3 -17.68 22.77 15.48
CA ARG B 3 -18.54 21.74 16.06
C ARG B 3 -19.78 21.38 15.25
N ALA B 4 -20.54 22.38 14.82
CA ALA B 4 -21.75 22.14 14.04
C ALA B 4 -21.48 21.11 12.94
N ARG B 5 -20.24 21.02 12.50
CA ARG B 5 -19.86 20.06 11.47
C ARG B 5 -20.21 18.65 11.92
N ASP B 6 -19.86 18.36 13.18
CA ASP B 6 -20.13 17.06 13.76
C ASP B 6 -21.59 16.69 13.60
N ALA B 7 -22.47 17.64 13.86
CA ALA B 7 -23.89 17.42 13.75
C ALA B 7 -24.22 16.86 12.37
N ILE B 8 -23.49 17.33 11.36
CA ILE B 8 -23.69 16.87 10.00
C ILE B 8 -23.24 15.41 9.88
N LEU B 9 -22.30 15.01 10.74
CA LEU B 9 -21.80 13.65 10.75
C LEU B 9 -22.97 12.73 11.08
N ASP B 10 -23.76 13.12 12.07
CA ASP B 10 -24.91 12.35 12.51
C ASP B 10 -26.01 12.30 11.46
N ALA B 11 -25.91 13.17 10.46
CA ALA B 11 -26.91 13.20 9.39
C ALA B 11 -26.87 11.87 8.66
N LEU B 12 -25.69 11.50 8.20
CA LEU B 12 -25.49 10.26 7.45
C LEU B 12 -25.63 9.01 8.32
N GLU B 13 -25.82 9.19 9.63
CA GLU B 13 -25.96 8.06 10.53
C GLU B 13 -27.35 7.45 10.57
N ASN B 14 -28.37 8.30 10.56
CA ASN B 14 -29.75 7.83 10.61
C ASN B 14 -30.20 7.21 9.29
N LEU B 15 -29.37 7.32 8.27
CA LEU B 15 -29.70 6.75 6.96
C LEU B 15 -29.07 5.37 6.79
N THR B 16 -29.68 4.56 5.93
CA THR B 16 -29.21 3.20 5.67
C THR B 16 -28.01 3.18 4.73
N ALA B 17 -27.38 2.01 4.61
CA ALA B 17 -26.22 1.86 3.74
C ALA B 17 -26.67 2.00 2.29
N GLU B 18 -27.85 1.46 1.99
CA GLU B 18 -28.41 1.52 0.64
C GLU B 18 -28.54 2.99 0.23
N GLU B 19 -29.19 3.76 1.10
CA GLU B 19 -29.41 5.19 0.90
C GLU B 19 -28.15 5.92 0.49
N LEU B 20 -27.05 5.65 1.20
CA LEU B 20 -25.76 6.30 0.94
C LEU B 20 -25.39 6.42 -0.53
N LYS B 21 -25.38 5.30 -1.25
CA LYS B 21 -25.04 5.33 -2.67
C LYS B 21 -25.87 6.38 -3.41
N LYS B 22 -27.15 6.45 -3.08
CA LYS B 22 -28.05 7.39 -3.71
C LYS B 22 -27.60 8.84 -3.48
N PHE B 23 -27.38 9.19 -2.22
CA PHE B 23 -26.96 10.54 -1.86
C PHE B 23 -25.83 11.03 -2.76
N LYS B 24 -24.85 10.15 -2.99
CA LYS B 24 -23.71 10.46 -3.84
C LYS B 24 -24.16 10.99 -5.20
N LEU B 25 -24.82 10.13 -5.97
CA LEU B 25 -25.31 10.48 -7.30
C LEU B 25 -26.03 11.82 -7.38
N LYS B 26 -27.00 12.02 -6.49
CA LYS B 26 -27.79 13.25 -6.50
C LYS B 26 -27.07 14.49 -5.98
N LEU B 27 -25.82 14.33 -5.52
CA LEU B 27 -25.05 15.44 -5.01
C LEU B 27 -24.59 16.35 -6.14
N LEU B 28 -23.97 15.76 -7.16
CA LEU B 28 -23.48 16.49 -8.31
C LEU B 28 -24.56 17.35 -8.98
N SER B 29 -25.75 16.79 -9.10
CA SER B 29 -26.89 17.44 -9.74
C SER B 29 -27.44 18.73 -9.12
N VAL B 30 -27.36 18.85 -7.80
CA VAL B 30 -27.90 20.03 -7.11
C VAL B 30 -27.38 21.39 -7.55
N PRO B 31 -28.29 22.38 -7.64
CA PRO B 31 -27.94 23.75 -8.04
C PRO B 31 -26.97 24.36 -7.03
N LEU B 32 -25.85 24.88 -7.51
CA LEU B 32 -24.84 25.47 -6.64
C LEU B 32 -24.83 26.99 -6.66
N ARG B 33 -24.07 27.57 -5.73
CA ARG B 33 -23.97 29.03 -5.61
C ARG B 33 -22.70 29.54 -6.28
N GLU B 34 -22.68 30.85 -6.54
CA GLU B 34 -21.54 31.50 -7.16
C GLU B 34 -20.35 31.51 -6.20
N GLY B 35 -19.15 31.59 -6.76
CA GLY B 35 -17.95 31.60 -5.93
C GLY B 35 -17.74 30.25 -5.29
N TYR B 36 -18.26 29.20 -5.95
CA TYR B 36 -18.16 27.83 -5.46
C TYR B 36 -18.20 26.87 -6.64
N GLY B 37 -17.81 25.62 -6.41
CA GLY B 37 -17.82 24.63 -7.47
C GLY B 37 -18.23 23.24 -7.02
N ARG B 38 -18.01 22.26 -7.89
CA ARG B 38 -18.34 20.88 -7.57
C ARG B 38 -17.10 20.10 -7.17
N ILE B 39 -17.30 18.91 -6.62
CA ILE B 39 -16.17 18.07 -6.19
C ILE B 39 -15.95 16.93 -7.19
N PRO B 40 -14.68 16.71 -7.59
CA PRO B 40 -14.38 15.63 -8.53
C PRO B 40 -14.89 14.28 -8.06
N ARG B 41 -15.56 13.57 -8.97
CA ARG B 41 -16.17 12.27 -8.68
C ARG B 41 -15.25 11.19 -8.13
N GLY B 42 -14.02 11.14 -8.63
CA GLY B 42 -13.07 10.14 -8.18
C GLY B 42 -13.19 9.83 -6.71
N ALA B 43 -12.65 10.72 -5.88
CA ALA B 43 -12.70 10.56 -4.43
C ALA B 43 -14.13 10.47 -3.90
N LEU B 44 -14.99 11.34 -4.40
CA LEU B 44 -16.38 11.36 -3.96
C LEU B 44 -17.07 10.00 -3.93
N LEU B 45 -17.05 9.27 -5.05
CA LEU B 45 -17.68 7.97 -5.09
C LEU B 45 -17.11 7.04 -4.01
N SER B 46 -15.83 7.23 -3.70
CA SER B 46 -15.17 6.43 -2.67
C SER B 46 -15.52 7.00 -1.30
N MET B 47 -14.99 8.19 -1.03
CA MET B 47 -15.21 8.88 0.24
C MET B 47 -16.47 8.39 0.95
N ASP B 48 -16.29 7.85 2.16
CA ASP B 48 -17.40 7.33 2.95
C ASP B 48 -18.24 8.47 3.54
N ALA B 49 -19.15 8.10 4.42
CA ALA B 49 -20.02 9.07 5.07
C ALA B 49 -19.16 10.10 5.79
N LEU B 50 -18.06 9.63 6.37
CA LEU B 50 -17.15 10.50 7.10
C LEU B 50 -16.30 11.30 6.12
N ASP B 51 -15.80 10.63 5.09
CA ASP B 51 -14.98 11.31 4.10
C ASP B 51 -15.78 12.44 3.48
N LEU B 52 -17.08 12.25 3.37
CA LEU B 52 -17.96 13.27 2.82
C LEU B 52 -17.95 14.46 3.75
N THR B 53 -17.98 14.21 5.06
CA THR B 53 -17.99 15.28 6.04
C THR B 53 -16.71 16.12 6.03
N ASP B 54 -15.57 15.47 6.24
CA ASP B 54 -14.29 16.18 6.26
C ASP B 54 -14.05 17.01 5.01
N LYS B 55 -14.33 16.42 3.85
CA LYS B 55 -14.12 17.12 2.59
C LYS B 55 -15.26 18.10 2.29
N LEU B 56 -16.49 17.71 2.61
CA LEU B 56 -17.65 18.56 2.39
C LEU B 56 -17.46 19.86 3.16
N VAL B 57 -17.33 19.74 4.47
CA VAL B 57 -17.16 20.89 5.36
C VAL B 57 -16.06 21.86 4.91
N SER B 58 -14.92 21.31 4.50
CA SER B 58 -13.81 22.14 4.07
C SER B 58 -14.10 22.74 2.70
N PHE B 59 -14.68 21.93 1.82
CA PHE B 59 -15.02 22.36 0.47
C PHE B 59 -16.14 23.40 0.48
N TYR B 60 -17.14 23.19 1.32
CA TYR B 60 -18.27 24.12 1.42
C TYR B 60 -18.28 24.88 2.73
N LEU B 61 -18.69 26.14 2.65
CA LEU B 61 -18.78 27.00 3.82
C LEU B 61 -19.58 26.26 4.88
N GLU B 62 -19.24 26.42 6.15
CA GLU B 62 -19.97 25.71 7.19
C GLU B 62 -21.39 26.24 7.33
N THR B 63 -21.53 27.56 7.39
CA THR B 63 -22.84 28.18 7.50
C THR B 63 -23.63 27.80 6.25
N TYR B 64 -22.97 27.93 5.10
CA TYR B 64 -23.58 27.61 3.82
C TYR B 64 -23.69 26.11 3.64
N GLY B 65 -22.82 25.36 4.32
CA GLY B 65 -22.85 23.91 4.22
C GLY B 65 -24.09 23.33 4.85
N ALA B 66 -24.51 23.92 5.97
CA ALA B 66 -25.70 23.47 6.68
C ALA B 66 -26.89 23.55 5.75
N GLU B 67 -27.07 24.71 5.13
CA GLU B 67 -28.18 24.94 4.21
C GLU B 67 -28.15 23.91 3.09
N LEU B 68 -27.01 23.85 2.40
CA LEU B 68 -26.82 22.92 1.30
C LEU B 68 -27.21 21.51 1.73
N THR B 69 -26.90 21.18 2.98
CA THR B 69 -27.24 19.88 3.53
C THR B 69 -28.74 19.62 3.46
N ALA B 70 -29.50 20.58 3.96
CA ALA B 70 -30.96 20.49 3.98
C ALA B 70 -31.56 20.16 2.62
N ASN B 71 -31.19 20.94 1.61
CA ASN B 71 -31.69 20.76 0.26
C ASN B 71 -31.68 19.30 -0.19
N VAL B 72 -30.49 18.76 -0.43
CA VAL B 72 -30.32 17.38 -0.88
C VAL B 72 -31.14 16.39 -0.06
N LEU B 73 -31.04 16.49 1.25
CA LEU B 73 -31.77 15.60 2.15
C LEU B 73 -33.27 15.59 1.95
N ARG B 74 -33.92 16.74 2.09
CA ARG B 74 -35.36 16.81 1.93
C ARG B 74 -35.82 16.52 0.51
N ASP B 75 -34.90 16.63 -0.46
CA ASP B 75 -35.26 16.38 -1.85
C ASP B 75 -35.10 14.91 -2.24
N MET B 76 -34.13 14.22 -1.65
CA MET B 76 -33.92 12.80 -1.93
C MET B 76 -33.97 11.96 -0.66
N GLY B 77 -33.21 12.39 0.36
CA GLY B 77 -33.20 11.66 1.61
C GLY B 77 -34.63 11.49 2.08
N LEU B 78 -35.37 12.59 2.06
CA LEU B 78 -36.78 12.58 2.44
C LEU B 78 -36.98 11.92 3.80
N GLN B 79 -36.22 12.37 4.79
CA GLN B 79 -36.30 11.82 6.13
C GLN B 79 -36.65 12.89 7.15
N GLU B 80 -37.36 12.50 8.20
CA GLU B 80 -37.75 13.43 9.25
C GLU B 80 -36.51 13.87 10.00
N MET B 81 -35.46 13.07 9.92
CA MET B 81 -34.20 13.38 10.58
C MET B 81 -33.54 14.56 9.89
N ALA B 82 -33.92 14.78 8.64
CA ALA B 82 -33.37 15.90 7.87
C ALA B 82 -33.54 17.16 8.70
N GLY B 83 -34.76 17.42 9.13
CA GLY B 83 -35.04 18.59 9.95
C GLY B 83 -34.32 18.51 11.28
N GLN B 84 -34.07 17.29 11.75
CA GLN B 84 -33.38 17.08 13.01
C GLN B 84 -32.08 17.86 13.03
N LEU B 85 -31.35 17.82 11.91
CA LEU B 85 -30.08 18.53 11.82
C LEU B 85 -30.33 20.03 11.93
N GLN B 86 -31.25 20.55 11.12
CA GLN B 86 -31.57 21.97 11.13
C GLN B 86 -31.76 22.52 12.54
N ALA B 87 -32.54 21.81 13.35
CA ALA B 87 -32.81 22.23 14.71
C ALA B 87 -31.51 22.53 15.45
N ALA B 88 -30.45 21.82 15.09
CA ALA B 88 -29.14 22.00 15.71
C ALA B 88 -28.20 22.79 14.81
N THR B 89 -28.49 22.83 13.51
CA THR B 89 -27.67 23.54 12.55
C THR B 89 -27.58 25.03 12.91
N HIS B 90 -28.74 25.66 12.99
CA HIS B 90 -28.82 27.08 13.32
C HIS B 90 -28.11 27.40 14.63
N GLN B 91 -28.32 26.53 15.62
CA GLN B 91 -27.72 26.63 16.97
C GLN B 91 -28.77 26.30 18.02
N MET C 1 5.06 12.05 35.40
CA MET C 1 4.94 10.57 35.50
C MET C 1 4.53 9.95 34.16
N GLY C 2 5.34 10.23 33.13
CA GLY C 2 5.07 9.71 31.80
C GLY C 2 4.17 8.50 31.72
N ARG C 3 4.63 7.38 32.29
CA ARG C 3 3.90 6.12 32.30
C ARG C 3 2.41 6.19 31.97
N ALA C 4 1.65 6.95 32.77
CA ALA C 4 0.22 7.10 32.55
C ALA C 4 -0.08 7.32 31.07
N ARG C 5 0.92 7.83 30.35
CA ARG C 5 0.79 8.09 28.92
C ARG C 5 0.49 6.76 28.23
N ASP C 6 1.24 5.74 28.61
CA ASP C 6 1.09 4.39 28.07
C ASP C 6 -0.33 3.89 28.25
N ALA C 7 -0.88 4.12 29.44
CA ALA C 7 -2.23 3.69 29.74
C ALA C 7 -3.18 4.17 28.65
N ILE C 8 -2.85 5.32 28.06
CA ILE C 8 -3.67 5.90 27.01
C ILE C 8 -3.54 5.03 25.76
N LEU C 9 -2.35 4.46 25.56
CA LEU C 9 -2.10 3.59 24.42
C LEU C 9 -3.17 2.51 24.38
N ASP C 10 -3.54 2.03 25.57
CA ASP C 10 -4.55 1.00 25.70
C ASP C 10 -5.96 1.50 25.40
N ALA C 11 -6.12 2.82 25.34
CA ALA C 11 -7.41 3.40 25.04
C ALA C 11 -7.78 3.10 23.59
N LEU C 12 -6.80 3.26 22.71
CA LEU C 12 -6.99 3.01 21.28
C LEU C 12 -6.91 1.53 20.95
N GLU C 13 -6.65 0.70 21.96
CA GLU C 13 -6.53 -0.74 21.76
C GLU C 13 -7.87 -1.46 21.77
N ASN C 14 -8.72 -1.13 22.75
CA ASN C 14 -10.03 -1.76 22.88
C ASN C 14 -10.98 -1.36 21.76
N LEU C 15 -10.60 -0.33 20.99
CA LEU C 15 -11.44 0.14 19.90
C LEU C 15 -11.08 -0.57 18.60
N THR C 16 -12.05 -0.68 17.70
CA THR C 16 -11.83 -1.34 16.41
C THR C 16 -11.14 -0.42 15.42
N ALA C 17 -10.70 -0.99 14.30
CA ALA C 17 -10.02 -0.21 13.27
C ALA C 17 -11.00 0.78 12.64
N GLU C 18 -12.26 0.38 12.53
CA GLU C 18 -13.30 1.22 11.96
C GLU C 18 -13.40 2.50 12.80
N GLU C 19 -13.55 2.32 14.11
CA GLU C 19 -13.66 3.43 15.05
C GLU C 19 -12.56 4.46 14.83
N LEU C 20 -11.32 4.00 14.88
CA LEU C 20 -10.15 4.85 14.74
C LEU C 20 -10.31 6.04 13.79
N LYS C 21 -10.66 5.77 12.53
CA LYS C 21 -10.83 6.85 11.56
C LYS C 21 -11.75 7.93 12.10
N LYS C 22 -12.88 7.51 12.66
CA LYS C 22 -13.87 8.43 13.22
C LYS C 22 -13.23 9.36 14.26
N PHE C 23 -12.56 8.76 15.24
CA PHE C 23 -11.91 9.52 16.30
C PHE C 23 -11.12 10.69 15.72
N LYS C 24 -10.40 10.42 14.64
CA LYS C 24 -9.60 11.44 13.97
C LYS C 24 -10.42 12.69 13.65
N LEU C 25 -11.53 12.50 12.94
CA LEU C 25 -12.39 13.62 12.56
C LEU C 25 -12.85 14.48 13.73
N LYS C 26 -13.38 13.83 14.76
CA LYS C 26 -13.88 14.55 15.93
C LYS C 26 -12.81 15.34 16.68
N LEU C 27 -11.61 14.79 16.77
CA LEU C 27 -10.51 15.44 17.47
C LEU C 27 -10.42 16.94 17.21
N LEU C 28 -10.48 17.32 15.94
CA LEU C 28 -10.41 18.72 15.55
C LEU C 28 -11.52 19.60 16.13
N SER C 29 -12.73 19.04 16.21
CA SER C 29 -13.90 19.78 16.68
C SER C 29 -14.07 20.02 18.19
N VAL C 30 -13.39 19.26 19.03
CA VAL C 30 -13.54 19.40 20.47
C VAL C 30 -13.15 20.77 21.05
N PRO C 31 -13.93 21.26 22.03
CA PRO C 31 -13.64 22.55 22.65
C PRO C 31 -12.28 22.43 23.34
N LEU C 32 -11.41 23.41 23.13
CA LEU C 32 -10.08 23.36 23.74
C LEU C 32 -9.89 24.38 24.85
N ARG C 33 -8.71 24.33 25.46
CA ARG C 33 -8.35 25.26 26.53
C ARG C 33 -7.40 26.30 25.99
N GLU C 34 -7.52 27.53 26.47
CA GLU C 34 -6.65 28.61 26.05
C GLU C 34 -5.21 28.23 26.37
N GLY C 35 -4.26 28.91 25.74
CA GLY C 35 -2.87 28.60 25.98
C GLY C 35 -2.51 27.24 25.40
N TYR C 36 -3.25 26.86 24.35
CA TYR C 36 -3.05 25.60 23.66
C TYR C 36 -3.56 25.74 22.23
N GLY C 37 -3.40 24.70 21.43
CA GLY C 37 -3.87 24.77 20.06
C GLY C 37 -4.27 23.43 19.50
N ARG C 38 -4.36 23.36 18.17
CA ARG C 38 -4.72 22.12 17.49
C ARG C 38 -3.51 21.60 16.74
N ILE C 39 -3.62 20.38 16.24
CA ILE C 39 -2.53 19.74 15.51
C ILE C 39 -2.80 19.73 14.01
N PRO C 40 -1.80 20.10 13.20
CA PRO C 40 -1.98 20.11 11.74
C PRO C 40 -2.47 18.76 11.22
N ARG C 41 -3.52 18.81 10.41
CA ARG C 41 -4.16 17.62 9.84
C ARG C 41 -3.25 16.65 9.10
N GLY C 42 -2.37 17.18 8.27
CA GLY C 42 -1.47 16.33 7.50
C GLY C 42 -1.12 15.04 8.21
N ALA C 43 -0.25 15.13 9.20
CA ALA C 43 0.18 13.96 9.96
C ALA C 43 -0.99 13.33 10.69
N LEU C 44 -1.88 14.15 11.24
CA LEU C 44 -3.03 13.68 11.99
C LEU C 44 -3.95 12.70 11.27
N LEU C 45 -3.84 12.61 9.96
CA LEU C 45 -4.70 11.67 9.23
C LEU C 45 -3.92 10.40 8.94
N SER C 46 -2.60 10.47 9.04
CA SER C 46 -1.73 9.33 8.82
C SER C 46 -1.40 8.72 10.18
N MET C 47 -0.81 9.55 11.04
CA MET C 47 -0.42 9.13 12.39
C MET C 47 -1.36 8.05 12.91
N ASP C 48 -0.81 6.86 13.17
CA ASP C 48 -1.60 5.75 13.69
C ASP C 48 -2.02 6.00 15.14
N ALA C 49 -2.63 4.99 15.74
CA ALA C 49 -3.07 5.08 17.12
C ALA C 49 -1.87 5.41 17.99
N LEU C 50 -0.72 4.83 17.64
CA LEU C 50 0.51 5.06 18.37
C LEU C 50 0.99 6.48 18.12
N ASP C 51 1.07 6.86 16.85
CA ASP C 51 1.51 8.19 16.48
C ASP C 51 0.68 9.22 17.23
N LEU C 52 -0.60 8.91 17.43
CA LEU C 52 -1.49 9.80 18.15
C LEU C 52 -0.95 9.98 19.56
N THR C 53 -0.57 8.89 20.21
CA THR C 53 -0.05 8.94 21.57
C THR C 53 1.20 9.81 21.71
N ASP C 54 2.28 9.41 21.02
CA ASP C 54 3.53 10.15 21.08
C ASP C 54 3.38 11.64 20.82
N LYS C 55 2.63 12.00 19.77
CA LYS C 55 2.43 13.39 19.43
C LYS C 55 1.40 14.06 20.33
N LEU C 56 0.35 13.31 20.68
CA LEU C 56 -0.71 13.81 21.55
C LEU C 56 -0.12 14.17 22.90
N VAL C 57 0.48 13.19 23.55
CA VAL C 57 1.09 13.35 24.87
C VAL C 57 2.05 14.53 24.95
N SER C 58 2.86 14.71 23.92
CA SER C 58 3.83 15.81 23.89
C SER C 58 3.11 17.13 23.61
N PHE C 59 2.23 17.11 22.63
CA PHE C 59 1.47 18.28 22.24
C PHE C 59 0.56 18.75 23.38
N TYR C 60 -0.04 17.80 24.09
CA TYR C 60 -0.93 18.13 25.19
C TYR C 60 -0.36 17.71 26.54
N LEU C 61 -0.69 18.48 27.57
CA LEU C 61 -0.23 18.20 28.93
C LEU C 61 -0.63 16.76 29.27
N GLU C 62 0.15 16.10 30.12
CA GLU C 62 -0.19 14.72 30.50
C GLU C 62 -1.41 14.70 31.42
N THR C 63 -1.35 15.49 32.49
CA THR C 63 -2.47 15.58 33.42
C THR C 63 -3.68 16.05 32.64
N TYR C 64 -3.47 17.09 31.83
CA TYR C 64 -4.51 17.68 31.01
C TYR C 64 -4.89 16.76 29.85
N GLY C 65 -3.94 15.95 29.41
CA GLY C 65 -4.20 15.03 28.31
C GLY C 65 -5.19 13.98 28.73
N ALA C 66 -5.08 13.52 29.97
CA ALA C 66 -5.98 12.51 30.51
C ALA C 66 -7.43 12.97 30.41
N GLU C 67 -7.72 14.12 31.00
CA GLU C 67 -9.06 14.68 30.97
C GLU C 67 -9.55 14.79 29.53
N LEU C 68 -8.77 15.48 28.70
CA LEU C 68 -9.11 15.67 27.30
C LEU C 68 -9.49 14.34 26.66
N THR C 69 -8.71 13.31 26.97
CA THR C 69 -8.95 11.96 26.46
C THR C 69 -10.40 11.54 26.68
N ALA C 70 -10.79 11.48 27.95
CA ALA C 70 -12.15 11.09 28.35
C ALA C 70 -13.23 11.77 27.51
N ASN C 71 -13.08 13.08 27.33
CA ASN C 71 -14.04 13.86 26.56
C ASN C 71 -14.42 13.22 25.23
N VAL C 72 -13.48 13.25 24.29
CA VAL C 72 -13.69 12.69 22.97
C VAL C 72 -14.30 11.30 22.99
N LEU C 73 -13.76 10.45 23.86
CA LEU C 73 -14.23 9.08 23.99
C LEU C 73 -15.71 8.97 24.35
N ARG C 74 -16.08 9.44 25.54
CA ARG C 74 -17.47 9.35 25.97
C ARG C 74 -18.43 10.08 25.04
N ASP C 75 -17.91 10.98 24.22
CA ASP C 75 -18.76 11.74 23.30
C ASP C 75 -18.99 10.97 22.00
N MET C 76 -17.93 10.35 21.46
CA MET C 76 -18.05 9.60 20.22
C MET C 76 -17.70 8.12 20.41
N GLY C 77 -16.56 7.86 21.04
CA GLY C 77 -16.14 6.49 21.28
C GLY C 77 -17.28 5.74 21.93
N LEU C 78 -17.88 6.38 22.94
CA LEU C 78 -19.02 5.82 23.65
C LEU C 78 -18.79 4.37 24.06
N GLN C 79 -17.72 4.15 24.84
CA GLN C 79 -17.39 2.81 25.30
C GLN C 79 -17.20 2.75 26.81
N GLU C 80 -17.48 1.59 27.38
CA GLU C 80 -17.33 1.38 28.81
C GLU C 80 -15.84 1.41 29.17
N MET C 81 -15.01 1.17 28.18
CA MET C 81 -13.57 1.18 28.37
C MET C 81 -13.10 2.61 28.62
N ALA C 82 -13.84 3.57 28.07
CA ALA C 82 -13.51 4.98 28.24
C ALA C 82 -13.27 5.24 29.72
N GLY C 83 -14.18 4.75 30.56
CA GLY C 83 -14.05 4.93 31.98
C GLY C 83 -12.87 4.15 32.53
N GLN C 84 -12.57 3.02 31.89
CA GLN C 84 -11.45 2.18 32.30
C GLN C 84 -10.18 3.00 32.44
N LEU C 85 -9.92 3.84 31.44
CA LEU C 85 -8.73 4.68 31.48
C LEU C 85 -8.79 5.59 32.70
N GLN C 86 -9.85 6.38 32.81
CA GLN C 86 -10.02 7.29 33.93
C GLN C 86 -9.61 6.68 35.26
N ALA C 87 -10.25 5.57 35.61
CA ALA C 87 -9.97 4.89 36.87
C ALA C 87 -8.47 4.80 37.13
N ALA C 88 -7.70 4.61 36.06
CA ALA C 88 -6.26 4.51 36.17
C ALA C 88 -5.56 5.83 35.82
N THR C 89 -6.24 6.68 35.05
CA THR C 89 -5.67 7.96 34.66
C THR C 89 -5.24 8.75 35.88
N HIS C 90 -6.16 8.91 36.82
CA HIS C 90 -5.88 9.64 38.06
C HIS C 90 -4.69 8.97 38.75
N GLN C 91 -4.84 7.69 39.04
CA GLN C 91 -3.82 6.87 39.69
C GLN C 91 -4.47 5.62 40.29
N MET D 1 32.42 -9.60 28.83
CA MET D 1 31.76 -10.64 27.99
C MET D 1 30.74 -10.02 27.05
N GLY D 2 31.19 -9.05 26.27
CA GLY D 2 30.31 -8.37 25.34
C GLY D 2 29.56 -9.26 24.37
N ARG D 3 29.85 -10.56 24.40
CA ARG D 3 29.18 -11.50 23.51
C ARG D 3 27.68 -11.60 23.79
N ALA D 4 27.33 -11.75 25.05
CA ALA D 4 25.93 -11.86 25.46
C ALA D 4 25.12 -10.70 24.89
N ARG D 5 25.82 -9.71 24.33
CA ARG D 5 25.16 -8.54 23.73
C ARG D 5 24.44 -8.99 22.47
N ASP D 6 25.14 -9.78 21.66
CA ASP D 6 24.60 -10.28 20.41
C ASP D 6 23.32 -11.05 20.63
N ALA D 7 23.28 -11.82 21.71
CA ALA D 7 22.10 -12.61 22.04
C ALA D 7 20.90 -11.68 22.16
N ILE D 8 21.18 -10.40 22.41
CA ILE D 8 20.12 -9.41 22.54
C ILE D 8 19.72 -8.90 21.16
N LEU D 9 20.52 -9.25 20.15
CA LEU D 9 20.25 -8.87 18.78
C LEU D 9 19.11 -9.75 18.28
N ASP D 10 19.11 -10.99 18.75
CA ASP D 10 18.10 -11.96 18.37
C ASP D 10 16.80 -11.71 19.10
N ALA D 11 16.82 -10.74 20.01
CA ALA D 11 15.64 -10.38 20.77
C ALA D 11 14.65 -9.69 19.83
N LEU D 12 15.18 -8.82 18.98
CA LEU D 12 14.37 -8.07 18.03
C LEU D 12 14.11 -8.85 16.74
N GLU D 13 14.73 -10.02 16.63
CA GLU D 13 14.57 -10.85 15.44
C GLU D 13 13.26 -11.63 15.41
N ASN D 14 12.92 -12.24 16.53
CA ASN D 14 11.70 -13.03 16.63
C ASN D 14 10.44 -12.17 16.52
N LEU D 15 10.60 -10.86 16.69
CA LEU D 15 9.46 -9.95 16.62
C LEU D 15 9.25 -9.40 15.21
N THR D 16 7.99 -9.09 14.89
CA THR D 16 7.62 -8.57 13.58
C THR D 16 8.02 -7.11 13.40
N ALA D 17 7.94 -6.63 12.16
CA ALA D 17 8.28 -5.25 11.85
C ALA D 17 7.28 -4.30 12.50
N GLU D 18 6.02 -4.71 12.53
CA GLU D 18 4.96 -3.92 13.13
C GLU D 18 5.27 -3.70 14.61
N GLU D 19 5.63 -4.79 15.28
CA GLU D 19 5.96 -4.75 16.70
C GLU D 19 7.06 -3.75 17.02
N LEU D 20 8.11 -3.76 16.20
CA LEU D 20 9.25 -2.87 16.39
C LEU D 20 8.88 -1.43 16.74
N LYS D 21 7.99 -0.84 15.95
CA LYS D 21 7.57 0.55 16.20
C LYS D 21 7.07 0.72 17.63
N LYS D 22 6.25 -0.23 18.08
CA LYS D 22 5.69 -0.19 19.42
C LYS D 22 6.76 -0.18 20.51
N PHE D 23 7.77 -1.03 20.36
CA PHE D 23 8.85 -1.12 21.33
C PHE D 23 9.46 0.24 21.61
N LYS D 24 9.62 1.03 20.56
CA LYS D 24 10.20 2.37 20.67
C LYS D 24 9.43 3.24 21.66
N LEU D 25 8.17 3.50 21.37
CA LEU D 25 7.32 4.33 22.23
C LEU D 25 7.37 3.95 23.70
N LYS D 26 7.42 2.65 23.98
CA LYS D 26 7.43 2.18 25.35
C LYS D 26 8.79 2.20 26.03
N LEU D 27 9.84 2.46 25.27
CA LEU D 27 11.20 2.49 25.82
C LEU D 27 11.37 3.67 26.78
N LEU D 28 10.92 4.84 26.36
CA LEU D 28 11.00 6.06 27.15
C LEU D 28 10.29 5.93 28.50
N SER D 29 9.06 5.45 28.45
CA SER D 29 8.21 5.28 29.62
C SER D 29 8.71 4.41 30.78
N VAL D 30 9.46 3.37 30.49
CA VAL D 30 9.95 2.45 31.51
C VAL D 30 10.77 3.06 32.65
N PRO D 31 10.52 2.60 33.89
CA PRO D 31 11.22 3.07 35.09
C PRO D 31 12.71 2.73 35.00
N LEU D 32 13.56 3.73 35.19
CA LEU D 32 15.00 3.53 35.11
C LEU D 32 15.65 3.50 36.49
N ARG D 33 16.94 3.15 36.50
CA ARG D 33 17.70 3.12 37.75
C ARG D 33 18.49 4.41 37.85
N GLU D 34 18.86 4.78 39.08
CA GLU D 34 19.64 5.99 39.31
C GLU D 34 21.01 5.85 38.68
N GLY D 35 21.69 6.97 38.48
CA GLY D 35 23.01 6.93 37.88
C GLY D 35 22.94 6.57 36.41
N TYR D 36 21.78 6.83 35.81
CA TYR D 36 21.55 6.54 34.39
C TYR D 36 20.51 7.50 33.86
N GLY D 37 20.37 7.56 32.54
CA GLY D 37 19.40 8.46 31.95
C GLY D 37 18.61 7.85 30.82
N ARG D 38 18.00 8.70 30.01
CA ARG D 38 17.22 8.25 28.86
C ARG D 38 17.97 8.62 27.58
N ILE D 39 17.55 8.05 26.46
CA ILE D 39 18.19 8.33 25.19
C ILE D 39 17.38 9.32 24.37
N PRO D 40 18.04 10.36 23.83
CA PRO D 40 17.34 11.36 23.03
C PRO D 40 16.59 10.73 21.85
N ARG D 41 15.32 11.08 21.72
CA ARG D 41 14.42 10.56 20.69
C ARG D 41 14.90 10.66 19.25
N GLY D 42 15.45 11.82 18.88
CA GLY D 42 15.92 12.04 17.52
C GLY D 42 16.40 10.79 16.80
N ALA D 43 17.48 10.20 17.29
CA ALA D 43 18.05 9.00 16.69
C ALA D 43 17.24 7.75 16.99
N LEU D 44 16.70 7.68 18.21
CA LEU D 44 15.91 6.52 18.62
C LEU D 44 14.80 6.10 17.68
N LEU D 45 13.95 7.03 17.26
CA LEU D 45 12.87 6.68 16.34
C LEU D 45 13.42 6.12 15.04
N SER D 46 14.63 6.56 14.67
CA SER D 46 15.27 6.08 13.46
C SER D 46 15.95 4.76 13.79
N MET D 47 17.03 4.83 14.56
CA MET D 47 17.80 3.67 14.97
C MET D 47 17.02 2.37 14.84
N ASP D 48 17.43 1.53 13.89
CA ASP D 48 16.78 0.25 13.65
C ASP D 48 16.97 -0.71 14.82
N ALA D 49 16.53 -1.95 14.62
CA ALA D 49 16.66 -2.98 15.64
C ALA D 49 18.12 -3.11 16.05
N LEU D 50 19.02 -2.96 15.08
CA LEU D 50 20.45 -3.07 15.33
C LEU D 50 20.96 -1.81 16.00
N ASP D 51 20.51 -0.66 15.53
CA ASP D 51 20.95 0.60 16.10
C ASP D 51 20.54 0.63 17.57
N LEU D 52 19.47 -0.09 17.89
CA LEU D 52 18.97 -0.17 19.26
C LEU D 52 19.81 -1.17 20.04
N THR D 53 20.85 -1.71 19.41
CA THR D 53 21.71 -2.67 20.09
C THR D 53 23.06 -2.04 20.38
N ASP D 54 23.68 -1.44 19.36
CA ASP D 54 24.97 -0.80 19.52
C ASP D 54 24.90 0.35 20.50
N LYS D 55 23.88 1.20 20.35
CA LYS D 55 23.70 2.35 21.21
C LYS D 55 23.16 1.92 22.57
N LEU D 56 22.24 0.95 22.56
CA LEU D 56 21.63 0.42 23.77
C LEU D 56 22.70 -0.17 24.68
N VAL D 57 23.41 -1.17 24.15
CA VAL D 57 24.45 -1.86 24.89
C VAL D 57 25.49 -0.90 25.48
N SER D 58 25.82 0.14 24.73
CA SER D 58 26.81 1.11 25.19
C SER D 58 26.18 2.03 26.24
N PHE D 59 25.00 2.56 25.91
CA PHE D 59 24.28 3.45 26.81
C PHE D 59 23.97 2.76 28.14
N TYR D 60 23.58 1.49 28.07
CA TYR D 60 23.25 0.73 29.27
C TYR D 60 24.25 -0.39 29.51
N LEU D 61 24.58 -0.63 30.78
CA LEU D 61 25.49 -1.70 31.15
C LEU D 61 25.00 -2.98 30.52
N GLU D 62 25.91 -3.90 30.20
CA GLU D 62 25.52 -5.16 29.58
C GLU D 62 24.79 -6.04 30.59
N THR D 63 25.36 -6.18 31.78
CA THR D 63 24.74 -6.96 32.84
C THR D 63 23.40 -6.34 33.15
N TYR D 64 23.40 -5.02 33.25
CA TYR D 64 22.20 -4.26 33.54
C TYR D 64 21.26 -4.20 32.33
N GLY D 65 21.84 -4.26 31.14
CA GLY D 65 21.04 -4.21 29.93
C GLY D 65 20.16 -5.43 29.82
N ALA D 66 20.72 -6.59 30.15
CA ALA D 66 19.99 -7.84 30.08
C ALA D 66 18.69 -7.77 30.89
N GLU D 67 18.80 -7.32 32.14
CA GLU D 67 17.64 -7.20 33.00
C GLU D 67 16.65 -6.20 32.42
N LEU D 68 17.15 -5.03 32.04
CA LEU D 68 16.30 -3.98 31.48
C LEU D 68 15.56 -4.49 30.24
N THR D 69 16.22 -5.37 29.49
CA THR D 69 15.63 -5.94 28.28
C THR D 69 14.35 -6.71 28.64
N ALA D 70 14.47 -7.64 29.58
CA ALA D 70 13.36 -8.46 30.01
C ALA D 70 12.10 -7.64 30.32
N ASN D 71 12.27 -6.62 31.14
CA ASN D 71 11.17 -5.74 31.53
C ASN D 71 10.27 -5.35 30.35
N VAL D 72 10.78 -4.45 29.53
CA VAL D 72 10.07 -3.95 28.36
C VAL D 72 9.37 -5.05 27.57
N LEU D 73 10.10 -6.12 27.28
CA LEU D 73 9.56 -7.23 26.52
C LEU D 73 8.32 -7.86 27.16
N ARG D 74 8.49 -8.51 28.31
CA ARG D 74 7.38 -9.15 28.98
C ARG D 74 6.23 -8.19 29.30
N ASP D 75 6.49 -6.89 29.22
CA ASP D 75 5.45 -5.90 29.52
C ASP D 75 4.65 -5.53 28.27
N MET D 76 5.32 -5.44 27.13
CA MET D 76 4.64 -5.10 25.88
C MET D 76 4.89 -6.18 24.82
N GLY D 77 6.15 -6.55 24.65
CA GLY D 77 6.50 -7.57 23.68
C GLY D 77 5.63 -8.79 23.91
N LEU D 78 5.49 -9.14 25.19
CA LEU D 78 4.67 -10.26 25.60
C LEU D 78 4.89 -11.51 24.75
N GLN D 79 6.15 -11.91 24.61
CA GLN D 79 6.50 -13.08 23.82
C GLN D 79 7.23 -14.13 24.65
N GLU D 80 7.05 -15.39 24.27
CA GLU D 80 7.70 -16.49 24.97
C GLU D 80 9.20 -16.44 24.69
N MET D 81 9.56 -15.73 23.63
CA MET D 81 10.96 -15.57 23.25
C MET D 81 11.65 -14.64 24.25
N ALA D 82 10.86 -13.78 24.88
CA ALA D 82 11.39 -12.85 25.87
C ALA D 82 12.21 -13.66 26.87
N GLY D 83 11.66 -14.81 27.26
CA GLY D 83 12.35 -15.67 28.19
C GLY D 83 13.52 -16.34 27.49
N GLN D 84 13.34 -16.60 26.20
CA GLN D 84 14.37 -17.23 25.39
C GLN D 84 15.68 -16.49 25.59
N LEU D 85 15.61 -15.17 25.69
CA LEU D 85 16.81 -14.36 25.89
C LEU D 85 17.37 -14.64 27.28
N GLN D 86 16.55 -14.48 28.31
CA GLN D 86 16.98 -14.71 29.68
C GLN D 86 17.77 -16.00 29.80
N ALA D 87 17.29 -17.04 29.11
CA ALA D 87 17.94 -18.33 29.13
C ALA D 87 19.44 -18.19 28.92
N ALA D 88 19.81 -17.50 27.85
CA ALA D 88 21.22 -17.29 27.53
C ALA D 88 21.78 -16.02 28.17
N THR D 89 20.90 -15.08 28.52
CA THR D 89 21.35 -13.82 29.14
C THR D 89 22.25 -14.09 30.33
N HIS D 90 21.69 -14.74 31.35
CA HIS D 90 22.45 -15.06 32.56
C HIS D 90 23.76 -15.74 32.16
N GLN D 91 23.65 -16.89 31.51
CA GLN D 91 24.79 -17.65 31.04
C GLN D 91 24.36 -19.04 30.61
N MET E 1 51.86 -14.04 0.20
CA MET E 1 50.85 -14.32 -0.86
C MET E 1 49.60 -13.48 -0.65
N GLY E 2 49.80 -12.19 -0.45
CA GLY E 2 48.70 -11.27 -0.22
C GLY E 2 47.52 -11.44 -1.16
N ARG E 3 47.69 -12.20 -2.24
CA ARG E 3 46.62 -12.42 -3.19
C ARG E 3 45.34 -12.91 -2.56
N ALA E 4 45.44 -13.95 -1.74
CA ALA E 4 44.28 -14.52 -1.08
C ALA E 4 43.43 -13.43 -0.41
N ARG E 5 44.01 -12.26 -0.22
CA ARG E 5 43.30 -11.13 0.40
C ARG E 5 42.15 -10.72 -0.50
N ASP E 6 42.45 -10.54 -1.78
CA ASP E 6 41.46 -10.14 -2.77
C ASP E 6 40.29 -11.11 -2.76
N ALA E 7 40.59 -12.38 -2.55
CA ALA E 7 39.57 -13.41 -2.52
C ALA E 7 38.56 -13.08 -1.42
N ILE E 8 39.02 -12.40 -0.38
CA ILE E 8 38.16 -12.01 0.73
C ILE E 8 37.30 -10.83 0.30
N LEU E 9 37.79 -10.07 -0.67
CA LEU E 9 37.08 -8.92 -1.20
C LEU E 9 35.75 -9.42 -1.77
N ASP E 10 35.78 -10.65 -2.27
CA ASP E 10 34.60 -11.26 -2.87
C ASP E 10 33.66 -11.81 -1.80
N ALA E 11 34.17 -11.97 -0.58
CA ALA E 11 33.36 -12.47 0.52
C ALA E 11 32.20 -11.52 0.77
N LEU E 12 32.47 -10.22 0.65
CA LEU E 12 31.47 -9.19 0.88
C LEU E 12 30.65 -8.88 -0.37
N GLU E 13 31.03 -9.48 -1.50
CA GLU E 13 30.35 -9.24 -2.76
C GLU E 13 29.04 -10.01 -2.92
N ASN E 14 29.02 -11.25 -2.46
CA ASN E 14 27.83 -12.08 -2.58
C ASN E 14 26.75 -11.69 -1.57
N LEU E 15 27.12 -10.88 -0.58
CA LEU E 15 26.16 -10.46 0.44
C LEU E 15 25.47 -9.15 0.03
N THR E 16 24.25 -8.97 0.53
CA THR E 16 23.46 -7.78 0.23
C THR E 16 23.92 -6.57 1.02
N ALA E 17 23.45 -5.39 0.63
CA ALA E 17 23.80 -4.15 1.30
C ALA E 17 23.25 -4.17 2.72
N GLU E 18 22.08 -4.77 2.88
CA GLU E 18 21.42 -4.87 4.16
C GLU E 18 22.30 -5.67 5.12
N GLU E 19 22.79 -6.80 4.64
CA GLU E 19 23.65 -7.69 5.40
C GLU E 19 24.88 -6.95 5.95
N LEU E 20 25.52 -6.17 5.09
CA LEU E 20 26.72 -5.42 5.45
C LEU E 20 26.67 -4.77 6.84
N LYS E 21 25.62 -4.00 7.11
CA LYS E 21 25.51 -3.34 8.42
C LYS E 21 25.54 -4.34 9.57
N LYS E 22 24.90 -5.49 9.36
CA LYS E 22 24.85 -6.53 10.38
C LYS E 22 26.26 -7.04 10.71
N PHE E 23 27.01 -7.40 9.67
CA PHE E 23 28.36 -7.92 9.84
C PHE E 23 29.18 -7.03 10.78
N LYS E 24 29.10 -5.73 10.56
CA LYS E 24 29.82 -4.76 11.37
C LYS E 24 29.64 -5.05 12.86
N LEU E 25 28.42 -4.82 13.36
CA LEU E 25 28.09 -5.05 14.76
C LEU E 25 28.70 -6.31 15.36
N LYS E 26 28.52 -7.43 14.67
CA LYS E 26 29.04 -8.71 15.16
C LYS E 26 30.56 -8.80 15.24
N LEU E 27 31.26 -8.11 14.34
CA LEU E 27 32.72 -8.14 14.32
C LEU E 27 33.36 -7.93 15.70
N LEU E 28 32.88 -6.93 16.43
CA LEU E 28 33.41 -6.62 17.76
C LEU E 28 33.30 -7.76 18.76
N SER E 29 32.11 -8.37 18.81
CA SER E 29 31.83 -9.45 19.75
C SER E 29 32.58 -10.77 19.60
N VAL E 30 33.06 -11.07 18.40
CA VAL E 30 33.77 -12.34 18.15
C VAL E 30 35.01 -12.61 19.00
N PRO E 31 35.14 -13.84 19.50
CA PRO E 31 36.29 -14.24 20.33
C PRO E 31 37.58 -14.09 19.52
N LEU E 32 38.50 -13.28 20.05
CA LEU E 32 39.77 -13.06 19.36
C LEU E 32 40.91 -13.85 20.00
N ARG E 33 42.01 -13.98 19.26
CA ARG E 33 43.17 -14.69 19.77
C ARG E 33 44.07 -13.71 20.51
N GLU E 34 44.84 -14.22 21.45
CA GLU E 34 45.76 -13.39 22.22
C GLU E 34 46.87 -12.93 21.27
N GLY E 35 47.55 -11.85 21.64
CA GLY E 35 48.60 -11.32 20.80
C GLY E 35 48.01 -10.45 19.72
N TYR E 36 46.75 -10.06 19.90
CA TYR E 36 46.03 -9.23 18.94
C TYR E 36 45.03 -8.33 19.67
N GLY E 37 44.37 -7.46 18.93
CA GLY E 37 43.39 -6.56 19.51
C GLY E 37 42.20 -6.31 18.62
N ARG E 38 41.37 -5.35 19.00
CA ARG E 38 40.20 -4.99 18.23
C ARG E 38 40.42 -3.69 17.48
N ILE E 39 39.57 -3.42 16.50
CA ILE E 39 39.69 -2.20 15.70
C ILE E 39 38.76 -1.11 16.25
N PRO E 40 39.28 0.13 16.36
CA PRO E 40 38.47 1.24 16.88
C PRO E 40 37.18 1.50 16.09
N ARG E 41 36.08 1.60 16.84
CA ARG E 41 34.74 1.83 16.30
C ARG E 41 34.62 2.90 15.21
N GLY E 42 35.11 4.10 15.50
CA GLY E 42 35.04 5.20 14.55
C GLY E 42 35.03 4.80 13.09
N ALA E 43 36.20 4.53 12.55
CA ALA E 43 36.35 4.15 11.15
C ALA E 43 35.52 2.91 10.78
N LEU E 44 35.55 1.90 11.64
CA LEU E 44 34.85 0.66 11.39
C LEU E 44 33.41 0.79 10.87
N LEU E 45 32.63 1.70 11.45
CA LEU E 45 31.25 1.86 11.00
C LEU E 45 31.16 2.51 9.62
N SER E 46 32.14 3.35 9.30
CA SER E 46 32.17 4.01 8.00
C SER E 46 32.78 3.04 7.00
N MET E 47 34.02 2.64 7.26
CA MET E 47 34.75 1.72 6.41
C MET E 47 33.84 0.79 5.62
N ASP E 48 33.82 0.98 4.29
CA ASP E 48 33.00 0.15 3.43
C ASP E 48 33.50 -1.28 3.37
N ALA E 49 32.85 -2.09 2.54
CA ALA E 49 33.24 -3.49 2.38
C ALA E 49 34.70 -3.56 2.00
N LEU E 50 35.15 -2.59 1.20
CA LEU E 50 36.54 -2.54 0.75
C LEU E 50 37.41 -2.10 1.92
N ASP E 51 36.95 -1.10 2.66
CA ASP E 51 37.70 -0.61 3.79
C ASP E 51 37.89 -1.72 4.83
N LEU E 52 36.94 -2.65 4.85
CA LEU E 52 37.00 -3.78 5.77
C LEU E 52 37.95 -4.84 5.25
N THR E 53 38.65 -4.54 4.16
CA THR E 53 39.59 -5.49 3.60
C THR E 53 41.01 -4.97 3.76
N ASP E 54 41.24 -3.74 3.29
CA ASP E 54 42.56 -3.14 3.40
C ASP E 54 42.98 -3.06 4.86
N LYS E 55 42.13 -2.48 5.70
CA LYS E 55 42.42 -2.32 7.11
C LYS E 55 42.38 -3.67 7.82
N LEU E 56 41.43 -4.52 7.43
CA LEU E 56 41.27 -5.85 8.01
C LEU E 56 42.51 -6.69 7.76
N VAL E 57 42.82 -6.89 6.49
CA VAL E 57 43.97 -7.68 6.07
C VAL E 57 45.27 -7.23 6.73
N SER E 58 45.41 -5.92 6.91
CA SER E 58 46.61 -5.37 7.53
C SER E 58 46.57 -5.59 9.03
N PHE E 59 45.43 -5.25 9.63
CA PHE E 59 45.23 -5.39 11.06
C PHE E 59 45.39 -6.85 11.49
N TYR E 60 44.83 -7.76 10.70
CA TYR E 60 44.91 -9.18 11.00
C TYR E 60 45.77 -9.94 10.00
N LEU E 61 46.53 -10.91 10.51
CA LEU E 61 47.39 -11.74 9.68
C LEU E 61 46.57 -12.25 8.50
N GLU E 62 47.21 -12.45 7.35
CA GLU E 62 46.48 -12.94 6.19
C GLU E 62 46.06 -14.39 6.41
N THR E 63 46.99 -15.21 6.88
CA THR E 63 46.69 -16.61 7.16
C THR E 63 45.59 -16.62 8.21
N TYR E 64 45.88 -15.97 9.33
CA TYR E 64 44.97 -15.87 10.45
C TYR E 64 43.67 -15.17 10.06
N GLY E 65 43.77 -14.21 9.15
CA GLY E 65 42.60 -13.48 8.71
C GLY E 65 41.57 -14.37 8.04
N ALA E 66 42.06 -15.25 7.16
CA ALA E 66 41.20 -16.17 6.44
C ALA E 66 40.29 -16.93 7.41
N GLU E 67 40.90 -17.54 8.43
CA GLU E 67 40.14 -18.28 9.42
C GLU E 67 39.12 -17.38 10.08
N LEU E 68 39.61 -16.29 10.68
CA LEU E 68 38.75 -15.33 11.36
C LEU E 68 37.53 -15.01 10.50
N THR E 69 37.77 -14.91 9.19
CA THR E 69 36.72 -14.61 8.22
C THR E 69 35.60 -15.64 8.29
N ALA E 70 35.96 -16.91 8.18
CA ALA E 70 35.00 -18.01 8.21
C ALA E 70 34.05 -17.91 9.40
N ASN E 71 34.62 -17.80 10.59
CA ASN E 71 33.86 -17.71 11.84
C ASN E 71 32.64 -16.81 11.72
N VAL E 72 32.88 -15.50 11.70
CA VAL E 72 31.84 -14.49 11.62
C VAL E 72 30.77 -14.84 10.58
N LEU E 73 31.21 -15.20 9.38
CA LEU E 73 30.30 -15.54 8.30
C LEU E 73 29.35 -16.69 8.63
N ARG E 74 29.90 -17.89 8.82
CA ARG E 74 29.06 -19.04 9.12
C ARG E 74 28.23 -18.86 10.39
N ASP E 75 28.56 -17.85 11.18
CA ASP E 75 27.82 -17.60 12.42
C ASP E 75 26.67 -16.62 12.22
N MET E 76 26.89 -15.59 11.41
CA MET E 76 25.84 -14.60 11.15
C MET E 76 25.46 -14.56 9.68
N GLY E 77 26.47 -14.42 8.81
CA GLY E 77 26.20 -14.38 7.38
C GLY E 77 25.41 -15.60 6.95
N LEU E 78 25.79 -16.75 7.50
CA LEU E 78 25.13 -18.02 7.23
C LEU E 78 24.90 -18.23 5.74
N GLN E 79 25.94 -18.04 4.94
CA GLN E 79 25.83 -18.21 3.50
C GLN E 79 26.71 -19.34 2.98
N GLU E 80 26.21 -20.04 1.97
CA GLU E 80 26.93 -21.14 1.36
C GLU E 80 28.21 -20.61 0.72
N MET E 81 28.22 -19.31 0.45
CA MET E 81 29.38 -18.65 -0.14
C MET E 81 30.52 -18.57 0.88
N ALA E 82 30.15 -18.61 2.15
CA ALA E 82 31.16 -18.56 3.22
C ALA E 82 32.20 -19.62 2.92
N GLY E 83 31.73 -20.83 2.58
CA GLY E 83 32.64 -21.91 2.25
C GLY E 83 33.36 -21.61 0.95
N GLN E 84 32.68 -20.92 0.05
CA GLN E 84 33.26 -20.56 -1.24
C GLN E 84 34.62 -19.90 -1.04
N LEU E 85 34.75 -19.14 0.05
CA LEU E 85 36.00 -18.47 0.34
C LEU E 85 37.01 -19.49 0.83
N GLN E 86 36.67 -20.23 1.88
CA GLN E 86 37.55 -21.25 2.43
C GLN E 86 38.14 -22.05 1.28
N ALA E 87 37.28 -22.34 0.31
CA ALA E 87 37.66 -23.08 -0.88
C ALA E 87 38.97 -22.56 -1.45
N ALA E 88 39.02 -21.26 -1.68
CA ALA E 88 40.21 -20.62 -2.24
C ALA E 88 41.17 -20.13 -1.15
N THR E 89 40.64 -19.86 0.04
CA THR E 89 41.47 -19.38 1.14
C THR E 89 42.70 -20.25 1.32
N HIS E 90 42.49 -21.56 1.45
CA HIS E 90 43.59 -22.49 1.62
C HIS E 90 44.56 -22.42 0.44
N GLN E 91 43.99 -22.36 -0.77
CA GLN E 91 44.75 -22.26 -2.01
C GLN E 91 43.90 -22.69 -3.20
N MET F 1 -15.70 -8.54 35.17
CA MET F 1 -16.06 -9.96 34.94
C MET F 1 -16.67 -10.15 33.56
N GLY F 2 -15.98 -9.65 32.55
CA GLY F 2 -16.45 -9.74 31.18
C GLY F 2 -17.16 -11.03 30.79
N ARG F 3 -16.78 -12.14 31.41
CA ARG F 3 -17.39 -13.42 31.10
C ARG F 3 -18.91 -13.37 30.97
N ALA F 4 -19.56 -12.71 31.93
CA ALA F 4 -21.02 -12.59 31.90
C ALA F 4 -21.51 -12.08 30.55
N ARG F 5 -20.60 -11.50 29.77
CA ARG F 5 -20.93 -10.98 28.45
C ARG F 5 -21.30 -12.15 27.54
N ASP F 6 -20.53 -13.23 27.64
CA ASP F 6 -20.75 -14.42 26.85
C ASP F 6 -22.15 -14.96 27.04
N ALA F 7 -22.58 -15.05 28.29
CA ALA F 7 -23.90 -15.55 28.61
C ALA F 7 -24.93 -14.83 27.76
N ILE F 8 -24.62 -13.58 27.39
CA ILE F 8 -25.50 -12.77 26.59
C ILE F 8 -25.48 -13.28 25.15
N LEU F 9 -24.34 -13.82 24.74
CA LEU F 9 -24.17 -14.37 23.40
C LEU F 9 -25.22 -15.46 23.21
N ASP F 10 -25.54 -16.14 24.32
CA ASP F 10 -26.52 -17.22 24.32
C ASP F 10 -27.95 -16.68 24.23
N ALA F 11 -28.12 -15.41 24.59
CA ALA F 11 -29.44 -14.79 24.56
C ALA F 11 -30.00 -14.81 23.14
N LEU F 12 -29.14 -14.48 22.17
CA LEU F 12 -29.54 -14.43 20.77
C LEU F 12 -29.51 -15.82 20.12
N GLU F 13 -29.06 -16.81 20.88
CA GLU F 13 -28.98 -18.17 20.37
C GLU F 13 -30.31 -18.90 20.34
N ASN F 14 -31.06 -18.81 21.44
CA ASN F 14 -32.35 -19.49 21.53
C ASN F 14 -33.39 -18.88 20.60
N LEU F 15 -33.12 -17.69 20.09
CA LEU F 15 -34.06 -17.02 19.19
C LEU F 15 -33.81 -17.37 17.73
N THR F 16 -34.88 -17.41 16.94
CA THR F 16 -34.80 -17.75 15.52
C THR F 16 -34.16 -16.63 14.71
N ALA F 17 -33.96 -16.89 13.42
CA ALA F 17 -33.36 -15.90 12.52
C ALA F 17 -34.36 -14.80 12.23
N GLU F 18 -35.63 -15.16 12.16
CA GLU F 18 -36.70 -14.19 11.90
C GLU F 18 -36.75 -13.16 13.01
N GLU F 19 -36.77 -13.64 14.25
CA GLU F 19 -36.82 -12.78 15.43
C GLU F 19 -35.76 -11.70 15.36
N LEU F 20 -34.52 -12.11 15.11
CA LEU F 20 -33.38 -11.20 15.03
C LEU F 20 -33.71 -9.85 14.39
N LYS F 21 -34.19 -9.88 13.15
CA LYS F 21 -34.53 -8.65 12.45
C LYS F 21 -35.40 -7.75 13.31
N LYS F 22 -36.37 -8.34 13.99
CA LYS F 22 -37.27 -7.59 14.85
C LYS F 22 -36.52 -6.88 15.98
N PHE F 23 -35.74 -7.64 16.72
CA PHE F 23 -34.97 -7.11 17.85
C PHE F 23 -34.29 -5.79 17.47
N LYS F 24 -33.62 -5.79 16.33
CA LYS F 24 -32.92 -4.61 15.84
C LYS F 24 -33.80 -3.36 15.91
N LEU F 25 -34.88 -3.37 15.13
CA LEU F 25 -35.81 -2.25 15.08
C LEU F 25 -36.20 -1.71 16.45
N LYS F 26 -36.55 -2.61 17.36
CA LYS F 26 -36.97 -2.21 18.69
C LYS F 26 -35.85 -1.70 19.60
N LEU F 27 -34.61 -1.97 19.23
CA LEU F 27 -33.47 -1.52 20.03
C LEU F 27 -33.42 0.01 20.11
N LEU F 28 -33.71 0.66 18.98
CA LEU F 28 -33.70 2.11 18.89
C LEU F 28 -34.79 2.78 19.71
N SER F 29 -35.93 2.11 19.85
CA SER F 29 -37.07 2.65 20.58
C SER F 29 -36.96 2.69 22.11
N VAL F 30 -36.43 1.62 22.69
CA VAL F 30 -36.28 1.51 24.15
C VAL F 30 -35.68 2.73 24.84
N PRO F 31 -36.20 3.08 26.03
CA PRO F 31 -35.72 4.22 26.81
C PRO F 31 -34.31 3.95 27.33
N LEU F 32 -33.44 4.95 27.27
CA LEU F 32 -32.07 4.80 27.73
C LEU F 32 -31.76 5.60 28.98
N ARG F 33 -30.55 5.41 29.51
CA ARG F 33 -30.12 6.12 30.71
C ARG F 33 -29.27 7.34 30.36
N GLU F 34 -29.37 8.36 31.20
CA GLU F 34 -28.59 9.59 31.03
C GLU F 34 -27.11 9.22 31.11
N GLY F 35 -26.28 9.99 30.42
CA GLY F 35 -24.86 9.70 30.41
C GLY F 35 -24.60 8.59 29.42
N TYR F 36 -25.58 8.32 28.57
CA TYR F 36 -25.47 7.28 27.55
C TYR F 36 -26.21 7.69 26.28
N GLY F 37 -26.01 6.92 25.22
CA GLY F 37 -26.67 7.24 23.97
C GLY F 37 -27.03 6.02 23.15
N ARG F 38 -27.44 6.26 21.91
CA ARG F 38 -27.81 5.17 21.01
C ARG F 38 -26.66 4.85 20.07
N ILE F 39 -26.82 3.77 19.30
CA ILE F 39 -25.79 3.35 18.36
C ILE F 39 -26.23 3.64 16.92
N PRO F 40 -25.31 4.19 16.10
CA PRO F 40 -25.66 4.50 14.70
C PRO F 40 -26.17 3.27 13.95
N ARG F 41 -27.25 3.48 13.19
CA ARG F 41 -27.92 2.43 12.43
C ARG F 41 -27.08 1.66 11.42
N GLY F 42 -26.25 2.37 10.67
CA GLY F 42 -25.42 1.74 9.66
C GLY F 42 -24.97 0.34 10.04
N ALA F 43 -24.00 0.27 10.95
CA ALA F 43 -23.47 -1.01 11.40
C ALA F 43 -24.55 -1.87 12.07
N LEU F 44 -25.33 -1.26 12.95
CA LEU F 44 -26.38 -1.96 13.68
C LEU F 44 -27.28 -2.87 12.85
N LEU F 45 -27.68 -2.40 11.66
CA LEU F 45 -28.55 -3.22 10.81
C LEU F 45 -27.80 -4.42 10.26
N SER F 46 -26.51 -4.25 10.01
CA SER F 46 -25.69 -5.34 9.49
C SER F 46 -25.26 -6.23 10.65
N MET F 47 -24.50 -5.65 11.58
CA MET F 47 -24.01 -6.36 12.75
C MET F 47 -24.91 -7.52 13.13
N ASP F 48 -24.36 -8.74 13.08
CA ASP F 48 -25.10 -9.94 13.41
C ASP F 48 -25.34 -10.07 14.91
N ALA F 49 -25.80 -11.25 15.32
CA ALA F 49 -26.06 -11.53 16.72
C ALA F 49 -24.78 -11.30 17.52
N LEU F 50 -23.67 -11.79 16.99
CA LEU F 50 -22.38 -11.66 17.64
C LEU F 50 -21.90 -10.22 17.60
N ASP F 51 -22.25 -9.50 16.54
CA ASP F 51 -21.85 -8.11 16.41
C ASP F 51 -22.62 -7.26 17.42
N LEU F 52 -23.82 -7.71 17.76
CA LEU F 52 -24.65 -7.01 18.72
C LEU F 52 -24.20 -7.36 20.14
N THR F 53 -23.07 -8.06 20.24
CA THR F 53 -22.54 -8.43 21.54
C THR F 53 -21.25 -7.67 21.80
N ASP F 54 -20.29 -7.81 20.90
CA ASP F 54 -19.01 -7.13 21.03
C ASP F 54 -19.18 -5.62 21.11
N LYS F 55 -19.95 -5.07 20.18
CA LYS F 55 -20.18 -3.64 20.14
C LYS F 55 -21.17 -3.21 21.21
N LEU F 56 -22.13 -4.08 21.50
CA LEU F 56 -23.15 -3.81 22.52
C LEU F 56 -22.49 -3.71 23.89
N VAL F 57 -21.80 -4.78 24.27
CA VAL F 57 -21.12 -4.85 25.56
C VAL F 57 -20.16 -3.68 25.78
N SER F 58 -19.39 -3.34 24.75
CA SER F 58 -18.43 -2.24 24.86
C SER F 58 -19.17 -0.91 24.94
N PHE F 59 -20.21 -0.77 24.14
CA PHE F 59 -21.01 0.45 24.10
C PHE F 59 -21.75 0.66 25.43
N TYR F 60 -22.37 -0.41 25.94
CA TYR F 60 -23.11 -0.33 27.19
C TYR F 60 -22.41 -1.04 28.34
N LEU F 61 -22.51 -0.46 29.53
CA LEU F 61 -21.90 -1.04 30.73
C LEU F 61 -22.29 -2.51 30.79
N GLU F 62 -21.42 -3.36 31.32
CA GLU F 62 -21.74 -4.78 31.42
C GLU F 62 -22.81 -5.00 32.48
N THR F 63 -22.63 -4.37 33.64
CA THR F 63 -23.60 -4.50 34.72
C THR F 63 -24.91 -3.91 34.24
N TYR F 64 -24.80 -2.76 33.56
CA TYR F 64 -25.95 -2.05 33.03
C TYR F 64 -26.47 -2.73 31.77
N GLY F 65 -25.58 -3.42 31.06
CA GLY F 65 -25.98 -4.11 29.84
C GLY F 65 -26.91 -5.26 30.14
N ALA F 66 -26.61 -5.99 31.22
CA ALA F 66 -27.43 -7.12 31.62
C ALA F 66 -28.88 -6.70 31.78
N GLU F 67 -29.10 -5.61 32.52
CA GLU F 67 -30.45 -5.10 32.74
C GLU F 67 -31.08 -4.73 31.40
N LEU F 68 -30.39 -3.85 30.67
CA LEU F 68 -30.87 -3.40 29.37
C LEU F 68 -31.32 -4.57 28.52
N THR F 69 -30.61 -5.68 28.63
CA THR F 69 -30.92 -6.89 27.89
C THR F 69 -32.33 -7.38 28.22
N ALA F 70 -32.58 -7.61 29.50
CA ALA F 70 -33.87 -8.10 29.97
C ALA F 70 -35.03 -7.28 29.42
N ASN F 71 -34.90 -5.95 29.50
CA ASN F 71 -35.93 -5.04 29.02
C ASN F 71 -36.45 -5.41 27.64
N VAL F 72 -35.62 -5.14 26.64
CA VAL F 72 -35.96 -5.40 25.24
C VAL F 72 -36.55 -6.80 25.03
N LEU F 73 -35.91 -7.80 25.62
CA LEU F 73 -36.35 -9.19 25.49
C LEU F 73 -37.78 -9.42 25.99
N ARG F 74 -38.00 -9.26 27.28
CA ARG F 74 -39.32 -9.47 27.86
C ARG F 74 -40.39 -8.56 27.27
N ASP F 75 -39.98 -7.60 26.46
CA ASP F 75 -40.94 -6.68 25.87
C ASP F 75 -41.34 -7.12 24.46
N MET F 76 -40.38 -7.61 23.69
CA MET F 76 -40.65 -8.08 22.34
C MET F 76 -40.25 -9.55 22.19
N GLY F 77 -39.03 -9.88 22.60
CA GLY F 77 -38.56 -11.24 22.50
C GLY F 77 -39.57 -12.18 23.14
N LEU F 78 -40.09 -11.73 24.28
CA LEU F 78 -41.11 -12.48 25.02
C LEU F 78 -40.82 -13.98 25.07
N GLN F 79 -39.64 -14.33 25.57
CA GLN F 79 -39.23 -15.73 25.66
C GLN F 79 -38.88 -16.12 27.09
N GLU F 80 -39.10 -17.40 27.41
CA GLU F 80 -38.81 -17.90 28.75
C GLU F 80 -37.31 -17.84 28.98
N MET F 81 -36.56 -17.93 27.89
CA MET F 81 -35.10 -17.87 27.95
C MET F 81 -34.62 -16.50 28.40
N ALA F 82 -35.47 -15.50 28.24
CA ALA F 82 -35.14 -14.14 28.65
C ALA F 82 -34.68 -14.20 30.09
N GLY F 83 -35.53 -14.75 30.95
CA GLY F 83 -35.21 -14.88 32.36
C GLY F 83 -34.02 -15.79 32.55
N GLN F 84 -33.85 -16.75 31.64
CA GLN F 84 -32.74 -17.69 31.71
C GLN F 84 -31.42 -16.94 31.83
N LEU F 85 -31.34 -15.79 31.16
CA LEU F 85 -30.12 -14.98 31.21
C LEU F 85 -29.98 -14.37 32.61
N GLN F 86 -31.03 -13.70 33.08
CA GLN F 86 -31.00 -13.08 34.40
C GLN F 86 -30.48 -14.07 35.43
N ALA F 87 -30.70 -15.36 35.17
CA ALA F 87 -30.26 -16.42 36.07
C ALA F 87 -28.74 -16.35 36.22
N ALA F 88 -28.05 -16.19 35.11
CA ALA F 88 -26.59 -16.11 35.12
C ALA F 88 -26.12 -14.66 35.21
N THR F 89 -26.92 -13.74 34.72
CA THR F 89 -26.57 -12.32 34.73
C THR F 89 -26.11 -11.85 36.11
N HIS F 90 -27.02 -11.90 37.08
CA HIS F 90 -26.70 -11.48 38.44
C HIS F 90 -25.39 -12.06 38.94
N GLN F 91 -25.32 -13.39 38.99
CA GLN F 91 -24.13 -14.09 39.42
C GLN F 91 -24.47 -15.57 39.60
N MET G 1 10.28 -27.48 21.25
CA MET G 1 9.65 -28.27 20.16
C MET G 1 8.53 -27.49 19.49
N GLY G 2 8.84 -26.29 19.05
CA GLY G 2 7.84 -25.45 18.40
C GLY G 2 6.97 -26.18 17.40
N ARG G 3 7.47 -27.30 16.88
CA ARG G 3 6.72 -28.10 15.90
C ARG G 3 5.26 -28.31 16.24
N ALA G 4 4.97 -28.69 17.49
CA ALA G 4 3.61 -28.92 17.92
C ALA G 4 2.72 -27.69 17.66
N ARG G 5 3.36 -26.58 17.27
CA ARG G 5 2.63 -25.35 16.98
C ARG G 5 1.78 -25.53 15.74
N ASP G 6 2.39 -26.14 14.72
CA ASP G 6 1.71 -26.39 13.45
C ASP G 6 0.46 -27.21 13.69
N ALA G 7 0.58 -28.19 14.58
CA ALA G 7 -0.54 -29.07 14.90
C ALA G 7 -1.75 -28.22 15.28
N ILE G 8 -1.47 -27.01 15.77
CA ILE G 8 -2.54 -26.09 16.17
C ILE G 8 -3.11 -25.42 14.94
N LEU G 9 -2.29 -25.32 13.90
CA LEU G 9 -2.72 -24.71 12.64
C LEU G 9 -3.88 -25.52 12.10
N ASP G 10 -3.79 -26.84 12.24
CA ASP G 10 -4.82 -27.75 11.77
C ASP G 10 -6.09 -27.66 12.60
N ALA G 11 -5.97 -27.06 13.79
CA ALA G 11 -7.11 -26.90 14.67
C ALA G 11 -8.17 -26.02 14.03
N LEU G 12 -7.74 -24.92 13.44
CA LEU G 12 -8.65 -23.98 12.78
C LEU G 12 -9.07 -24.47 11.40
N GLU G 13 -8.44 -25.54 10.93
CA GLU G 13 -8.75 -26.10 9.62
C GLU G 13 -10.03 -26.91 9.58
N ASN G 14 -10.26 -27.74 10.59
CA ASN G 14 -11.45 -28.57 10.65
C ASN G 14 -12.72 -27.78 10.89
N LEU G 15 -12.57 -26.52 11.34
CA LEU G 15 -13.72 -25.67 11.60
C LEU G 15 -14.11 -24.87 10.36
N THR G 16 -15.36 -24.42 10.31
CA THR G 16 -15.88 -23.67 9.18
C THR G 16 -15.49 -22.19 9.24
N ALA G 17 -15.77 -21.47 8.16
CA ALA G 17 -15.46 -20.04 8.08
C ALA G 17 -16.36 -19.28 9.05
N GLU G 18 -17.60 -19.74 9.17
CA GLU G 18 -18.58 -19.12 10.06
C GLU G 18 -18.07 -19.22 11.49
N GLU G 19 -17.70 -20.44 11.88
CA GLU G 19 -17.19 -20.71 13.22
C GLU G 19 -16.11 -19.70 13.61
N LEU G 20 -15.13 -19.54 12.74
CA LEU G 20 -14.01 -18.63 12.96
C LEU G 20 -14.39 -17.34 13.67
N LYS G 21 -15.30 -16.57 13.08
CA LYS G 21 -15.72 -15.29 13.68
C LYS G 21 -16.07 -15.44 15.16
N LYS G 22 -16.79 -16.50 15.48
CA LYS G 22 -17.19 -16.76 16.86
C LYS G 22 -15.97 -16.92 17.78
N PHE G 23 -15.06 -17.80 17.40
CA PHE G 23 -13.86 -18.06 18.19
C PHE G 23 -13.18 -16.77 18.64
N LYS G 24 -13.12 -15.79 17.76
CA LYS G 24 -12.51 -14.50 18.06
C LYS G 24 -13.13 -13.86 19.31
N LEU G 25 -14.44 -13.63 19.25
CA LEU G 25 -15.16 -13.01 20.35
C LEU G 25 -14.96 -13.68 21.70
N LYS G 26 -14.98 -15.01 21.70
CA LYS G 26 -14.83 -15.75 22.95
C LYS G 26 -13.43 -15.76 23.52
N LEU G 27 -12.41 -15.63 22.66
CA LEU G 27 -11.02 -15.64 23.10
C LEU G 27 -10.78 -14.65 24.25
N LEU G 28 -11.28 -13.43 24.09
CA LEU G 28 -11.11 -12.38 25.09
C LEU G 28 -11.59 -12.80 26.48
N SER G 29 -12.81 -13.33 26.54
CA SER G 29 -13.45 -13.74 27.79
C SER G 29 -12.79 -14.82 28.65
N VAL G 30 -12.21 -15.84 28.02
CA VAL G 30 -11.59 -16.95 28.75
C VAL G 30 -10.64 -16.57 29.89
N PRO G 31 -10.81 -17.20 31.06
CA PRO G 31 -9.96 -16.94 32.23
C PRO G 31 -8.50 -17.18 31.88
N LEU G 32 -7.64 -16.19 32.15
CA LEU G 32 -6.23 -16.32 31.84
C LEU G 32 -5.35 -16.65 33.04
N ARG G 33 -4.04 -16.76 32.78
CA ARG G 33 -3.06 -17.07 33.81
C ARG G 33 -2.21 -15.85 34.15
N GLU G 34 -1.86 -15.74 35.43
CA GLU G 34 -1.04 -14.63 35.91
C GLU G 34 0.26 -14.59 35.11
N GLY G 35 0.87 -13.40 35.04
CA GLY G 35 2.10 -13.26 34.29
C GLY G 35 1.85 -13.33 32.81
N TYR G 36 0.62 -13.02 32.40
CA TYR G 36 0.24 -13.03 31.00
C TYR G 36 -0.85 -11.98 30.80
N GLY G 37 -1.29 -11.79 29.56
CA GLY G 37 -2.31 -10.81 29.28
C GLY G 37 -3.14 -11.12 28.06
N ARG G 38 -3.89 -10.13 27.60
CA ARG G 38 -4.75 -10.28 26.43
C ARG G 38 -4.13 -9.58 25.22
N ILE G 39 -4.55 -9.99 24.03
CA ILE G 39 -4.03 -9.42 22.80
C ILE G 39 -4.91 -8.28 22.28
N PRO G 40 -4.29 -7.14 21.91
CA PRO G 40 -5.05 -6.00 21.39
C PRO G 40 -5.99 -6.39 20.25
N ARG G 41 -7.27 -6.07 20.42
CA ARG G 41 -8.32 -6.39 19.47
C ARG G 41 -8.05 -6.04 18.01
N GLY G 42 -7.55 -4.83 17.76
CA GLY G 42 -7.27 -4.40 16.41
C GLY G 42 -6.88 -5.53 15.47
N ALA G 43 -5.65 -6.00 15.61
CA ALA G 43 -5.14 -7.08 14.77
C ALA G 43 -5.95 -8.36 14.88
N LEU G 44 -6.26 -8.76 16.12
CA LEU G 44 -7.01 -9.99 16.36
C LEU G 44 -8.23 -10.16 15.46
N LEU G 45 -9.14 -9.18 15.45
CA LEU G 45 -10.33 -9.28 14.62
C LEU G 45 -9.98 -9.45 13.15
N SER G 46 -8.82 -8.96 12.74
CA SER G 46 -8.38 -9.10 11.37
C SER G 46 -7.64 -10.43 11.22
N MET G 47 -6.52 -10.54 11.91
CA MET G 47 -5.70 -11.75 11.88
C MET G 47 -6.50 -12.98 11.53
N ASP G 48 -6.07 -13.70 10.49
CA ASP G 48 -6.75 -14.92 10.06
C ASP G 48 -6.41 -16.08 10.98
N ALA G 49 -6.86 -17.27 10.59
CA ALA G 49 -6.59 -18.48 11.37
C ALA G 49 -5.08 -18.60 11.57
N LEU G 50 -4.34 -18.41 10.48
CA LEU G 50 -2.89 -18.50 10.52
C LEU G 50 -2.30 -17.33 11.29
N ASP G 51 -2.92 -16.17 11.18
CA ASP G 51 -2.44 -15.00 11.89
C ASP G 51 -2.59 -15.25 13.39
N LEU G 52 -3.65 -15.97 13.73
CA LEU G 52 -3.91 -16.31 15.12
C LEU G 52 -2.76 -17.16 15.61
N THR G 53 -2.39 -18.17 14.84
CA THR G 53 -1.31 -19.08 15.22
C THR G 53 0.02 -18.39 15.47
N ASP G 54 0.60 -17.76 14.44
CA ASP G 54 1.88 -17.08 14.60
C ASP G 54 1.92 -16.15 15.81
N LYS G 55 0.85 -15.39 16.01
CA LYS G 55 0.80 -14.46 17.13
C LYS G 55 0.42 -15.17 18.43
N LEU G 56 -0.56 -16.06 18.34
CA LEU G 56 -1.01 -16.84 19.50
C LEU G 56 0.17 -17.57 20.12
N VAL G 57 0.79 -18.41 19.31
CA VAL G 57 1.94 -19.21 19.73
C VAL G 57 3.05 -18.39 20.38
N SER G 58 3.35 -17.22 19.82
CA SER G 58 4.39 -16.36 20.37
C SER G 58 3.91 -15.68 21.64
N PHE G 59 2.70 -15.14 21.58
CA PHE G 59 2.10 -14.44 22.71
C PHE G 59 1.89 -15.39 23.90
N TYR G 60 1.56 -16.64 23.61
CA TYR G 60 1.34 -17.63 24.66
C TYR G 60 2.38 -18.74 24.66
N LEU G 61 2.66 -19.27 25.85
CA LEU G 61 3.62 -20.33 26.05
C LEU G 61 3.16 -21.57 25.28
N GLU G 62 3.97 -22.09 24.37
CA GLU G 62 3.58 -23.25 23.58
C GLU G 62 2.99 -24.36 24.46
N THR G 63 3.71 -24.76 25.49
CA THR G 63 3.23 -25.80 26.41
C THR G 63 1.90 -25.34 26.97
N TYR G 64 1.82 -24.06 27.31
CA TYR G 64 0.63 -23.47 27.88
C TYR G 64 -0.42 -23.12 26.82
N GLY G 65 0.03 -22.87 25.59
CA GLY G 65 -0.88 -22.54 24.52
C GLY G 65 -1.72 -23.75 24.18
N ALA G 66 -1.09 -24.92 24.23
CA ALA G 66 -1.78 -26.18 23.95
C ALA G 66 -2.98 -26.31 24.87
N GLU G 67 -2.74 -26.11 26.16
CA GLU G 67 -3.78 -26.20 27.18
C GLU G 67 -4.87 -25.16 26.91
N LEU G 68 -4.45 -23.90 26.80
CA LEU G 68 -5.37 -22.80 26.56
C LEU G 68 -6.24 -23.13 25.35
N THR G 69 -5.63 -23.76 24.35
CA THR G 69 -6.32 -24.16 23.13
C THR G 69 -7.58 -24.97 23.45
N ALA G 70 -7.37 -26.12 24.08
CA ALA G 70 -8.46 -27.01 24.46
C ALA G 70 -9.65 -26.29 25.08
N ASN G 71 -9.37 -25.46 26.08
CA ASN G 71 -10.42 -24.71 26.78
C ASN G 71 -11.45 -24.11 25.83
N VAL G 72 -11.04 -23.05 25.14
CA VAL G 72 -11.88 -22.34 24.20
C VAL G 72 -12.67 -23.25 23.27
N LEU G 73 -11.98 -24.20 22.65
CA LEU G 73 -12.60 -25.14 21.72
C LEU G 73 -13.74 -25.95 22.33
N ARG G 74 -13.42 -26.77 23.32
CA ARG G 74 -14.44 -27.60 23.96
C ARG G 74 -15.55 -26.79 24.61
N ASP G 75 -15.34 -25.49 24.77
CA ASP G 75 -16.35 -24.65 25.39
C ASP G 75 -17.28 -24.03 24.34
N MET G 76 -16.72 -23.61 23.21
CA MET G 76 -17.53 -23.03 22.15
C MET G 76 -17.41 -23.83 20.86
N GLY G 77 -16.19 -24.15 20.46
CA GLY G 77 -15.98 -24.92 19.24
C GLY G 77 -16.82 -26.18 19.30
N LEU G 78 -16.76 -26.86 20.44
CA LEU G 78 -17.54 -28.06 20.66
C LEU G 78 -17.39 -29.08 19.54
N GLN G 79 -16.16 -29.38 19.18
CA GLN G 79 -15.90 -30.33 18.11
C GLN G 79 -15.08 -31.53 18.59
N GLU G 80 -15.24 -32.65 17.92
CA GLU G 80 -14.52 -33.86 18.29
C GLU G 80 -13.06 -33.70 17.90
N MET G 81 -12.80 -32.77 16.98
CA MET G 81 -11.44 -32.48 16.53
C MET G 81 -10.68 -31.81 17.66
N ALA G 82 -11.40 -31.17 18.57
CA ALA G 82 -10.79 -30.51 19.71
C ALA G 82 -9.80 -31.45 20.35
N GLY G 83 -10.28 -32.63 20.75
CA GLY G 83 -9.42 -33.62 21.36
C GLY G 83 -8.39 -34.14 20.37
N GLN G 84 -8.72 -34.07 19.09
CA GLN G 84 -7.80 -34.54 18.05
C GLN G 84 -6.45 -33.87 18.23
N LEU G 85 -6.46 -32.59 18.58
CA LEU G 85 -5.23 -31.85 18.79
C LEU G 85 -4.54 -32.36 20.05
N GLN G 86 -5.30 -32.46 21.14
CA GLN G 86 -4.77 -32.94 22.41
C GLN G 86 -3.93 -34.21 22.27
N ALA G 87 -4.51 -35.23 21.62
CA ALA G 87 -3.82 -36.50 21.43
C ALA G 87 -2.42 -36.27 20.88
N ALA G 88 -2.24 -35.20 20.13
CA ALA G 88 -0.94 -34.87 19.55
C ALA G 88 -0.25 -33.77 20.34
N THR G 89 -1.04 -32.93 20.99
CA THR G 89 -0.50 -31.82 21.78
C THR G 89 0.54 -32.31 22.78
N HIS G 90 0.13 -33.22 23.66
CA HIS G 90 1.04 -33.78 24.66
C HIS G 90 2.29 -34.32 23.98
N GLN G 91 2.06 -35.22 23.02
CA GLN G 91 3.13 -35.84 22.23
C GLN G 91 2.59 -37.10 21.55
N MET H 1 26.56 -25.17 -9.43
CA MET H 1 25.60 -25.19 -10.57
C MET H 1 24.34 -24.39 -10.26
N GLY H 2 24.55 -23.11 -9.96
CA GLY H 2 23.45 -22.22 -9.61
C GLY H 2 22.15 -22.42 -10.34
N ARG H 3 22.20 -22.50 -11.67
CA ARG H 3 21.01 -22.66 -12.50
C ARG H 3 19.82 -23.36 -11.87
N ALA H 4 20.05 -24.53 -11.29
CA ALA H 4 18.97 -25.29 -10.65
C ALA H 4 18.22 -24.42 -9.64
N ARG H 5 18.87 -23.35 -9.19
CA ARG H 5 18.27 -22.42 -8.23
C ARG H 5 17.01 -21.85 -8.84
N ASP H 6 17.11 -21.51 -10.13
CA ASP H 6 16.00 -20.94 -10.87
C ASP H 6 14.82 -21.90 -10.86
N ALA H 7 15.10 -23.17 -11.09
CA ALA H 7 14.06 -24.19 -11.10
C ALA H 7 13.21 -24.08 -9.85
N ILE H 8 13.83 -23.65 -8.76
CA ILE H 8 13.14 -23.48 -7.49
C ILE H 8 12.20 -22.29 -7.58
N LEU H 9 12.59 -21.30 -8.38
CA LEU H 9 11.80 -20.09 -8.58
C LEU H 9 10.43 -20.47 -9.14
N ASP H 10 10.41 -21.56 -9.91
CA ASP H 10 9.19 -22.04 -10.54
C ASP H 10 8.32 -22.84 -9.57
N ALA H 11 8.87 -23.18 -8.41
CA ALA H 11 8.12 -23.93 -7.41
C ALA H 11 7.04 -23.04 -6.82
N LEU H 12 7.41 -21.80 -6.51
CA LEU H 12 6.48 -20.84 -5.92
C LEU H 12 5.54 -20.25 -6.98
N GLU H 13 5.79 -20.58 -8.24
CA GLU H 13 4.97 -20.05 -9.33
C GLU H 13 3.68 -20.84 -9.57
N ASN H 14 3.74 -22.15 -9.40
CA ASN H 14 2.57 -23.00 -9.61
C ASN H 14 1.58 -22.91 -8.45
N LEU H 15 1.99 -22.24 -7.38
CA LEU H 15 1.14 -22.09 -6.20
C LEU H 15 0.38 -20.77 -6.22
N THR H 16 -0.77 -20.74 -5.55
CA THR H 16 -1.60 -19.54 -5.49
C THR H 16 -1.07 -18.54 -4.46
N ALA H 17 -1.50 -17.29 -4.60
CA ALA H 17 -1.08 -16.23 -3.69
C ALA H 17 -1.50 -16.58 -2.26
N GLU H 18 -2.65 -17.25 -2.14
CA GLU H 18 -3.17 -17.66 -0.84
C GLU H 18 -2.18 -18.59 -0.15
N GLU H 19 -1.80 -19.64 -0.86
CA GLU H 19 -0.87 -20.64 -0.34
C GLU H 19 0.39 -19.99 0.24
N LEU H 20 1.02 -19.12 -0.55
CA LEU H 20 2.24 -18.44 -0.15
C LEU H 20 2.32 -18.09 1.33
N LYS H 21 1.35 -17.31 1.82
CA LYS H 21 1.35 -16.92 3.22
C LYS H 21 1.56 -18.12 4.13
N LYS H 22 0.87 -19.21 3.84
CA LYS H 22 0.98 -20.44 4.62
C LYS H 22 2.41 -20.97 4.64
N PHE H 23 2.98 -21.16 3.44
CA PHE H 23 4.34 -21.67 3.29
C PHE H 23 5.29 -21.00 4.27
N LYS H 24 5.20 -19.67 4.35
CA LYS H 24 6.04 -18.89 5.25
C LYS H 24 5.99 -19.48 6.65
N LEU H 25 4.83 -19.33 7.30
CA LEU H 25 4.61 -19.82 8.66
C LEU H 25 5.23 -21.18 8.97
N LYS H 26 5.03 -22.15 8.07
CA LYS H 26 5.55 -23.48 8.29
C LYS H 26 7.07 -23.57 8.17
N LEU H 27 7.66 -22.72 7.34
CA LEU H 27 9.11 -22.71 7.14
C LEU H 27 9.91 -22.79 8.44
N LEU H 28 9.50 -21.98 9.42
CA LEU H 28 10.17 -21.95 10.71
C LEU H 28 10.15 -23.28 11.46
N SER H 29 8.99 -23.94 11.47
CA SER H 29 8.80 -25.19 12.18
C SER H 29 9.56 -26.43 11.70
N VAL H 30 9.86 -26.50 10.41
CA VAL H 30 10.56 -27.66 9.85
C VAL H 30 11.90 -28.01 10.50
N PRO H 31 12.19 -29.31 10.65
CA PRO H 31 13.45 -29.79 11.24
C PRO H 31 14.64 -29.41 10.36
N LEU H 32 15.68 -28.85 10.98
CA LEU H 32 16.87 -28.43 10.23
C LEU H 32 18.07 -29.34 10.46
N ARG H 33 19.06 -29.20 9.59
CA ARG H 33 20.29 -29.99 9.70
C ARG H 33 21.30 -29.21 10.51
N GLU H 34 22.15 -29.93 11.23
CA GLU H 34 23.18 -29.30 12.05
C GLU H 34 24.16 -28.53 11.16
N GLY H 35 24.77 -27.50 11.73
CA GLY H 35 25.71 -26.70 10.97
C GLY H 35 24.97 -25.65 10.15
N TYR H 36 23.72 -25.41 10.53
CA TYR H 36 22.87 -24.44 9.85
C TYR H 36 21.92 -23.83 10.86
N GLY H 37 21.13 -22.85 10.42
CA GLY H 37 20.19 -22.22 11.32
C GLY H 37 18.93 -21.72 10.62
N ARG H 38 18.13 -20.94 11.33
CA ARG H 38 16.90 -20.38 10.78
C ARG H 38 17.12 -18.95 10.31
N ILE H 39 16.13 -18.43 9.58
CA ILE H 39 16.21 -17.07 9.07
C ILE H 39 15.30 -16.13 9.86
N PRO H 40 15.83 -14.94 10.25
CA PRO H 40 15.04 -13.97 11.01
C PRO H 40 13.71 -13.65 10.34
N ARG H 41 12.64 -13.66 11.13
CA ARG H 41 11.29 -13.41 10.65
C ARG H 41 11.08 -12.07 9.95
N GLY H 42 11.67 -11.01 10.50
CA GLY H 42 11.54 -9.70 9.92
C GLY H 42 11.43 -9.71 8.40
N ALA H 43 12.56 -9.91 7.74
CA ALA H 43 12.62 -9.95 6.28
C ALA H 43 11.74 -11.05 5.71
N LEU H 44 11.82 -12.25 6.30
CA LEU H 44 11.05 -13.40 5.83
C LEU H 44 9.57 -13.15 5.57
N LEU H 45 8.86 -12.55 6.53
CA LEU H 45 7.44 -12.29 6.34
C LEU H 45 7.20 -11.39 5.13
N SER H 46 8.11 -10.45 4.90
CA SER H 46 7.99 -9.55 3.76
C SER H 46 8.43 -10.31 2.52
N MET H 47 9.74 -10.50 2.40
CA MET H 47 10.35 -11.22 1.28
C MET H 47 9.34 -12.05 0.49
N ASP H 48 9.11 -11.66 -0.77
CA ASP H 48 8.17 -12.38 -1.63
C ASP H 48 8.73 -13.72 -2.08
N ALA H 49 8.02 -14.37 -3.00
CA ALA H 49 8.45 -15.65 -3.53
C ALA H 49 9.89 -15.54 -4.02
N LEU H 50 10.17 -14.46 -4.74
CA LEU H 50 11.50 -14.21 -5.27
C LEU H 50 12.47 -14.08 -4.11
N ASP H 51 12.19 -13.14 -3.22
CA ASP H 51 13.03 -12.92 -2.05
C ASP H 51 13.30 -14.23 -1.33
N LEU H 52 12.32 -15.12 -1.35
CA LEU H 52 12.45 -16.41 -0.70
C LEU H 52 13.37 -17.33 -1.50
N THR H 53 13.88 -16.85 -2.61
CA THR H 53 14.78 -17.64 -3.43
C THR H 53 16.21 -17.12 -3.27
N ASP H 54 16.42 -15.86 -3.61
CA ASP H 54 17.73 -15.24 -3.50
C ASP H 54 18.34 -15.43 -2.12
N LYS H 55 17.53 -15.21 -1.08
CA LYS H 55 18.02 -15.35 0.28
C LYS H 55 18.05 -16.82 0.71
N LEU H 56 17.06 -17.58 0.25
CA LEU H 56 16.98 -19.00 0.57
C LEU H 56 18.20 -19.72 0.03
N VAL H 57 18.37 -19.63 -1.29
CA VAL H 57 19.48 -20.27 -1.99
C VAL H 57 20.85 -19.92 -1.38
N SER H 58 21.02 -18.67 -0.98
CA SER H 58 22.27 -18.21 -0.40
C SER H 58 22.39 -18.74 1.03
N PHE H 59 21.32 -18.59 1.80
CA PHE H 59 21.29 -19.05 3.18
C PHE H 59 21.54 -20.55 3.24
N TYR H 60 20.70 -21.32 2.54
CA TYR H 60 20.84 -22.77 2.52
C TYR H 60 21.64 -23.28 1.33
N LEU H 61 22.25 -24.45 1.51
CA LEU H 61 23.05 -25.07 0.47
C LEU H 61 22.13 -25.28 -0.74
N GLU H 62 22.69 -25.23 -1.95
CA GLU H 62 21.88 -25.44 -3.14
C GLU H 62 21.51 -26.91 -3.27
N THR H 63 22.51 -27.77 -3.09
CA THR H 63 22.30 -29.21 -3.15
C THR H 63 21.33 -29.58 -2.04
N TYR H 64 21.62 -29.07 -0.85
CA TYR H 64 20.82 -29.32 0.33
C TYR H 64 19.52 -28.53 0.29
N GLY H 65 19.52 -27.42 -0.44
CA GLY H 65 18.33 -26.60 -0.56
C GLY H 65 17.24 -27.33 -1.33
N ALA H 66 17.63 -28.02 -2.39
CA ALA H 66 16.70 -28.78 -3.21
C ALA H 66 15.90 -29.73 -2.32
N GLU H 67 16.61 -30.55 -1.57
CA GLU H 67 15.98 -31.51 -0.67
C GLU H 67 15.05 -30.80 0.30
N LEU H 68 15.58 -29.77 0.97
CA LEU H 68 14.80 -29.00 1.93
C LEU H 68 13.49 -28.55 1.30
N THR H 69 13.57 -28.10 0.06
CA THR H 69 12.40 -27.65 -0.68
C THR H 69 11.30 -28.71 -0.66
N ALA H 70 11.64 -29.90 -1.15
CA ALA H 70 10.69 -31.02 -1.20
C ALA H 70 9.93 -31.19 0.11
N ASN H 71 10.66 -31.28 1.21
CA ASN H 71 10.07 -31.46 2.53
C ASN H 71 8.83 -30.59 2.73
N VAL H 72 9.07 -29.31 2.95
CA VAL H 72 8.01 -28.33 3.19
C VAL H 72 6.83 -28.47 2.24
N LEU H 73 7.12 -28.55 0.95
CA LEU H 73 6.09 -28.68 -0.08
C LEU H 73 5.18 -29.87 0.14
N ARG H 74 5.74 -31.08 0.07
CA ARG H 74 4.97 -32.30 0.23
C ARG H 74 4.33 -32.45 1.61
N ASP H 75 4.66 -31.57 2.54
CA ASP H 75 4.10 -31.67 3.88
C ASP H 75 2.94 -30.68 4.07
N MET H 76 2.99 -29.56 3.36
CA MET H 76 1.93 -28.56 3.45
C MET H 76 1.42 -28.20 2.05
N GLY H 77 2.34 -27.77 1.19
CA GLY H 77 1.97 -27.40 -0.16
C GLY H 77 1.15 -28.50 -0.79
N LEU H 78 1.57 -29.74 -0.54
CA LEU H 78 0.88 -30.92 -1.04
C LEU H 78 0.39 -30.76 -2.48
N GLN H 79 1.33 -30.48 -3.39
CA GLN H 79 0.99 -30.30 -4.79
C GLN H 79 1.77 -31.27 -5.67
N GLU H 80 1.14 -31.72 -6.75
CA GLU H 80 1.77 -32.66 -7.66
C GLU H 80 3.00 -32.00 -8.29
N MET H 81 2.98 -30.67 -8.31
CA MET H 81 4.10 -29.89 -8.86
C MET H 81 5.34 -30.08 -8.01
N ALA H 82 5.13 -30.43 -6.74
CA ALA H 82 6.24 -30.65 -5.82
C ALA H 82 7.24 -31.58 -6.51
N GLY H 83 6.72 -32.66 -7.08
CA GLY H 83 7.58 -33.60 -7.77
C GLY H 83 8.18 -32.96 -9.01
N GLN H 84 7.40 -32.09 -9.64
CA GLN H 84 7.84 -31.38 -10.85
C GLN H 84 9.25 -30.83 -10.63
N LEU H 85 9.48 -30.25 -9.46
CA LEU H 85 10.79 -29.69 -9.15
C LEU H 85 11.82 -30.81 -9.02
N GLN H 86 11.56 -31.79 -8.16
CA GLN H 86 12.47 -32.90 -7.96
C GLN H 86 12.97 -33.41 -9.31
N ALA H 87 12.09 -33.40 -10.30
CA ALA H 87 12.43 -33.84 -11.65
C ALA H 87 13.62 -33.06 -12.18
N ALA H 88 13.60 -31.75 -11.96
CA ALA H 88 14.68 -30.88 -12.42
C ALA H 88 15.71 -30.63 -11.32
N THR H 89 15.35 -30.91 -10.08
CA THR H 89 16.25 -30.72 -8.95
C THR H 89 17.56 -31.46 -9.13
N HIS H 90 17.47 -32.78 -9.18
CA HIS H 90 18.63 -33.64 -9.35
C HIS H 90 19.40 -33.26 -10.61
N GLN H 91 18.70 -33.31 -11.74
CA GLN H 91 19.26 -32.96 -13.04
C GLN H 91 18.41 -33.58 -14.16
N MET I 1 30.25 1.27 -32.32
CA MET I 1 28.91 1.84 -32.62
C MET I 1 28.04 1.90 -31.38
N GLY I 2 28.61 2.45 -30.30
CA GLY I 2 27.90 2.55 -29.04
C GLY I 2 26.39 2.60 -29.13
N ARG I 3 25.87 3.47 -29.99
CA ARG I 3 24.44 3.65 -30.18
C ARG I 3 23.55 2.44 -29.92
N ALA I 4 23.86 1.32 -30.57
CA ALA I 4 23.07 0.10 -30.39
C ALA I 4 22.83 -0.19 -28.91
N ARG I 5 23.64 0.42 -28.05
CA ARG I 5 23.52 0.25 -26.61
C ARG I 5 22.20 0.84 -26.16
N ASP I 6 21.87 2.00 -26.72
CA ASP I 6 20.63 2.69 -26.41
C ASP I 6 19.43 1.82 -26.70
N ALA I 7 19.44 1.18 -27.86
CA ALA I 7 18.34 0.32 -28.27
C ALA I 7 18.02 -0.66 -27.15
N ILE I 8 19.02 -0.97 -26.34
CA ILE I 8 18.85 -1.89 -25.22
C ILE I 8 18.07 -1.21 -24.12
N LEU I 9 18.27 0.10 -23.96
CA LEU I 9 17.57 0.89 -22.96
C LEU I 9 16.07 0.68 -23.17
N ASP I 10 15.67 0.65 -24.44
CA ASP I 10 14.28 0.48 -24.82
C ASP I 10 13.75 -0.89 -24.46
N ALA I 11 14.65 -1.85 -24.27
CA ALA I 11 14.26 -3.21 -23.92
C ALA I 11 13.61 -3.23 -22.53
N LEU I 12 14.23 -2.54 -21.59
CA LEU I 12 13.72 -2.48 -20.23
C LEU I 12 12.53 -1.54 -20.10
N GLU I 13 12.15 -0.93 -21.23
CA GLU I 13 11.03 0.00 -21.24
C GLU I 13 9.66 -0.63 -21.44
N ASN I 14 9.58 -1.59 -22.35
CA ASN I 14 8.31 -2.26 -22.62
C ASN I 14 7.90 -3.16 -21.46
N LEU I 15 8.85 -3.46 -20.58
CA LEU I 15 8.59 -4.32 -19.43
C LEU I 15 8.10 -3.53 -18.22
N THR I 16 7.25 -4.16 -17.42
CA THR I 16 6.68 -3.52 -16.23
C THR I 16 7.71 -3.40 -15.11
N ALA I 17 7.35 -2.66 -14.06
CA ALA I 17 8.24 -2.47 -12.92
C ALA I 17 8.33 -3.77 -12.14
N GLU I 18 7.24 -4.53 -12.14
CA GLU I 18 7.19 -5.81 -11.44
C GLU I 18 8.22 -6.75 -12.04
N GLU I 19 8.20 -6.83 -13.36
CA GLU I 19 9.12 -7.69 -14.11
C GLU I 19 10.58 -7.40 -13.76
N LEU I 20 10.95 -6.13 -13.77
CA LEU I 20 12.31 -5.69 -13.48
C LEU I 20 12.99 -6.47 -12.36
N LYS I 21 12.40 -6.46 -11.17
CA LYS I 21 12.99 -7.17 -10.03
C LYS I 21 13.39 -8.58 -10.43
N LYS I 22 12.50 -9.26 -11.15
CA LYS I 22 12.75 -10.63 -11.60
C LYS I 22 14.00 -10.73 -12.45
N PHE I 23 14.07 -9.93 -13.51
CA PHE I 23 15.22 -9.94 -14.41
C PHE I 23 16.52 -9.97 -13.63
N LYS I 24 16.56 -9.20 -12.55
CA LYS I 24 17.73 -9.13 -11.68
C LYS I 24 18.15 -10.52 -11.21
N LEU I 25 17.26 -11.19 -10.50
CA LEU I 25 17.53 -12.53 -9.97
C LEU I 25 18.10 -13.51 -11.00
N LYS I 26 17.54 -13.52 -12.19
CA LYS I 26 18.00 -14.45 -13.21
C LYS I 26 19.38 -14.12 -13.77
N LEU I 27 19.65 -12.83 -13.98
CA LEU I 27 20.91 -12.37 -14.54
C LEU I 27 22.14 -13.19 -14.09
N LEU I 28 22.28 -13.39 -12.79
CA LEU I 28 23.41 -14.13 -12.25
C LEU I 28 23.46 -15.61 -12.65
N SER I 29 22.28 -16.22 -12.78
CA SER I 29 22.18 -17.64 -13.11
C SER I 29 22.49 -18.04 -14.55
N VAL I 30 22.46 -17.09 -15.48
CA VAL I 30 22.69 -17.38 -16.89
C VAL I 30 24.11 -17.83 -17.23
N PRO I 31 24.26 -18.83 -18.12
CA PRO I 31 25.58 -19.33 -18.52
C PRO I 31 26.37 -18.22 -19.21
N LEU I 32 27.61 -18.01 -18.78
CA LEU I 32 28.44 -16.97 -19.36
C LEU I 32 29.51 -17.55 -20.28
N ARG I 33 30.22 -16.68 -20.97
CA ARG I 33 31.29 -17.10 -21.87
C ARG I 33 32.63 -16.97 -21.16
N GLU I 34 33.58 -17.81 -21.55
CA GLU I 34 34.91 -17.78 -20.97
C GLU I 34 35.54 -16.42 -21.27
N GLY I 35 36.45 -15.99 -20.41
CA GLY I 35 37.09 -14.70 -20.62
C GLY I 35 36.17 -13.57 -20.22
N TYR I 36 35.15 -13.91 -19.42
CA TYR I 36 34.18 -12.95 -18.94
C TYR I 36 33.78 -13.33 -17.52
N GLY I 37 33.07 -12.44 -16.83
CA GLY I 37 32.67 -12.75 -15.47
C GLY I 37 31.28 -12.27 -15.08
N ARG I 38 31.02 -12.23 -13.77
CA ARG I 38 29.75 -11.80 -13.25
C ARG I 38 29.88 -10.44 -12.57
N ILE I 39 28.74 -9.81 -12.31
CA ILE I 39 28.74 -8.50 -11.66
C ILE I 39 28.34 -8.62 -10.19
N PRO I 40 29.12 -8.00 -9.28
CA PRO I 40 28.80 -8.07 -7.85
C PRO I 40 27.38 -7.60 -7.56
N ARG I 41 26.66 -8.42 -6.80
CA ARG I 41 25.26 -8.18 -6.44
C ARG I 41 24.95 -6.84 -5.81
N GLY I 42 25.82 -6.38 -4.91
CA GLY I 42 25.60 -5.10 -4.24
C GLY I 42 24.91 -4.06 -5.09
N ALA I 43 25.64 -3.46 -6.01
CA ALA I 43 25.10 -2.44 -6.88
C ALA I 43 23.95 -2.97 -7.75
N LEU I 44 24.12 -4.18 -8.27
CA LEU I 44 23.10 -4.79 -9.13
C LEU I 44 21.66 -4.70 -8.64
N LEU I 45 21.42 -5.13 -7.40
CA LEU I 45 20.07 -5.07 -6.86
C LEU I 45 19.58 -3.64 -6.70
N SER I 46 20.51 -2.69 -6.75
CA SER I 46 20.16 -1.28 -6.64
C SER I 46 20.02 -0.72 -8.05
N MET I 47 21.11 -0.79 -8.80
CA MET I 47 21.15 -0.30 -10.18
C MET I 47 19.80 -0.45 -10.88
N ASP I 48 19.29 0.68 -11.38
CA ASP I 48 18.00 0.69 -12.08
C ASP I 48 18.12 0.14 -13.49
N ALA I 49 17.03 0.24 -14.24
CA ALA I 49 17.00 -0.23 -15.62
C ALA I 49 18.11 0.47 -16.40
N LEU I 50 18.36 1.73 -16.05
CA LEU I 50 19.39 2.51 -16.71
C LEU I 50 20.75 2.03 -16.24
N ASP I 51 20.88 1.86 -14.92
CA ASP I 51 22.14 1.39 -14.35
C ASP I 51 22.49 0.02 -14.94
N LEU I 52 21.46 -0.72 -15.36
CA LEU I 52 21.66 -2.03 -15.95
C LEU I 52 22.06 -1.92 -17.40
N THR I 53 22.30 -0.69 -17.86
CA THR I 53 22.71 -0.47 -19.24
C THR I 53 24.13 0.07 -19.24
N ASP I 54 24.35 1.15 -18.51
CA ASP I 54 25.67 1.77 -18.41
C ASP I 54 26.71 0.76 -17.95
N LYS I 55 26.42 0.08 -16.85
CA LYS I 55 27.33 -0.90 -16.29
C LYS I 55 27.34 -2.17 -17.14
N LEU I 56 26.16 -2.56 -17.60
CA LEU I 56 25.98 -3.75 -18.44
C LEU I 56 26.80 -3.64 -19.73
N VAL I 57 26.52 -2.58 -20.50
CA VAL I 57 27.20 -2.35 -21.76
C VAL I 57 28.72 -2.31 -21.60
N SER I 58 29.18 -1.65 -20.55
CA SER I 58 30.61 -1.53 -20.28
C SER I 58 31.18 -2.87 -19.83
N PHE I 59 30.47 -3.53 -18.91
CA PHE I 59 30.88 -4.82 -18.39
C PHE I 59 30.90 -5.91 -19.45
N TYR I 60 29.97 -5.83 -20.39
CA TYR I 60 29.89 -6.82 -21.45
C TYR I 60 30.12 -6.23 -22.84
N LEU I 61 30.80 -6.98 -23.70
CA LEU I 61 31.09 -6.56 -25.06
C LEU I 61 29.76 -6.18 -25.72
N GLU I 62 29.68 -4.99 -26.31
CA GLU I 62 28.44 -4.55 -26.94
C GLU I 62 27.87 -5.56 -27.92
N THR I 63 28.69 -6.00 -28.88
CA THR I 63 28.24 -6.99 -29.86
C THR I 63 27.76 -8.22 -29.09
N TYR I 64 28.53 -8.58 -28.08
CA TYR I 64 28.23 -9.73 -27.24
C TYR I 64 27.08 -9.43 -26.28
N GLY I 65 26.88 -8.15 -25.98
CA GLY I 65 25.82 -7.75 -25.08
C GLY I 65 24.48 -8.01 -25.72
N ALA I 66 24.38 -7.71 -27.02
CA ALA I 66 23.14 -7.91 -27.76
C ALA I 66 22.68 -9.35 -27.60
N GLU I 67 23.52 -10.29 -28.01
CA GLU I 67 23.19 -11.71 -27.91
C GLU I 67 22.79 -12.08 -26.49
N LEU I 68 23.63 -11.71 -25.53
CA LEU I 68 23.37 -12.00 -24.13
C LEU I 68 22.00 -11.48 -23.70
N THR I 69 21.65 -10.29 -24.19
CA THR I 69 20.37 -9.68 -23.88
C THR I 69 19.22 -10.60 -24.27
N ALA I 70 19.29 -11.12 -25.50
CA ALA I 70 18.26 -12.01 -26.02
C ALA I 70 17.98 -13.20 -25.12
N ASN I 71 19.05 -13.91 -24.73
CA ASN I 71 18.93 -15.08 -23.87
C ASN I 71 17.98 -14.87 -22.71
N VAL I 72 18.41 -14.08 -21.74
CA VAL I 72 17.65 -13.78 -20.54
C VAL I 72 16.19 -13.41 -20.83
N LEU I 73 16.01 -12.44 -21.72
CA LEU I 73 14.67 -11.97 -22.08
C LEU I 73 13.72 -13.08 -22.52
N ARG I 74 14.06 -13.76 -23.61
CA ARG I 74 13.20 -14.83 -24.10
C ARG I 74 13.05 -15.98 -23.11
N ASP I 75 14.03 -16.17 -22.24
CA ASP I 75 13.98 -17.26 -21.28
C ASP I 75 13.09 -16.95 -20.07
N MET I 76 13.04 -15.68 -19.69
CA MET I 76 12.21 -15.26 -18.56
C MET I 76 11.26 -14.12 -18.93
N GLY I 77 11.81 -13.07 -19.54
CA GLY I 77 11.00 -11.94 -19.95
C GLY I 77 9.83 -12.41 -20.79
N LEU I 78 10.09 -13.41 -21.63
CA LEU I 78 9.07 -14.00 -22.49
C LEU I 78 8.18 -12.94 -23.14
N GLN I 79 8.79 -12.05 -23.91
CA GLN I 79 8.04 -11.00 -24.57
C GLN I 79 8.33 -10.92 -26.06
N GLU I 80 7.35 -10.40 -26.80
CA GLU I 80 7.46 -10.25 -28.25
C GLU I 80 8.40 -9.08 -28.55
N MET I 81 8.60 -8.24 -27.54
CA MET I 81 9.47 -7.08 -27.67
C MET I 81 10.92 -7.56 -27.67
N ALA I 82 11.14 -8.72 -27.07
CA ALA I 82 12.48 -9.31 -27.01
C ALA I 82 13.08 -9.27 -28.41
N GLY I 83 12.39 -9.87 -29.35
CA GLY I 83 12.87 -9.90 -30.73
C GLY I 83 12.97 -8.49 -31.29
N GLN I 84 12.08 -7.61 -30.84
CA GLN I 84 12.07 -6.22 -31.29
C GLN I 84 13.47 -5.64 -31.24
N LEU I 85 14.19 -5.95 -30.16
CA LEU I 85 15.55 -5.47 -29.99
C LEU I 85 16.44 -6.08 -31.05
N GLN I 86 16.39 -7.42 -31.15
CA GLN I 86 17.20 -8.14 -32.13
C GLN I 86 17.08 -7.55 -33.53
N ALA I 87 15.87 -7.13 -33.90
CA ALA I 87 15.62 -6.55 -35.21
C ALA I 87 16.58 -5.39 -35.47
N ALA I 88 16.77 -4.54 -34.47
CA ALA I 88 17.66 -3.40 -34.59
C ALA I 88 19.06 -3.70 -34.06
N THR I 89 19.17 -4.70 -33.20
CA THR I 89 20.46 -5.07 -32.61
C THR I 89 21.53 -5.28 -33.68
N HIS I 90 21.31 -6.28 -34.53
CA HIS I 90 22.25 -6.59 -35.60
C HIS I 90 22.62 -5.30 -36.33
N GLN I 91 21.60 -4.59 -36.81
CA GLN I 91 21.73 -3.33 -37.52
C GLN I 91 20.54 -3.11 -38.45
N MET J 1 28.38 35.81 -28.11
CA MET J 1 27.06 36.10 -27.46
C MET J 1 26.74 35.07 -26.40
N GLY J 2 27.69 34.84 -25.50
CA GLY J 2 27.51 33.87 -24.43
C GLY J 2 26.08 33.70 -23.95
N ARG J 3 25.37 34.80 -23.75
CA ARG J 3 23.98 34.78 -23.28
C ARG J 3 23.15 33.56 -23.67
N ALA J 4 23.08 33.28 -24.96
CA ALA J 4 22.31 32.14 -25.44
C ALA J 4 22.63 30.88 -24.63
N ARG J 5 23.76 30.91 -23.93
CA ARG J 5 24.19 29.78 -23.11
C ARG J 5 23.22 29.62 -21.94
N ASP J 6 22.93 30.74 -21.28
CA ASP J 6 22.01 30.76 -20.16
C ASP J 6 20.66 30.18 -20.55
N ALA J 7 20.24 30.48 -21.76
CA ALA J 7 18.96 29.98 -22.26
C ALA J 7 18.95 28.46 -22.22
N ILE J 8 20.12 27.86 -22.41
CA ILE J 8 20.26 26.42 -22.39
C ILE J 8 20.14 25.92 -20.95
N LEU J 9 20.38 26.83 -20.01
CA LEU J 9 20.29 26.52 -18.59
C LEU J 9 18.83 26.19 -18.27
N ASP J 10 17.93 26.85 -18.99
CA ASP J 10 16.50 26.66 -18.78
C ASP J 10 15.99 25.39 -19.46
N ALA J 11 16.85 24.74 -20.23
CA ALA J 11 16.48 23.51 -20.89
C ALA J 11 16.32 22.43 -19.83
N LEU J 12 17.34 22.32 -18.98
CA LEU J 12 17.34 21.33 -17.90
C LEU J 12 16.40 21.71 -16.76
N GLU J 13 15.71 22.84 -16.91
CA GLU J 13 14.79 23.31 -15.87
C GLU J 13 13.38 22.74 -15.99
N ASN J 14 12.84 22.75 -17.21
CA ASN J 14 11.50 22.26 -17.45
C ASN J 14 11.41 20.74 -17.28
N LEU J 15 12.56 20.09 -17.16
CA LEU J 15 12.60 18.63 -17.01
C LEU J 15 12.63 18.23 -15.53
N THR J 16 12.13 17.03 -15.26
CA THR J 16 12.09 16.52 -13.89
C THR J 16 13.45 16.01 -13.45
N ALA J 17 13.60 15.77 -12.15
CA ALA J 17 14.87 15.28 -11.61
C ALA J 17 15.13 13.87 -12.13
N GLU J 18 14.07 13.07 -12.23
CA GLU J 18 14.15 11.71 -12.74
C GLU J 18 14.75 11.71 -14.14
N GLU J 19 14.22 12.57 -14.99
CA GLU J 19 14.66 12.70 -16.37
C GLU J 19 16.17 12.90 -16.44
N LEU J 20 16.67 13.86 -15.68
CA LEU J 20 18.08 14.21 -15.65
C LEU J 20 19.02 13.02 -15.83
N LYS J 21 18.94 12.03 -14.93
CA LYS J 21 19.81 10.87 -15.02
C LYS J 21 19.81 10.26 -16.42
N LYS J 22 18.65 10.17 -17.03
CA LYS J 22 18.53 9.61 -18.37
C LYS J 22 19.35 10.39 -19.38
N PHE J 23 19.17 11.71 -19.41
CA PHE J 23 19.89 12.57 -20.35
C PHE J 23 21.38 12.26 -20.35
N LYS J 24 21.94 12.05 -19.16
CA LYS J 24 23.35 11.74 -19.01
C LYS J 24 23.75 10.54 -19.88
N LEU J 25 23.19 9.38 -19.57
CA LEU J 25 23.48 8.16 -20.30
C LEU J 25 23.46 8.31 -21.81
N LYS J 26 22.47 9.03 -22.32
CA LYS J 26 22.34 9.22 -23.76
C LYS J 26 23.38 10.14 -24.39
N LEU J 27 23.77 11.19 -23.68
CA LEU J 27 24.75 12.15 -24.18
C LEU J 27 25.96 11.51 -24.86
N LEU J 28 26.51 10.47 -24.23
CA LEU J 28 27.68 9.78 -24.76
C LEU J 28 27.46 9.08 -26.10
N SER J 29 26.26 8.55 -26.31
CA SER J 29 25.93 7.82 -27.54
C SER J 29 25.67 8.66 -28.78
N VAL J 30 25.36 9.94 -28.60
CA VAL J 30 25.08 10.83 -29.72
C VAL J 30 26.19 10.99 -30.77
N PRO J 31 25.82 10.99 -32.06
CA PRO J 31 26.77 11.13 -33.17
C PRO J 31 27.34 12.55 -33.13
N LEU J 32 28.65 12.66 -32.92
CA LEU J 32 29.29 13.96 -32.84
C LEU J 32 29.88 14.41 -34.17
N ARG J 33 30.37 15.64 -34.20
CA ARG J 33 30.99 16.18 -35.40
C ARG J 33 32.49 15.92 -35.39
N GLU J 34 33.10 16.06 -36.54
CA GLU J 34 34.53 15.86 -36.68
C GLU J 34 35.22 17.11 -36.13
N GLY J 35 36.40 16.91 -35.53
CA GLY J 35 37.12 18.04 -34.96
C GLY J 35 36.59 18.33 -33.57
N TYR J 36 35.88 17.36 -33.01
CA TYR J 36 35.30 17.46 -31.67
C TYR J 36 35.36 16.11 -30.97
N GLY J 37 35.26 16.11 -29.66
CA GLY J 37 35.32 14.85 -28.93
C GLY J 37 34.24 14.66 -27.88
N ARG J 38 34.41 13.64 -27.05
CA ARG J 38 33.45 13.34 -26.00
C ARG J 38 34.01 13.74 -24.64
N ILE J 39 33.12 13.90 -23.66
CA ILE J 39 33.55 14.29 -22.33
C ILE J 39 33.68 13.08 -21.41
N PRO J 40 34.79 12.99 -20.66
CA PRO J 40 35.01 11.86 -19.74
C PRO J 40 33.90 11.74 -18.70
N ARG J 41 33.37 10.53 -18.59
CA ARG J 41 32.26 10.21 -17.68
C ARG J 41 32.45 10.64 -16.22
N GLY J 42 33.62 10.34 -15.67
CA GLY J 42 33.90 10.69 -14.28
C GLY J 42 33.13 11.88 -13.72
N ALA J 43 33.38 13.06 -14.28
CA ALA J 43 32.70 14.26 -13.83
C ALA J 43 31.27 14.34 -14.36
N LEU J 44 31.08 13.94 -15.61
CA LEU J 44 29.77 13.98 -16.24
C LEU J 44 28.62 13.35 -15.44
N LEU J 45 28.87 12.22 -14.79
CA LEU J 45 27.83 11.58 -14.00
C LEU J 45 27.50 12.36 -12.74
N SER J 46 28.48 13.13 -12.24
CA SER J 46 28.26 13.94 -11.05
C SER J 46 27.73 15.30 -11.48
N MET J 47 28.50 15.99 -12.32
CA MET J 47 28.13 17.30 -12.83
C MET J 47 26.62 17.48 -12.92
N ASP J 48 26.09 18.45 -12.20
CA ASP J 48 24.66 18.73 -12.20
C ASP J 48 24.22 19.39 -13.50
N ALA J 49 22.96 19.78 -13.54
CA ALA J 49 22.39 20.44 -14.71
C ALA J 49 23.19 21.70 -14.98
N LEU J 50 23.69 22.32 -13.91
CA LEU J 50 24.47 23.55 -14.03
C LEU J 50 25.89 23.21 -14.46
N ASP J 51 26.36 22.03 -14.07
CA ASP J 51 27.70 21.61 -14.43
C ASP J 51 27.68 21.17 -15.88
N LEU J 52 26.52 20.69 -16.34
CA LEU J 52 26.36 20.24 -17.71
C LEU J 52 26.21 21.45 -18.62
N THR J 53 26.27 22.65 -18.03
CA THR J 53 26.15 23.87 -18.81
C THR J 53 27.51 24.55 -18.95
N ASP J 54 28.17 24.81 -17.83
CA ASP J 54 29.48 25.44 -17.85
C ASP J 54 30.48 24.61 -18.64
N LYS J 55 30.51 23.30 -18.37
CA LYS J 55 31.44 22.42 -19.05
C LYS J 55 30.99 22.15 -20.49
N LEU J 56 29.69 21.98 -20.66
CA LEU J 56 29.13 21.71 -21.99
C LEU J 56 29.45 22.86 -22.92
N VAL J 57 28.91 24.04 -22.61
CA VAL J 57 29.11 25.24 -23.42
C VAL J 57 30.56 25.49 -23.79
N SER J 58 31.47 25.25 -22.84
CA SER J 58 32.89 25.46 -23.08
C SER J 58 33.44 24.35 -23.96
N PHE J 59 33.04 23.12 -23.65
CA PHE J 59 33.49 21.95 -24.39
C PHE J 59 32.98 21.96 -25.83
N TYR J 60 31.75 22.45 -26.03
CA TYR J 60 31.17 22.52 -27.36
C TYR J 60 30.94 23.95 -27.80
N LEU J 61 31.07 24.18 -29.10
CA LEU J 61 30.87 25.50 -29.69
C LEU J 61 29.48 25.98 -29.26
N GLU J 62 29.32 27.27 -28.96
CA GLU J 62 28.03 27.77 -28.53
C GLU J 62 26.99 27.66 -29.64
N THR J 63 27.35 28.08 -30.85
CA THR J 63 26.45 28.00 -31.99
C THR J 63 26.15 26.52 -32.25
N TYR J 64 27.21 25.73 -32.23
CA TYR J 64 27.12 24.29 -32.46
C TYR J 64 26.49 23.59 -31.25
N GLY J 65 26.59 24.23 -30.09
CA GLY J 65 26.02 23.66 -28.88
C GLY J 65 24.51 23.64 -28.94
N ALA J 66 23.92 24.75 -29.36
CA ALA J 66 22.48 24.88 -29.48
C ALA J 66 21.93 23.72 -30.30
N GLU J 67 22.54 23.47 -31.45
CA GLU J 67 22.12 22.40 -32.34
C GLU J 67 22.22 21.06 -31.62
N LEU J 68 23.41 20.78 -31.09
CA LEU J 68 23.67 19.54 -30.37
C LEU J 68 22.60 19.31 -29.31
N THR J 69 22.20 20.38 -28.66
CA THR J 69 21.18 20.33 -27.61
C THR J 69 19.88 19.73 -28.13
N ALA J 70 19.33 20.34 -29.17
CA ALA J 70 18.08 19.89 -29.78
C ALA J 70 18.06 18.39 -30.02
N ASN J 71 19.12 17.89 -30.65
CA ASN J 71 19.25 16.47 -30.96
C ASN J 71 18.88 15.58 -29.78
N VAL J 72 19.73 15.58 -28.76
CA VAL J 72 19.53 14.76 -27.57
C VAL J 72 18.12 14.88 -27.00
N LEU J 73 17.63 16.10 -26.89
CA LEU J 73 16.30 16.36 -26.35
C LEU J 73 15.17 15.72 -27.16
N ARG J 74 15.03 16.15 -28.41
CA ARG J 74 13.98 15.62 -29.27
C ARG J 74 14.07 14.12 -29.51
N ASP J 75 15.16 13.51 -29.06
CA ASP J 75 15.33 12.07 -29.27
C ASP J 75 15.00 11.27 -28.01
N MET J 76 15.28 11.85 -26.84
CA MET J 76 14.99 11.18 -25.58
C MET J 76 14.14 12.06 -24.68
N GLY J 77 14.57 13.30 -24.50
CA GLY J 77 13.82 14.23 -23.67
C GLY J 77 12.39 14.31 -24.14
N LEU J 78 12.22 14.29 -25.46
CA LEU J 78 10.92 14.33 -26.11
C LEU J 78 9.95 15.27 -25.42
N GLN J 79 10.30 16.55 -25.36
CA GLN J 79 9.46 17.55 -24.72
C GLN J 79 9.19 18.73 -25.64
N GLU J 80 7.99 19.27 -25.54
CA GLU J 80 7.59 20.41 -26.36
C GLU J 80 8.49 21.59 -26.01
N MET J 81 9.09 21.54 -24.82
CA MET J 81 9.99 22.59 -24.36
C MET J 81 11.24 22.59 -25.22
N ALA J 82 11.59 21.41 -25.73
CA ALA J 82 12.77 21.27 -26.59
C ALA J 82 12.78 22.40 -27.61
N GLY J 83 11.68 22.54 -28.33
CA GLY J 83 11.58 23.58 -29.33
C GLY J 83 11.64 24.96 -28.70
N GLN J 84 11.12 25.05 -27.48
CA GLN J 84 11.12 26.31 -26.72
C GLN J 84 12.51 26.92 -26.76
N LEU J 85 13.53 26.09 -26.56
CA LEU J 85 14.90 26.56 -26.57
C LEU J 85 15.26 27.03 -27.99
N GLN J 86 15.04 26.18 -28.98
CA GLN J 86 15.35 26.51 -30.36
C GLN J 86 14.86 27.90 -30.73
N ALA J 87 13.59 28.17 -30.45
CA ALA J 87 12.99 29.47 -30.76
C ALA J 87 13.87 30.62 -30.26
N ALA J 88 14.52 30.41 -29.12
CA ALA J 88 15.39 31.42 -28.56
C ALA J 88 16.84 31.19 -28.96
N THR J 89 17.22 29.91 -29.11
CA THR J 89 18.58 29.55 -29.49
C THR J 89 19.06 30.39 -30.67
N HIS J 90 18.37 30.28 -31.80
CA HIS J 90 18.72 31.03 -32.99
C HIS J 90 18.94 32.49 -32.60
N GLN J 91 17.84 33.17 -32.28
CA GLN J 91 17.87 34.57 -31.85
C GLN J 91 16.44 35.11 -31.82
N MET K 1 0.43 -34.35 -19.12
CA MET K 1 -0.73 -34.15 -20.04
C MET K 1 -1.89 -33.50 -19.31
N GLY K 2 -1.60 -32.37 -18.66
CA GLY K 2 -2.61 -31.65 -17.90
C GLY K 2 -3.95 -31.46 -18.61
N ARG K 3 -3.99 -31.75 -19.90
CA ARG K 3 -5.23 -31.60 -20.66
C ARG K 3 -6.38 -32.40 -20.08
N ALA K 4 -6.14 -33.69 -19.86
CA ALA K 4 -7.16 -34.58 -19.30
C ALA K 4 -7.80 -33.98 -18.06
N ARG K 5 -7.17 -32.94 -17.50
CA ARG K 5 -7.70 -32.27 -16.32
C ARG K 5 -9.02 -31.62 -16.67
N ASP K 6 -9.06 -31.00 -17.85
CA ASP K 6 -10.26 -30.33 -18.34
C ASP K 6 -11.46 -31.26 -18.35
N ALA K 7 -11.28 -32.43 -18.94
CA ALA K 7 -12.35 -33.41 -19.03
C ALA K 7 -13.02 -33.57 -17.67
N ILE K 8 -12.26 -33.36 -16.62
CA ILE K 8 -12.78 -33.48 -15.26
C ILE K 8 -13.71 -32.31 -14.99
N LEU K 9 -13.32 -31.13 -15.48
CA LEU K 9 -14.12 -29.92 -15.33
C LEU K 9 -15.55 -30.21 -15.77
N ASP K 10 -15.68 -31.04 -16.79
CA ASP K 10 -16.99 -31.39 -17.34
C ASP K 10 -17.71 -32.44 -16.52
N ALA K 11 -17.02 -33.04 -15.56
CA ALA K 11 -17.64 -34.04 -14.70
C ALA K 11 -18.66 -33.32 -13.83
N LEU K 12 -18.26 -32.16 -13.30
CA LEU K 12 -19.12 -31.36 -12.43
C LEU K 12 -20.16 -30.58 -13.23
N GLU K 13 -20.13 -30.72 -14.55
CA GLU K 13 -21.07 -30.01 -15.41
C GLU K 13 -22.39 -30.75 -15.61
N ASN K 14 -22.33 -32.05 -15.81
CA ASN K 14 -23.53 -32.85 -16.01
C ASN K 14 -24.36 -32.93 -14.73
N LEU K 15 -23.74 -32.60 -13.61
CA LEU K 15 -24.42 -32.64 -12.32
C LEU K 15 -25.12 -31.33 -11.97
N THR K 16 -26.21 -31.44 -11.22
CA THR K 16 -26.99 -30.28 -10.81
C THR K 16 -26.31 -29.49 -9.69
N ALA K 17 -26.85 -28.32 -9.38
CA ALA K 17 -26.29 -27.48 -8.33
C ALA K 17 -26.51 -28.13 -6.97
N GLU K 18 -27.63 -28.81 -6.83
CA GLU K 18 -27.97 -29.50 -5.59
C GLU K 18 -26.95 -30.60 -5.34
N GLU K 19 -26.66 -31.36 -6.39
CA GLU K 19 -25.69 -32.45 -6.32
C GLU K 19 -24.37 -31.96 -5.74
N LEU K 20 -23.87 -30.86 -6.31
CA LEU K 20 -22.61 -30.27 -5.89
C LEU K 20 -22.38 -30.30 -4.39
N LYS K 21 -23.26 -29.65 -3.64
CA LYS K 21 -23.12 -29.62 -2.19
C LYS K 21 -22.81 -30.99 -1.61
N LYS K 22 -23.57 -31.99 -2.04
CA LYS K 22 -23.40 -33.35 -1.58
C LYS K 22 -21.99 -33.88 -1.83
N PHE K 23 -21.51 -33.71 -3.06
CA PHE K 23 -20.17 -34.17 -3.45
C PHE K 23 -19.13 -33.71 -2.44
N LYS K 24 -19.23 -32.44 -2.05
CA LYS K 24 -18.31 -31.85 -1.08
C LYS K 24 -18.19 -32.71 0.17
N LEU K 25 -19.31 -32.84 0.88
CA LEU K 25 -19.37 -33.62 2.12
C LEU K 25 -18.68 -34.97 2.06
N LYS K 26 -19.03 -35.77 1.06
CA LYS K 26 -18.47 -37.10 0.91
C LYS K 26 -16.97 -37.10 0.61
N LEU K 27 -16.49 -36.10 -0.11
CA LEU K 27 -15.09 -36.00 -0.48
C LEU K 27 -14.14 -36.32 0.68
N LEU K 28 -14.47 -35.84 1.87
CA LEU K 28 -13.66 -36.08 3.05
C LEU K 28 -13.60 -37.55 3.47
N SER K 29 -14.76 -38.20 3.46
CA SER K 29 -14.89 -39.59 3.88
C SER K 29 -14.17 -40.67 3.07
N VAL K 30 -14.00 -40.44 1.77
CA VAL K 30 -13.36 -41.43 0.90
C VAL K 30 -11.97 -41.88 1.31
N PRO K 31 -11.66 -43.18 1.13
CA PRO K 31 -10.35 -43.75 1.47
C PRO K 31 -9.28 -43.17 0.55
N LEU K 32 -8.19 -42.70 1.14
CA LEU K 32 -7.11 -42.09 0.37
C LEU K 32 -5.91 -43.00 0.21
N ARG K 33 -4.88 -42.50 -0.47
CA ARG K 33 -3.65 -43.25 -0.68
C ARG K 33 -2.56 -42.68 0.21
N GLU K 34 -1.67 -43.56 0.66
CA GLU K 34 -0.56 -43.15 1.50
C GLU K 34 0.29 -42.17 0.70
N GLY K 35 0.96 -41.25 1.39
CA GLY K 35 1.78 -40.27 0.70
C GLY K 35 0.92 -39.16 0.13
N TYR K 36 -0.28 -39.02 0.68
CA TYR K 36 -1.25 -38.01 0.27
C TYR K 36 -2.12 -37.65 1.47
N GLY K 37 -2.69 -36.45 1.46
CA GLY K 37 -3.53 -36.03 2.56
C GLY K 37 -4.85 -35.44 2.10
N ARG K 38 -5.60 -34.88 3.04
CA ARG K 38 -6.90 -34.27 2.73
C ARG K 38 -6.76 -32.76 2.59
N ILE K 39 -7.81 -32.13 2.08
CA ILE K 39 -7.81 -30.69 1.89
C ILE K 39 -8.64 -29.99 2.96
N PRO K 40 -8.09 -28.94 3.58
CA PRO K 40 -8.81 -28.19 4.63
C PRO K 40 -10.20 -27.76 4.17
N ARG K 41 -11.19 -28.04 5.01
CA ARG K 41 -12.59 -27.72 4.71
C ARG K 41 -12.89 -26.28 4.36
N GLY K 42 -12.23 -25.34 5.05
CA GLY K 42 -12.45 -23.93 4.80
C GLY K 42 -12.71 -23.61 3.34
N ALA K 43 -11.65 -23.65 2.54
CA ALA K 43 -11.74 -23.35 1.12
C ALA K 43 -12.70 -24.31 0.41
N LEU K 44 -12.57 -25.60 0.69
CA LEU K 44 -13.40 -26.62 0.05
C LEU K 44 -14.90 -26.33 0.02
N LEU K 45 -15.49 -25.98 1.16
CA LEU K 45 -16.92 -25.69 1.17
C LEU K 45 -17.26 -24.49 0.29
N SER K 46 -16.33 -23.57 0.15
CA SER K 46 -16.54 -22.40 -0.69
C SER K 46 -16.23 -22.81 -2.13
N MET K 47 -14.95 -23.00 -2.41
CA MET K 47 -14.48 -23.40 -3.73
C MET K 47 -15.58 -24.03 -4.58
N ASP K 48 -15.87 -23.40 -5.72
CA ASP K 48 -16.90 -23.90 -6.62
C ASP K 48 -16.44 -25.11 -7.41
N ALA K 49 -17.28 -25.56 -8.34
CA ALA K 49 -16.96 -26.72 -9.16
C ALA K 49 -15.60 -26.50 -9.82
N LEU K 50 -15.35 -25.27 -10.24
CA LEU K 50 -14.09 -24.91 -10.88
C LEU K 50 -12.96 -24.95 -9.86
N ASP K 51 -13.20 -24.34 -8.71
CA ASP K 51 -12.20 -24.33 -7.65
C ASP K 51 -11.89 -25.76 -7.22
N LEU K 52 -12.85 -26.65 -7.40
CA LEU K 52 -12.68 -28.05 -7.04
C LEU K 52 -11.84 -28.75 -8.11
N THR K 53 -11.43 -28.01 -9.13
CA THR K 53 -10.61 -28.58 -10.18
C THR K 53 -9.18 -28.08 -10.09
N ASP K 54 -9.02 -26.75 -10.16
CA ASP K 54 -7.69 -26.14 -10.07
C ASP K 54 -6.93 -26.65 -8.86
N LYS K 55 -7.57 -26.62 -7.70
CA LYS K 55 -6.93 -27.07 -6.48
C LYS K 55 -6.85 -28.59 -6.45
N LEU K 56 -7.95 -29.23 -6.82
CA LEU K 56 -8.04 -30.69 -6.85
C LEU K 56 -6.87 -31.26 -7.66
N VAL K 57 -6.84 -30.92 -8.94
CA VAL K 57 -5.81 -31.38 -9.86
C VAL K 57 -4.39 -31.11 -9.37
N SER K 58 -4.21 -30.00 -8.67
CA SER K 58 -2.89 -29.64 -8.15
C SER K 58 -2.58 -30.48 -6.91
N PHE K 59 -3.54 -30.53 -6.00
CA PHE K 59 -3.41 -31.29 -4.76
C PHE K 59 -3.17 -32.76 -5.07
N TYR K 60 -4.01 -33.34 -5.93
CA TYR K 60 -3.89 -34.75 -6.30
C TYR K 60 -3.25 -34.94 -7.68
N LEU K 61 -2.52 -36.04 -7.82
CA LEU K 61 -1.87 -36.37 -9.08
C LEU K 61 -2.93 -36.39 -10.17
N GLU K 62 -2.57 -36.03 -11.40
CA GLU K 62 -3.56 -36.03 -12.48
C GLU K 62 -3.90 -37.46 -12.86
N THR K 63 -2.89 -38.30 -13.02
CA THR K 63 -3.11 -39.71 -13.35
C THR K 63 -3.92 -40.31 -12.21
N TYR K 64 -3.48 -40.06 -11.00
CA TYR K 64 -4.14 -40.56 -9.79
C TYR K 64 -5.45 -39.84 -9.54
N GLY K 65 -5.54 -38.59 -9.98
CA GLY K 65 -6.74 -37.82 -9.80
C GLY K 65 -7.91 -38.42 -10.55
N ALA K 66 -7.65 -38.83 -11.79
CA ALA K 66 -8.68 -39.43 -12.63
C ALA K 66 -9.34 -40.58 -11.87
N GLU K 67 -8.52 -41.46 -11.31
CA GLU K 67 -9.01 -42.60 -10.55
C GLU K 67 -9.85 -42.14 -9.36
N LEU K 68 -9.26 -41.33 -8.51
CA LEU K 68 -9.95 -40.82 -7.32
C LEU K 68 -11.30 -40.26 -7.73
N THR K 69 -11.34 -39.67 -8.92
CA THR K 69 -12.55 -39.09 -9.48
C THR K 69 -13.66 -40.14 -9.57
N ALA K 70 -13.41 -41.18 -10.36
CA ALA K 70 -14.36 -42.26 -10.58
C ALA K 70 -14.99 -42.74 -9.27
N ASN K 71 -14.15 -43.01 -8.28
CA ASN K 71 -14.60 -43.49 -6.98
C ASN K 71 -15.79 -42.71 -6.43
N VAL K 72 -15.52 -41.51 -5.95
CA VAL K 72 -16.54 -40.65 -5.37
C VAL K 72 -17.82 -40.57 -6.20
N LEU K 73 -17.67 -40.38 -7.50
CA LEU K 73 -18.82 -40.29 -8.39
C LEU K 73 -19.70 -41.53 -8.37
N ARG K 74 -19.17 -42.66 -8.80
CA ARG K 74 -19.93 -43.90 -8.84
C ARG K 74 -20.43 -44.33 -7.46
N ASP K 75 -19.96 -43.66 -6.41
CA ASP K 75 -20.37 -44.00 -5.06
C ASP K 75 -21.53 -43.13 -4.58
N MET K 76 -21.52 -41.86 -4.98
CA MET K 76 -22.59 -40.94 -4.59
C MET K 76 -23.27 -40.33 -5.80
N GLY K 77 -22.47 -39.75 -6.69
CA GLY K 77 -23.03 -39.14 -7.89
C GLY K 77 -23.92 -40.12 -8.62
N LEU K 78 -23.46 -41.37 -8.69
CA LEU K 78 -24.19 -42.45 -9.35
C LEU K 78 -24.79 -41.98 -10.68
N GLN K 79 -23.93 -41.49 -11.56
CA GLN K 79 -24.37 -41.00 -12.86
C GLN K 79 -23.69 -41.73 -14.01
N GLU K 80 -24.43 -41.91 -15.10
CA GLU K 80 -23.91 -42.59 -16.28
C GLU K 80 -22.76 -41.78 -16.86
N MET K 81 -22.70 -40.51 -16.49
CA MET K 81 -21.64 -39.62 -16.97
C MET K 81 -20.34 -39.93 -16.24
N ALA K 82 -20.45 -40.51 -15.05
CA ALA K 82 -19.28 -40.86 -14.27
C ALA K 82 -18.34 -41.65 -15.17
N GLY K 83 -18.90 -42.63 -15.87
CA GLY K 83 -18.12 -43.45 -16.78
C GLY K 83 -17.71 -42.64 -17.99
N GLN K 84 -18.51 -41.64 -18.33
CA GLN K 84 -18.24 -40.77 -19.47
C GLN K 84 -16.83 -40.19 -19.33
N LEU K 85 -16.46 -39.87 -18.10
CA LEU K 85 -15.14 -39.30 -17.84
C LEU K 85 -14.08 -40.37 -18.08
N GLN K 86 -14.24 -41.53 -17.45
CA GLN K 86 -13.29 -42.63 -17.61
C GLN K 86 -13.00 -42.84 -19.09
N ALA K 87 -14.03 -42.67 -19.91
CA ALA K 87 -13.92 -42.82 -21.35
C ALA K 87 -12.72 -42.04 -21.87
N ALA K 88 -12.63 -40.78 -21.45
CA ALA K 88 -11.55 -39.90 -21.86
C ALA K 88 -10.39 -39.88 -20.86
N THR K 89 -10.68 -40.21 -19.61
CA THR K 89 -9.65 -40.21 -18.57
C THR K 89 -8.41 -40.96 -19.02
N HIS K 90 -8.58 -42.25 -19.30
CA HIS K 90 -7.48 -43.09 -19.73
C HIS K 90 -6.81 -42.46 -20.96
N GLN K 91 -7.60 -42.24 -22.01
CA GLN K 91 -7.16 -41.63 -23.25
C GLN K 91 -8.11 -41.96 -24.38
N MET L 1 1.42 -3.69 -36.04
CA MET L 1 0.08 -3.07 -35.95
C MET L 1 -0.58 -3.36 -34.60
N GLY L 2 0.12 -3.00 -33.52
CA GLY L 2 -0.39 -3.23 -32.18
C GLY L 2 -1.88 -2.99 -31.99
N ARG L 3 -2.45 -2.08 -32.76
CA ARG L 3 -3.87 -1.74 -32.65
C ARG L 3 -4.80 -2.94 -32.57
N ALA L 4 -4.57 -3.94 -33.43
CA ALA L 4 -5.40 -5.14 -33.43
C ALA L 4 -5.46 -5.76 -32.04
N ARG L 5 -4.55 -5.34 -31.17
CA ARG L 5 -4.50 -5.86 -29.80
C ARG L 5 -5.76 -5.42 -29.05
N ASP L 6 -6.16 -4.18 -29.28
CA ASP L 6 -7.35 -3.62 -28.64
C ASP L 6 -8.58 -4.46 -28.95
N ALA L 7 -8.74 -4.81 -30.22
CA ALA L 7 -9.87 -5.60 -30.66
C ALA L 7 -10.03 -6.83 -29.77
N ILE L 8 -8.92 -7.28 -29.21
CA ILE L 8 -8.92 -8.45 -28.34
C ILE L 8 -9.51 -8.06 -26.98
N LEU L 9 -9.27 -6.80 -26.60
CA LEU L 9 -9.78 -6.27 -25.34
C LEU L 9 -11.29 -6.42 -25.33
N ASP L 10 -11.89 -6.19 -26.50
CA ASP L 10 -13.34 -6.28 -26.66
C ASP L 10 -13.84 -7.72 -26.62
N ALA L 11 -12.93 -8.67 -26.72
CA ALA L 11 -13.30 -10.08 -26.67
C ALA L 11 -13.84 -10.42 -25.30
N LEU L 12 -13.13 -9.98 -24.27
CA LEU L 12 -13.52 -10.23 -22.89
C LEU L 12 -14.73 -9.40 -22.45
N GLU L 13 -15.14 -8.47 -23.30
CA GLU L 13 -16.28 -7.61 -22.99
C GLU L 13 -17.63 -8.28 -23.17
N ASN L 14 -17.86 -8.88 -24.34
CA ASN L 14 -19.13 -9.54 -24.62
C ASN L 14 -19.42 -10.72 -23.69
N LEU L 15 -18.41 -11.15 -22.94
CA LEU L 15 -18.57 -12.27 -22.02
C LEU L 15 -18.91 -11.80 -20.61
N THR L 16 -19.73 -12.58 -19.90
CA THR L 16 -20.15 -12.25 -18.54
C THR L 16 -19.00 -12.34 -17.55
N ALA L 17 -19.24 -11.85 -16.33
CA ALA L 17 -18.23 -11.88 -15.28
C ALA L 17 -17.99 -13.30 -14.84
N GLU L 18 -19.06 -14.10 -14.86
CA GLU L 18 -18.99 -15.51 -14.47
C GLU L 18 -18.03 -16.23 -15.41
N GLU L 19 -18.19 -15.98 -16.71
CA GLU L 19 -17.37 -16.59 -17.74
C GLU L 19 -15.89 -16.36 -17.48
N LEU L 20 -15.51 -15.11 -17.24
CA LEU L 20 -14.12 -14.73 -17.01
C LEU L 20 -13.33 -15.74 -16.17
N LYS L 21 -13.86 -16.11 -15.01
CA LYS L 21 -13.16 -17.08 -14.14
C LYS L 21 -12.82 -18.34 -14.91
N LYS L 22 -13.78 -18.86 -15.66
CA LYS L 22 -13.60 -20.08 -16.45
C LYS L 22 -12.42 -19.97 -17.42
N PHE L 23 -12.38 -18.88 -18.17
CA PHE L 23 -11.32 -18.66 -19.15
C PHE L 23 -9.94 -18.85 -18.54
N LYS L 24 -9.75 -18.27 -17.35
CA LYS L 24 -8.48 -18.36 -16.63
C LYS L 24 -8.00 -19.80 -16.51
N LEU L 25 -8.85 -20.65 -15.92
CA LEU L 25 -8.54 -22.05 -15.72
C LEU L 25 -8.12 -22.80 -16.98
N LYS L 26 -8.93 -22.68 -18.02
CA LYS L 26 -8.64 -23.38 -19.27
C LYS L 26 -7.42 -22.87 -20.02
N LEU L 27 -7.01 -21.63 -19.75
CA LEU L 27 -5.86 -21.04 -20.43
C LEU L 27 -4.60 -21.90 -20.33
N LEU L 28 -4.31 -22.36 -19.11
CA LEU L 28 -3.14 -23.19 -18.85
C LEU L 28 -3.10 -24.47 -19.71
N SER L 29 -4.22 -25.17 -19.72
CA SER L 29 -4.36 -26.44 -20.43
C SER L 29 -4.15 -26.47 -21.94
N VAL L 30 -4.36 -25.35 -22.62
CA VAL L 30 -4.22 -25.30 -24.08
C VAL L 30 -2.85 -25.69 -24.64
N PRO L 31 -2.85 -26.43 -25.77
CA PRO L 31 -1.61 -26.87 -26.44
C PRO L 31 -0.87 -25.64 -26.98
N LEU L 32 0.38 -25.47 -26.60
CA LEU L 32 1.15 -24.32 -27.04
C LEU L 32 2.13 -24.59 -28.17
N ARG L 33 2.86 -23.54 -28.54
CA ARG L 33 3.86 -23.61 -29.60
C ARG L 33 5.25 -23.54 -28.96
N GLU L 34 6.26 -23.95 -29.72
CA GLU L 34 7.64 -23.94 -29.26
C GLU L 34 8.18 -22.53 -29.07
N GLY L 35 9.39 -22.43 -28.54
CA GLY L 35 10.01 -21.13 -28.31
C GLY L 35 9.21 -20.23 -27.39
N TYR L 36 8.04 -20.70 -26.97
CA TYR L 36 7.18 -19.94 -26.08
C TYR L 36 6.99 -20.71 -24.77
N GLY L 37 6.06 -20.25 -23.95
CA GLY L 37 5.81 -20.92 -22.69
C GLY L 37 4.49 -20.50 -22.08
N ARG L 38 4.26 -20.90 -20.84
CA ARG L 38 3.05 -20.54 -20.14
C ARG L 38 3.32 -19.37 -19.20
N ILE L 39 2.26 -18.75 -18.70
CA ILE L 39 2.39 -17.61 -17.81
C ILE L 39 2.14 -18.04 -16.36
N PRO L 40 3.03 -17.63 -15.44
CA PRO L 40 2.88 -17.97 -14.01
C PRO L 40 1.50 -17.66 -13.44
N ARG L 41 0.90 -18.65 -12.81
CA ARG L 41 -0.44 -18.55 -12.23
C ARG L 41 -0.64 -17.35 -11.30
N GLY L 42 0.33 -17.11 -10.44
CA GLY L 42 0.24 -16.00 -9.49
C GLY L 42 -0.57 -14.82 -10.01
N ALA L 43 0.07 -14.01 -10.84
CA ALA L 43 -0.59 -12.84 -11.41
C ALA L 43 -1.83 -13.22 -12.21
N LEU L 44 -1.68 -14.18 -13.11
CA LEU L 44 -2.78 -14.62 -13.97
C LEU L 44 -4.15 -14.78 -13.31
N LEU L 45 -4.19 -15.36 -12.12
CA LEU L 45 -5.47 -15.54 -11.45
C LEU L 45 -6.07 -14.19 -11.05
N SER L 46 -5.21 -13.23 -10.73
CA SER L 46 -5.65 -11.90 -10.36
C SER L 46 -5.94 -11.12 -11.64
N MET L 47 -4.88 -10.88 -12.41
CA MET L 47 -4.97 -10.15 -13.66
C MET L 47 -6.36 -10.18 -14.27
N ASP L 48 -7.01 -9.03 -14.32
CA ASP L 48 -8.35 -8.90 -14.88
C ASP L 48 -8.36 -9.08 -16.39
N ALA L 49 -9.52 -8.83 -16.99
CA ALA L 49 -9.66 -8.96 -18.44
C ALA L 49 -8.62 -8.08 -19.13
N LEU L 50 -8.42 -6.88 -18.57
CA LEU L 50 -7.45 -5.95 -19.13
C LEU L 50 -6.05 -6.50 -18.92
N ASP L 51 -5.77 -6.93 -17.69
CA ASP L 51 -4.48 -7.48 -17.35
C ASP L 51 -4.15 -8.66 -18.26
N LEU L 52 -5.20 -9.36 -18.70
CA LEU L 52 -5.04 -10.50 -19.57
C LEU L 52 -4.80 -10.05 -21.00
N THR L 53 -4.77 -8.73 -21.21
CA THR L 53 -4.53 -8.19 -22.54
C THR L 53 -3.15 -7.56 -22.63
N ASP L 54 -2.80 -6.77 -21.61
CA ASP L 54 -1.49 -6.12 -21.59
C ASP L 54 -0.36 -7.13 -21.48
N LYS L 55 -0.53 -8.10 -20.58
CA LYS L 55 0.48 -9.13 -20.38
C LYS L 55 0.41 -10.18 -21.47
N LEU L 56 -0.82 -10.53 -21.86
CA LEU L 56 -1.05 -11.53 -22.90
C LEU L 56 -0.37 -11.12 -24.19
N VAL L 57 -0.81 -10.00 -24.76
CA VAL L 57 -0.27 -9.48 -26.01
C VAL L 57 1.25 -9.37 -25.97
N SER L 58 1.79 -8.96 -24.83
CA SER L 58 3.23 -8.83 -24.68
C SER L 58 3.87 -10.21 -24.67
N PHE L 59 3.33 -11.08 -23.83
CA PHE L 59 3.81 -12.44 -23.69
C PHE L 59 3.76 -13.17 -25.04
N TYR L 60 2.57 -13.20 -25.63
CA TYR L 60 2.39 -13.88 -26.91
C TYR L 60 2.43 -12.94 -28.11
N LEU L 61 2.92 -13.46 -29.22
CA LEU L 61 3.00 -12.71 -30.48
C LEU L 61 1.61 -12.16 -30.75
N GLU L 62 1.52 -11.00 -31.39
CA GLU L 62 0.20 -10.44 -31.69
C GLU L 62 -0.45 -11.24 -32.80
N THR L 63 0.29 -11.48 -33.87
CA THR L 63 -0.22 -12.27 -34.99
C THR L 63 -0.64 -13.61 -34.42
N TYR L 64 0.29 -14.23 -33.70
CA TYR L 64 0.07 -15.53 -33.07
C TYR L 64 -0.93 -15.43 -31.92
N GLY L 65 -1.02 -14.25 -31.31
CA GLY L 65 -1.94 -14.06 -30.20
C GLY L 65 -3.37 -14.16 -30.68
N ALA L 66 -3.65 -13.59 -31.84
CA ALA L 66 -4.99 -13.63 -32.42
C ALA L 66 -5.44 -15.07 -32.58
N GLU L 67 -4.60 -15.88 -33.21
CA GLU L 67 -4.90 -17.30 -33.43
C GLU L 67 -5.16 -17.99 -32.11
N LEU L 68 -4.24 -17.83 -31.17
CA LEU L 68 -4.35 -18.45 -29.86
C LEU L 68 -5.69 -18.07 -29.23
N THR L 69 -6.06 -16.80 -29.40
CA THR L 69 -7.31 -16.27 -28.88
C THR L 69 -8.49 -17.16 -29.28
N ALA L 70 -8.70 -17.27 -30.59
CA ALA L 70 -9.79 -18.07 -31.15
C ALA L 70 -9.91 -19.45 -30.52
N ASN L 71 -8.79 -20.17 -30.45
CA ASN L 71 -8.75 -21.51 -29.87
C ASN L 71 -9.55 -21.61 -28.57
N VAL L 72 -8.97 -21.07 -27.50
CA VAL L 72 -9.58 -21.09 -26.18
C VAL L 72 -11.07 -20.72 -26.22
N LEU L 73 -11.38 -19.64 -26.93
CA LEU L 73 -12.75 -19.17 -27.05
C LEU L 73 -13.73 -20.20 -27.59
N ARG L 74 -13.54 -20.58 -28.85
CA ARG L 74 -14.44 -21.55 -29.46
C ARG L 74 -14.50 -22.88 -28.71
N ASP L 75 -13.49 -23.17 -27.91
CA ASP L 75 -13.46 -24.42 -27.16
C ASP L 75 -14.25 -24.34 -25.85
N MET L 76 -14.16 -23.20 -25.16
CA MET L 76 -14.88 -23.03 -23.90
C MET L 76 -15.81 -21.82 -23.94
N GLY L 77 -15.30 -20.70 -24.44
CA GLY L 77 -16.12 -19.49 -24.54
C GLY L 77 -17.39 -19.85 -25.28
N LEU L 78 -17.22 -20.53 -26.40
CA LEU L 78 -18.33 -21.00 -27.22
C LEU L 78 -19.32 -19.88 -27.52
N GLN L 79 -18.82 -18.77 -28.05
CA GLN L 79 -19.65 -17.63 -28.36
C GLN L 79 -19.53 -17.19 -29.81
N GLU L 80 -20.61 -16.60 -30.34
CA GLU L 80 -20.61 -16.14 -31.73
C GLU L 80 -19.67 -14.95 -31.87
N MET L 81 -19.40 -14.30 -30.75
CA MET L 81 -18.50 -13.15 -30.73
C MET L 81 -17.08 -13.64 -31.00
N ALA L 82 -16.83 -14.90 -30.65
CA ALA L 82 -15.52 -15.50 -30.87
C ALA L 82 -15.09 -15.17 -32.29
N GLY L 83 -15.96 -15.43 -33.25
CA GLY L 83 -15.67 -15.15 -34.64
C GLY L 83 -15.64 -13.66 -34.89
N GLN L 84 -16.41 -12.91 -34.10
CA GLN L 84 -16.46 -11.47 -34.22
C GLN L 84 -15.05 -10.89 -34.18
N LEU L 85 -14.19 -11.52 -33.39
CA LEU L 85 -12.81 -11.06 -33.28
C LEU L 85 -12.05 -11.43 -34.55
N GLN L 86 -12.12 -12.70 -34.94
CA GLN L 86 -11.44 -13.16 -36.14
C GLN L 86 -11.73 -12.21 -37.29
N ALA L 87 -12.89 -11.57 -37.23
CA ALA L 87 -13.33 -10.63 -38.25
C ALA L 87 -12.32 -9.49 -38.40
N ALA L 88 -12.06 -8.80 -37.30
CA ALA L 88 -11.12 -7.69 -37.29
C ALA L 88 -9.69 -8.19 -37.10
N THR L 89 -9.53 -9.39 -36.57
CA THR L 89 -8.20 -9.97 -36.33
C THR L 89 -7.36 -10.01 -37.60
N HIS L 90 -7.81 -10.79 -38.57
CA HIS L 90 -7.09 -10.92 -39.83
C HIS L 90 -6.78 -9.56 -40.40
N GLN L 91 -7.81 -8.71 -40.48
CA GLN L 91 -7.71 -7.34 -40.98
C GLN L 91 -9.04 -6.90 -41.59
N MET M 1 -0.16 29.13 -24.22
CA MET M 1 -1.24 29.40 -23.23
C MET M 1 -1.41 28.22 -22.28
N GLY M 2 -0.32 27.86 -21.60
CA GLY M 2 -0.34 26.75 -20.67
C GLY M 2 -1.68 26.41 -20.07
N ARG M 3 -2.34 27.41 -19.49
CA ARG M 3 -3.64 27.26 -18.85
C ARG M 3 -4.57 26.20 -19.44
N ALA M 4 -4.78 26.25 -20.75
CA ALA M 4 -5.65 25.28 -21.40
C ALA M 4 -5.31 23.87 -20.92
N ARG M 5 -4.10 23.70 -20.40
CA ARG M 5 -3.64 22.40 -19.89
C ARG M 5 -4.49 21.94 -18.72
N ASP M 6 -4.78 22.88 -17.81
CA ASP M 6 -5.58 22.59 -16.64
C ASP M 6 -6.90 21.94 -17.02
N ALA M 7 -7.54 22.47 -18.05
CA ALA M 7 -8.81 21.94 -18.51
C ALA M 7 -8.74 20.43 -18.67
N ILE M 8 -7.63 19.94 -19.20
CA ILE M 8 -7.44 18.52 -19.41
C ILE M 8 -7.43 17.77 -18.08
N LEU M 9 -6.98 18.46 -17.03
CA LEU M 9 -6.95 17.87 -15.70
C LEU M 9 -8.37 17.48 -15.32
N ASP M 10 -9.33 18.26 -15.80
CA ASP M 10 -10.74 18.00 -15.51
C ASP M 10 -11.32 16.92 -16.41
N ALA M 11 -10.52 16.46 -17.38
CA ALA M 11 -10.97 15.42 -18.29
C ALA M 11 -11.02 14.11 -17.52
N LEU M 12 -9.96 13.86 -16.74
CA LEU M 12 -9.84 12.64 -15.95
C LEU M 12 -10.68 12.72 -14.67
N GLU M 13 -11.29 13.88 -14.43
CA GLU M 13 -12.09 14.08 -13.23
C GLU M 13 -13.52 13.55 -13.30
N ASN M 14 -14.14 13.67 -14.47
CA ASN M 14 -15.51 13.20 -14.63
C ASN M 14 -15.56 11.69 -14.82
N LEU M 15 -14.40 11.07 -15.02
CA LEU M 15 -14.33 9.62 -15.20
C LEU M 15 -14.12 8.91 -13.87
N THR M 16 -14.61 7.67 -13.79
CA THR M 16 -14.50 6.87 -12.58
C THR M 16 -13.11 6.27 -12.42
N ALA M 17 -12.77 5.86 -11.21
CA ALA M 17 -11.46 5.27 -10.93
C ALA M 17 -11.27 3.99 -11.75
N GLU M 18 -12.38 3.28 -11.98
CA GLU M 18 -12.35 2.05 -12.75
C GLU M 18 -11.90 2.36 -14.18
N GLU M 19 -12.44 3.44 -14.73
CA GLU M 19 -12.12 3.89 -16.08
C GLU M 19 -10.62 4.11 -16.27
N LEU M 20 -10.03 4.90 -15.38
CA LEU M 20 -8.61 5.24 -15.45
C LEU M 20 -7.72 4.11 -15.95
N LYS M 21 -7.77 2.95 -15.30
CA LYS M 21 -6.93 1.83 -15.71
C LYS M 21 -7.11 1.54 -17.20
N LYS M 22 -8.36 1.53 -17.65
CA LYS M 22 -8.68 1.28 -19.05
C LYS M 22 -7.92 2.25 -19.95
N PHE M 23 -8.14 3.54 -19.72
CA PHE M 23 -7.50 4.60 -20.51
C PHE M 23 -6.02 4.31 -20.74
N LYS M 24 -5.33 3.91 -19.68
CA LYS M 24 -3.91 3.58 -19.75
C LYS M 24 -3.60 2.65 -20.91
N LEU M 25 -4.14 1.43 -20.85
CA LEU M 25 -3.91 0.43 -21.89
C LEU M 25 -4.06 0.96 -23.31
N LYS M 26 -5.17 1.61 -23.57
CA LYS M 26 -5.45 2.15 -24.90
C LYS M 26 -4.45 3.19 -25.39
N LEU M 27 -4.00 4.06 -24.48
CA LEU M 27 -3.05 5.12 -24.82
C LEU M 27 -1.97 4.68 -25.79
N LEU M 28 -1.29 3.59 -25.47
CA LEU M 28 -0.21 3.07 -26.30
C LEU M 28 -0.63 2.79 -27.74
N SER M 29 -1.76 2.10 -27.90
CA SER M 29 -2.28 1.72 -29.21
C SER M 29 -2.68 2.81 -30.20
N VAL M 30 -3.01 4.00 -29.71
CA VAL M 30 -3.45 5.08 -30.58
C VAL M 30 -2.45 5.55 -31.64
N PRO M 31 -2.95 5.89 -32.85
CA PRO M 31 -2.11 6.36 -33.96
C PRO M 31 -1.49 7.71 -33.60
N LEU M 32 -0.19 7.87 -33.86
CA LEU M 32 0.51 9.09 -33.53
C LEU M 32 0.98 9.91 -34.73
N ARG M 33 1.57 11.08 -34.44
CA ARG M 33 2.09 11.97 -35.46
C ARG M 33 3.60 11.90 -35.58
N GLU M 34 4.10 11.92 -36.81
CA GLU M 34 5.52 11.87 -37.06
C GLU M 34 6.16 13.04 -36.32
N GLY M 35 7.41 12.87 -35.90
CA GLY M 35 8.09 13.92 -35.17
C GLY M 35 7.68 13.85 -33.71
N TYR M 36 7.25 12.66 -33.30
CA TYR M 36 6.81 12.43 -31.92
C TYR M 36 6.99 10.95 -31.61
N GLY M 37 6.88 10.60 -30.32
CA GLY M 37 7.03 9.21 -29.93
C GLY M 37 6.03 8.79 -28.87
N ARG M 38 6.32 7.66 -28.23
CA ARG M 38 5.45 7.15 -27.18
C ARG M 38 6.14 7.28 -25.83
N ILE M 39 5.38 7.09 -24.77
CA ILE M 39 5.92 7.20 -23.42
C ILE M 39 6.17 5.83 -22.80
N PRO M 40 7.35 5.63 -22.19
CA PRO M 40 7.68 4.35 -21.57
C PRO M 40 6.64 3.95 -20.52
N ARG M 41 6.21 2.69 -20.59
CA ARG M 41 5.19 2.15 -19.70
C ARG M 41 5.52 2.20 -18.21
N GLY M 42 6.76 1.91 -17.86
CA GLY M 42 7.17 1.92 -16.47
C GLY M 42 6.47 2.97 -15.63
N ALA M 43 6.68 4.24 -15.97
CA ALA M 43 6.05 5.33 -15.25
C ALA M 43 4.56 5.44 -15.58
N LEU M 44 4.24 5.37 -16.86
CA LEU M 44 2.85 5.47 -17.32
C LEU M 44 1.84 4.64 -16.55
N LEU M 45 2.19 3.40 -16.21
CA LEU M 45 1.27 2.56 -15.47
C LEU M 45 1.07 3.05 -14.04
N SER M 46 2.07 3.76 -13.53
CA SER M 46 1.98 4.30 -12.18
C SER M 46 1.37 5.70 -12.24
N MET M 47 2.06 6.60 -12.92
CA MET M 47 1.61 7.98 -13.07
C MET M 47 0.09 8.07 -12.97
N ASP M 48 -0.39 8.91 -12.05
CA ASP M 48 -1.82 9.10 -11.84
C ASP M 48 -2.45 10.00 -12.88
N ALA M 49 -3.73 10.31 -12.67
CA ALA M 49 -4.47 11.17 -13.58
C ALA M 49 -3.71 12.48 -13.72
N LEU M 50 -3.09 12.91 -12.63
CA LEU M 50 -2.32 14.15 -12.61
C LEU M 50 -0.96 13.92 -13.24
N ASP M 51 -0.32 12.82 -12.86
CA ASP M 51 1.00 12.50 -13.41
C ASP M 51 0.85 12.39 -14.92
N LEU M 52 -0.32 11.95 -15.36
CA LEU M 52 -0.59 11.83 -16.79
C LEU M 52 -0.59 13.23 -17.38
N THR M 53 -1.21 14.17 -16.69
CA THR M 53 -1.27 15.55 -17.17
C THR M 53 0.08 16.23 -17.32
N ASP M 54 0.84 16.34 -16.24
CA ASP M 54 2.15 16.98 -16.31
C ASP M 54 3.06 16.37 -17.38
N LYS M 55 3.13 15.04 -17.41
CA LYS M 55 3.98 14.36 -18.38
C LYS M 55 3.36 14.39 -19.77
N LEU M 56 2.05 14.17 -19.85
CA LEU M 56 1.33 14.18 -21.12
C LEU M 56 1.62 15.50 -21.83
N VAL M 57 1.20 16.60 -21.19
CA VAL M 57 1.40 17.93 -21.74
C VAL M 57 2.84 18.17 -22.19
N SER M 58 3.79 18.10 -21.27
CA SER M 58 5.19 18.33 -21.62
C SER M 58 5.62 17.45 -22.79
N PHE M 59 5.29 16.16 -22.70
CA PHE M 59 5.64 15.19 -23.73
C PHE M 59 4.96 15.51 -25.07
N TYR M 60 3.69 15.89 -25.02
CA TYR M 60 2.94 16.20 -26.24
C TYR M 60 2.60 17.68 -26.38
N LEU M 61 2.66 18.18 -27.61
CA LEU M 61 2.35 19.57 -27.90
C LEU M 61 1.02 19.91 -27.22
N GLU M 62 0.91 21.09 -26.62
CA GLU M 62 -0.33 21.48 -25.95
C GLU M 62 -1.47 21.60 -26.96
N THR M 63 -1.23 22.32 -28.05
CA THR M 63 -2.24 22.48 -29.09
C THR M 63 -2.59 21.09 -29.61
N TYR M 64 -1.54 20.33 -29.90
CA TYR M 64 -1.67 18.98 -30.42
C TYR M 64 -2.16 18.00 -29.34
N GLY M 65 -1.93 18.36 -28.08
CA GLY M 65 -2.36 17.51 -26.99
C GLY M 65 -3.87 17.51 -26.87
N ALA M 66 -4.47 18.68 -27.07
CA ALA M 66 -5.92 18.82 -27.00
C ALA M 66 -6.57 17.84 -27.96
N GLU M 67 -6.12 17.86 -29.21
CA GLU M 67 -6.65 16.97 -30.24
C GLU M 67 -6.46 15.52 -29.82
N LEU M 68 -5.22 15.17 -29.47
CA LEU M 68 -4.88 13.82 -29.06
C LEU M 68 -5.83 13.34 -27.97
N THR M 69 -6.16 14.24 -27.05
CA THR M 69 -7.05 13.92 -25.95
C THR M 69 -8.42 13.43 -26.45
N ALA M 70 -9.03 14.22 -27.31
CA ALA M 70 -10.33 13.91 -27.87
C ALA M 70 -10.41 12.49 -28.45
N ASN M 71 -9.42 12.15 -29.28
CA ASN M 71 -9.36 10.84 -29.92
C ASN M 71 -9.60 9.68 -28.95
N VAL M 72 -8.64 9.47 -28.05
CA VAL M 72 -8.71 8.39 -27.08
C VAL M 72 -10.04 8.35 -26.33
N LEU M 73 -10.47 9.52 -25.86
CA LEU M 73 -11.72 9.63 -25.12
C LEU M 73 -12.94 9.14 -25.88
N ARG M 74 -13.26 9.79 -27.00
CA ARG M 74 -14.41 9.39 -27.78
C ARG M 74 -14.35 7.93 -28.21
N ASP M 75 -13.15 7.41 -28.38
CA ASP M 75 -12.99 6.03 -28.81
C ASP M 75 -13.22 5.02 -27.68
N MET M 76 -12.61 5.27 -26.52
CA MET M 76 -12.78 4.37 -25.38
C MET M 76 -13.54 5.02 -24.23
N GLY M 77 -13.13 6.24 -23.86
CA GLY M 77 -13.81 6.94 -22.78
C GLY M 77 -15.29 6.96 -23.07
N LEU M 78 -15.63 7.27 -24.32
CA LEU M 78 -17.01 7.29 -24.77
C LEU M 78 -17.91 8.04 -23.80
N GLN M 79 -17.58 9.30 -23.56
CA GLN M 79 -18.36 10.13 -22.64
C GLN M 79 -18.75 11.46 -23.26
N GLU M 80 -19.84 12.02 -22.77
CA GLU M 80 -20.33 13.30 -23.27
C GLU M 80 -19.40 14.42 -22.81
N MET M 81 -18.69 14.16 -21.70
CA MET M 81 -17.76 15.13 -21.15
C MET M 81 -16.58 15.28 -22.09
N ALA M 82 -16.34 14.26 -22.91
CA ALA M 82 -15.26 14.29 -23.88
C ALA M 82 -15.37 15.58 -24.67
N GLY M 83 -16.59 15.90 -25.10
CA GLY M 83 -16.82 17.12 -25.85
C GLY M 83 -16.73 18.32 -24.94
N GLN M 84 -17.01 18.11 -23.66
CA GLN M 84 -16.94 19.19 -22.67
C GLN M 84 -15.58 19.85 -22.71
N LEU M 85 -14.54 19.05 -22.91
CA LEU M 85 -13.19 19.57 -22.98
C LEU M 85 -13.01 20.37 -24.27
N GLN M 86 -13.34 19.75 -25.40
CA GLN M 86 -13.22 20.42 -26.70
C GLN M 86 -13.78 21.84 -26.64
N ALA M 87 -14.89 21.99 -25.92
CA ALA M 87 -15.54 23.29 -25.79
C ALA M 87 -14.57 24.34 -25.27
N ALA M 88 -13.74 23.94 -24.31
CA ALA M 88 -12.76 24.84 -23.72
C ALA M 88 -11.39 24.69 -24.39
N THR M 89 -11.13 23.51 -24.93
CA THR M 89 -9.85 23.23 -25.59
C THR M 89 -9.45 24.30 -26.59
N HIS M 90 -10.29 24.50 -27.61
CA HIS M 90 -10.02 25.50 -28.63
C HIS M 90 -9.78 26.85 -27.95
N GLN M 91 -10.79 27.32 -27.23
CA GLN M 91 -10.78 28.57 -26.48
C GLN M 91 -12.21 29.07 -26.33
N MET N 1 7.07 43.15 7.45
CA MET N 1 6.27 42.37 8.43
C MET N 1 6.24 40.89 8.04
N GLY N 2 7.42 40.33 7.81
CA GLY N 2 7.53 38.93 7.42
C GLY N 2 6.63 37.97 8.17
N ARG N 3 6.19 38.36 9.36
CA ARG N 3 5.33 37.50 10.18
C ARG N 3 4.12 36.94 9.43
N ALA N 4 3.47 37.77 8.64
CA ALA N 4 2.30 37.35 7.87
C ALA N 4 2.65 36.13 7.00
N ARG N 5 3.95 35.91 6.79
CA ARG N 5 4.41 34.78 5.98
C ARG N 5 4.02 33.46 6.65
N ASP N 6 4.29 33.38 7.95
CA ASP N 6 3.97 32.19 8.73
C ASP N 6 2.53 31.77 8.51
N ALA N 7 1.64 32.75 8.52
CA ALA N 7 0.22 32.49 8.33
C ALA N 7 -0.01 31.70 7.05
N ILE N 8 0.86 31.92 6.07
CA ILE N 8 0.76 31.23 4.79
C ILE N 8 1.19 29.78 4.96
N LEU N 9 1.97 29.51 6.01
CA LEU N 9 2.42 28.17 6.31
C LEU N 9 1.18 27.37 6.71
N ASP N 10 0.33 28.02 7.48
CA ASP N 10 -0.90 27.42 7.97
C ASP N 10 -1.92 27.20 6.86
N ALA N 11 -1.58 27.65 5.66
CA ALA N 11 -2.47 27.49 4.51
C ALA N 11 -2.41 26.03 4.06
N LEU N 12 -1.20 25.49 4.05
CA LEU N 12 -0.95 24.12 3.63
C LEU N 12 -1.27 23.11 4.73
N GLU N 13 -1.55 23.59 5.93
CA GLU N 13 -1.83 22.71 7.06
C GLU N 13 -3.24 22.12 7.05
N ASN N 14 -4.22 22.94 6.70
CA ASN N 14 -5.60 22.50 6.67
C ASN N 14 -5.90 21.60 5.48
N LEU N 15 -4.97 21.53 4.53
CA LEU N 15 -5.14 20.69 3.35
C LEU N 15 -4.52 19.31 3.56
N THR N 16 -5.12 18.30 2.94
CA THR N 16 -4.65 16.92 3.06
C THR N 16 -3.39 16.68 2.22
N ALA N 17 -2.72 15.56 2.50
CA ALA N 17 -1.50 15.19 1.78
C ALA N 17 -1.79 14.98 0.29
N GLU N 18 -2.96 14.44 0.00
CA GLU N 18 -3.37 14.19 -1.38
C GLU N 18 -3.45 15.53 -2.11
N GLU N 19 -4.15 16.47 -1.50
CA GLU N 19 -4.34 17.80 -2.06
C GLU N 19 -3.01 18.42 -2.48
N LEU N 20 -2.00 18.31 -1.62
CA LEU N 20 -0.69 18.88 -1.88
C LEU N 20 -0.16 18.69 -3.29
N LYS N 21 -0.06 17.44 -3.73
CA LYS N 21 0.45 17.17 -5.08
C LYS N 21 -0.28 18.01 -6.10
N LYS N 22 -1.60 18.12 -5.95
CA LYS N 22 -2.43 18.90 -6.87
C LYS N 22 -2.01 20.37 -6.95
N PHE N 23 -1.84 21.00 -5.78
CA PHE N 23 -1.46 22.41 -5.72
C PHE N 23 -0.23 22.68 -6.59
N LYS N 24 0.74 21.77 -6.50
CA LYS N 24 1.97 21.88 -7.28
C LYS N 24 1.71 22.08 -8.76
N LEU N 25 1.02 21.12 -9.36
CA LEU N 25 0.69 21.17 -10.79
C LEU N 25 0.06 22.47 -11.25
N LYS N 26 -0.88 22.99 -10.46
CA LYS N 26 -1.57 24.22 -10.81
C LYS N 26 -0.72 25.48 -10.69
N LEU N 27 0.13 25.54 -9.67
CA LEU N 27 0.99 26.71 -9.44
C LEU N 27 1.62 27.26 -10.72
N LEU N 28 2.04 26.38 -11.61
CA LEU N 28 2.66 26.80 -12.87
C LEU N 28 1.70 27.49 -13.84
N SER N 29 0.52 26.93 -14.00
CA SER N 29 -0.48 27.46 -14.93
C SER N 29 -1.06 28.83 -14.61
N VAL N 30 -1.10 29.18 -13.34
CA VAL N 30 -1.67 30.46 -12.92
C VAL N 30 -1.10 31.70 -13.60
N PRO N 31 -1.97 32.66 -13.95
CA PRO N 31 -1.53 33.90 -14.61
C PRO N 31 -0.64 34.68 -13.64
N LEU N 32 0.47 35.21 -14.15
CA LEU N 32 1.39 35.96 -13.29
C LEU N 32 1.44 37.45 -13.61
N ARG N 33 2.08 38.21 -12.72
CA ARG N 33 2.22 39.65 -12.89
C ARG N 33 3.57 39.94 -13.54
N GLU N 34 3.63 41.03 -14.31
CA GLU N 34 4.86 41.42 -14.97
C GLU N 34 5.89 41.82 -13.93
N GLY N 35 7.17 41.72 -14.31
CA GLY N 35 8.24 42.07 -13.39
C GLY N 35 8.61 40.89 -12.52
N TYR N 36 7.96 39.76 -12.75
CA TYR N 36 8.23 38.54 -11.98
C TYR N 36 8.26 37.34 -12.92
N GLY N 37 8.54 36.16 -12.37
CA GLY N 37 8.60 34.97 -13.19
C GLY N 37 8.08 33.74 -12.51
N ARG N 38 8.41 32.57 -13.07
CA ARG N 38 7.97 31.30 -12.50
C ARG N 38 9.15 30.60 -11.84
N ILE N 39 8.86 29.58 -11.05
CA ILE N 39 9.89 28.84 -10.34
C ILE N 39 10.20 27.51 -11.04
N PRO N 40 11.50 27.19 -11.22
CA PRO N 40 11.90 25.95 -11.88
C PRO N 40 11.29 24.71 -11.21
N ARG N 41 10.74 23.83 -12.04
CA ARG N 41 10.08 22.61 -11.59
C ARG N 41 10.91 21.66 -10.73
N GLY N 42 12.20 21.54 -11.05
CA GLY N 42 13.07 20.65 -10.30
C GLY N 42 12.79 20.63 -8.81
N ALA N 43 13.21 21.69 -8.12
CA ALA N 43 13.00 21.80 -6.69
C ALA N 43 11.52 21.76 -6.33
N LEU N 44 10.75 22.62 -6.98
CA LEU N 44 9.30 22.72 -6.73
C LEU N 44 8.58 21.40 -6.46
N LEU N 45 8.73 20.42 -7.33
CA LEU N 45 8.06 19.15 -7.13
C LEU N 45 8.50 18.45 -5.85
N SER N 46 9.78 18.65 -5.49
CA SER N 46 10.29 18.06 -4.26
C SER N 46 9.86 18.92 -3.09
N MET N 47 10.32 20.17 -3.10
CA MET N 47 10.00 21.14 -2.06
C MET N 47 8.66 20.85 -1.40
N ASP N 48 8.69 20.65 -0.09
CA ASP N 48 7.49 20.35 0.69
C ASP N 48 6.65 21.60 0.91
N ALA N 49 5.58 21.45 1.69
CA ALA N 49 4.69 22.56 2.00
C ALA N 49 5.53 23.70 2.55
N LEU N 50 6.49 23.35 3.40
CA LEU N 50 7.37 24.34 4.01
C LEU N 50 8.28 24.93 2.94
N ASP N 51 8.97 24.05 2.22
CA ASP N 51 9.86 24.49 1.16
C ASP N 51 9.15 25.47 0.25
N LEU N 52 7.86 25.22 0.04
CA LEU N 52 7.06 26.10 -0.80
C LEU N 52 7.03 27.48 -0.16
N THR N 53 6.86 27.53 1.15
CA THR N 53 6.80 28.80 1.88
C THR N 53 8.09 29.62 1.81
N ASP N 54 9.19 29.07 2.31
CA ASP N 54 10.46 29.77 2.30
C ASP N 54 10.83 30.30 0.93
N LYS N 55 10.74 29.44 -0.08
CA LYS N 55 11.08 29.84 -1.43
C LYS N 55 10.01 30.74 -2.06
N LEU N 56 8.75 30.41 -1.81
CA LEU N 56 7.62 31.19 -2.33
C LEU N 56 7.74 32.62 -1.83
N VAL N 57 7.66 32.78 -0.52
CA VAL N 57 7.75 34.08 0.14
C VAL N 57 8.92 34.93 -0.34
N SER N 58 10.07 34.30 -0.54
CA SER N 58 11.26 35.03 -0.99
C SER N 58 11.16 35.30 -2.49
N PHE N 59 10.64 34.33 -3.24
CA PHE N 59 10.49 34.45 -4.67
C PHE N 59 9.44 35.52 -5.01
N TYR N 60 8.35 35.53 -4.27
CA TYR N 60 7.28 36.51 -4.49
C TYR N 60 7.17 37.47 -3.33
N LEU N 61 6.73 38.69 -3.62
CA LEU N 61 6.55 39.72 -2.59
C LEU N 61 5.63 39.15 -1.51
N GLU N 62 5.80 39.60 -0.27
CA GLU N 62 4.95 39.12 0.81
C GLU N 62 3.55 39.68 0.63
N THR N 63 3.48 40.99 0.35
CA THR N 63 2.20 41.64 0.13
C THR N 63 1.54 40.99 -1.08
N TYR N 64 2.31 40.93 -2.16
CA TYR N 64 1.84 40.34 -3.41
C TYR N 64 1.66 38.83 -3.28
N GLY N 65 2.45 38.21 -2.41
CA GLY N 65 2.36 36.79 -2.20
C GLY N 65 1.02 36.41 -1.58
N ALA N 66 0.58 37.24 -0.64
CA ALA N 66 -0.69 37.02 0.04
C ALA N 66 -1.81 36.90 -0.98
N GLU N 67 -1.88 37.88 -1.89
CA GLU N 67 -2.90 37.88 -2.92
C GLU N 67 -2.78 36.62 -3.76
N LEU N 68 -1.60 36.44 -4.38
CA LEU N 68 -1.33 35.29 -5.22
C LEU N 68 -1.87 34.00 -4.58
N THR N 69 -1.63 33.85 -3.29
CA THR N 69 -2.10 32.69 -2.54
C THR N 69 -3.58 32.45 -2.78
N ALA N 70 -4.39 33.46 -2.44
CA ALA N 70 -5.84 33.40 -2.58
C ALA N 70 -6.27 32.76 -3.90
N ASN N 71 -5.75 33.28 -5.01
CA ASN N 71 -6.09 32.79 -6.34
C ASN N 71 -6.08 31.27 -6.42
N VAL N 72 -4.88 30.70 -6.43
CA VAL N 72 -4.69 29.25 -6.53
C VAL N 72 -5.64 28.46 -5.63
N LEU N 73 -5.73 28.87 -4.37
CA LEU N 73 -6.59 28.20 -3.41
C LEU N 73 -8.05 28.17 -3.81
N ARG N 74 -8.70 29.33 -3.84
CA ARG N 74 -10.11 29.40 -4.20
C ARG N 74 -10.40 28.81 -5.58
N ASP N 75 -9.35 28.60 -6.38
CA ASP N 75 -9.55 28.06 -7.72
C ASP N 75 -9.43 26.53 -7.74
N MET N 76 -8.49 25.99 -6.96
CA MET N 76 -8.31 24.55 -6.90
C MET N 76 -8.49 24.02 -5.47
N GLY N 77 -7.83 24.67 -4.52
CA GLY N 77 -7.95 24.27 -3.13
C GLY N 77 -9.43 24.20 -2.82
N LEU N 78 -10.12 25.27 -3.14
CA LEU N 78 -11.56 25.36 -2.94
C LEU N 78 -11.95 25.00 -1.51
N GLN N 79 -11.35 25.72 -0.57
CA GLN N 79 -11.61 25.46 0.84
C GLN N 79 -12.02 26.72 1.58
N GLU N 80 -12.82 26.54 2.64
CA GLU N 80 -13.28 27.67 3.43
C GLU N 80 -12.10 28.27 4.20
N MET N 81 -11.03 27.49 4.31
CA MET N 81 -9.83 27.93 5.00
C MET N 81 -9.08 28.95 4.14
N ALA N 82 -9.36 28.94 2.84
CA ALA N 82 -8.73 29.88 1.92
C ALA N 82 -8.97 31.29 2.46
N GLY N 83 -10.23 31.57 2.80
CA GLY N 83 -10.58 32.87 3.34
C GLY N 83 -9.94 33.05 4.70
N GLN N 84 -9.77 31.95 5.42
CA GLN N 84 -9.17 31.98 6.75
C GLN N 84 -7.84 32.72 6.69
N LEU N 85 -7.08 32.50 5.63
CA LEU N 85 -5.79 33.16 5.49
C LEU N 85 -6.01 34.65 5.25
N GLN N 86 -6.89 34.99 4.32
CA GLN N 86 -7.17 36.39 4.02
C GLN N 86 -7.48 37.15 5.31
N ALA N 87 -8.17 36.48 6.23
CA ALA N 87 -8.54 37.08 7.51
C ALA N 87 -7.30 37.64 8.20
N ALA N 88 -6.19 36.92 8.11
CA ALA N 88 -4.95 37.35 8.73
C ALA N 88 -4.04 38.05 7.73
N THR N 89 -4.18 37.69 6.46
CA THR N 89 -3.36 38.27 5.39
C THR N 89 -3.33 39.78 5.46
N HIS N 90 -4.45 40.41 5.15
CA HIS N 90 -4.57 41.86 5.17
C HIS N 90 -3.99 42.42 6.47
N GLN N 91 -4.46 41.89 7.59
CA GLN N 91 -4.01 42.28 8.93
C GLN N 91 -5.06 41.95 9.99
N MET O 1 26.77 32.02 33.88
CA MET O 1 26.35 30.61 34.18
C MET O 1 25.99 29.85 32.90
N GLY O 2 26.90 29.90 31.93
CA GLY O 2 26.69 29.23 30.66
C GLY O 2 25.90 27.93 30.74
N ARG O 3 26.23 27.09 31.71
CA ARG O 3 25.57 25.80 31.89
C ARG O 3 24.12 25.73 31.40
N ALA O 4 23.31 26.68 31.83
CA ALA O 4 21.91 26.71 31.42
C ALA O 4 21.76 26.49 29.92
N ARG O 5 22.84 26.78 29.18
CA ARG O 5 22.85 26.61 27.73
C ARG O 5 22.61 25.15 27.38
N ASP O 6 23.32 24.28 28.08
CA ASP O 6 23.22 22.84 27.87
C ASP O 6 21.77 22.38 28.00
N ALA O 7 21.07 22.91 28.99
CA ALA O 7 19.68 22.56 29.20
C ALA O 7 18.88 22.82 27.92
N ILE O 8 19.28 23.86 27.19
CA ILE O 8 18.61 24.20 25.94
C ILE O 8 18.85 23.09 24.93
N LEU O 9 20.04 22.50 24.99
CA LEU O 9 20.41 21.41 24.10
C LEU O 9 19.38 20.29 24.22
N ASP O 10 18.78 20.17 25.40
CA ASP O 10 17.79 19.15 25.67
C ASP O 10 16.44 19.52 25.07
N ALA O 11 16.26 20.81 24.76
CA ALA O 11 15.01 21.28 24.17
C ALA O 11 14.79 20.65 22.81
N LEU O 12 15.83 20.65 21.98
CA LEU O 12 15.76 20.09 20.64
C LEU O 12 15.84 18.57 20.66
N GLU O 13 15.96 17.99 21.86
CA GLU O 13 16.07 16.55 22.01
C GLU O 13 14.73 15.81 22.08
N ASN O 14 13.76 16.40 22.77
CA ASN O 14 12.45 15.78 22.91
C ASN O 14 11.61 15.92 21.65
N LEU O 15 12.08 16.72 20.70
CA LEU O 15 11.36 16.94 19.44
C LEU O 15 11.84 15.95 18.38
N THR O 16 10.95 15.64 17.43
CA THR O 16 11.26 14.70 16.36
C THR O 16 12.13 15.34 15.27
N ALA O 17 12.73 14.50 14.44
CA ALA O 17 13.59 14.97 13.36
C ALA O 17 12.76 15.81 12.39
N GLU O 18 11.51 15.42 12.19
CA GLU O 18 10.60 16.13 11.30
C GLU O 18 10.34 17.52 11.84
N GLU O 19 10.17 17.62 13.15
CA GLU O 19 9.90 18.87 13.83
C GLU O 19 11.01 19.89 13.57
N LEU O 20 12.26 19.43 13.65
CA LEU O 20 13.42 20.28 13.46
C LEU O 20 13.35 21.23 12.27
N LYS O 21 13.08 20.71 11.08
CA LYS O 21 12.99 21.56 9.89
C LYS O 21 12.00 22.70 10.09
N LYS O 22 10.90 22.42 10.76
CA LYS O 22 9.87 23.41 11.03
C LYS O 22 10.37 24.55 11.91
N PHE O 23 11.07 24.21 12.98
CA PHE O 23 11.61 25.20 13.91
C PHE O 23 12.45 26.24 13.19
N LYS O 24 13.26 25.77 12.24
CA LYS O 24 14.13 26.63 11.46
C LYS O 24 13.40 27.80 10.79
N LEU O 25 12.43 27.48 9.94
CA LEU O 25 11.66 28.50 9.24
C LEU O 25 11.10 29.58 10.14
N LYS O 26 10.46 29.17 11.23
CA LYS O 26 9.85 30.11 12.16
C LYS O 26 10.84 31.07 12.83
N LEU O 27 12.02 30.57 13.17
CA LEU O 27 13.04 31.38 13.83
C LEU O 27 13.17 32.78 13.25
N LEU O 28 13.15 32.89 11.92
CA LEU O 28 13.28 34.18 11.25
C LEU O 28 12.10 35.13 11.53
N SER O 29 10.89 34.60 11.43
CA SER O 29 9.67 35.37 11.62
C SER O 29 9.42 36.02 12.98
N VAL O 30 9.86 35.36 14.05
CA VAL O 30 9.65 35.86 15.42
C VAL O 30 10.05 37.29 15.72
N PRO O 31 9.24 38.00 16.53
CA PRO O 31 9.52 39.39 16.92
C PRO O 31 10.77 39.43 17.79
N LEU O 32 11.73 40.26 17.41
CA LEU O 32 12.97 40.37 18.16
C LEU O 32 13.02 41.62 19.02
N ARG O 33 14.09 41.76 19.79
CA ARG O 33 14.28 42.92 20.64
C ARG O 33 15.27 43.87 19.99
N GLU O 34 15.33 45.09 20.48
CA GLU O 34 16.26 46.08 19.95
C GLU O 34 17.64 45.83 20.53
N GLY O 35 18.67 46.11 19.74
CA GLY O 35 20.04 45.90 20.20
C GLY O 35 20.52 44.51 19.79
N TYR O 36 19.83 43.91 18.83
CA TYR O 36 20.18 42.58 18.36
C TYR O 36 19.91 42.47 16.86
N GLY O 37 19.67 41.25 16.38
CA GLY O 37 19.41 41.06 14.97
C GLY O 37 19.02 39.63 14.63
N ARG O 38 19.16 39.28 13.35
CA ARG O 38 18.83 37.94 12.89
C ARG O 38 20.08 37.23 12.40
N ILE O 39 19.99 35.91 12.27
CA ILE O 39 21.13 35.12 11.82
C ILE O 39 21.02 34.78 10.33
N PRO O 40 22.11 35.01 9.57
CA PRO O 40 22.09 34.71 8.13
C PRO O 40 21.74 33.25 7.85
N ARG O 41 20.72 33.07 7.02
CA ARG O 41 20.19 31.76 6.66
C ARG O 41 21.19 30.69 6.21
N GLY O 42 22.15 31.07 5.38
CA GLY O 42 23.14 30.13 4.89
C GLY O 42 23.45 28.98 5.84
N ALA O 43 24.07 29.30 6.97
CA ALA O 43 24.42 28.31 7.97
C ALA O 43 23.19 27.74 8.67
N LEU O 44 22.33 28.63 9.15
CA LEU O 44 21.12 28.25 9.87
C LEU O 44 20.38 27.04 9.30
N LEU O 45 20.13 27.04 8.00
CA LEU O 45 19.41 25.92 7.39
C LEU O 45 20.19 24.62 7.55
N SER O 46 21.52 24.70 7.49
CA SER O 46 22.36 23.54 7.64
C SER O 46 22.51 23.24 9.14
N MET O 47 23.12 24.17 9.85
CA MET O 47 23.33 24.04 11.29
C MET O 47 22.33 23.08 11.93
N ASP O 48 22.85 22.05 12.60
CA ASP O 48 22.01 21.06 13.24
C ASP O 48 21.44 21.58 14.56
N ALA O 49 20.74 20.70 15.27
CA ALA O 49 20.16 21.07 16.55
C ALA O 49 21.27 21.61 17.44
N LEU O 50 22.40 20.93 17.45
CA LEU O 50 23.55 21.34 18.25
C LEU O 50 24.06 22.68 17.74
N ASP O 51 24.15 22.82 16.43
CA ASP O 51 24.62 24.07 15.83
C ASP O 51 23.71 25.22 16.23
N LEU O 52 22.44 24.92 16.43
CA LEU O 52 21.46 25.93 16.84
C LEU O 52 21.63 26.27 18.31
N THR O 53 22.66 25.71 18.94
CA THR O 53 22.91 25.98 20.35
C THR O 53 24.17 26.82 20.50
N ASP O 54 25.27 26.33 19.93
CA ASP O 54 26.54 27.04 20.00
C ASP O 54 26.43 28.44 19.41
N LYS O 55 25.90 28.52 18.19
CA LYS O 55 25.75 29.79 17.50
C LYS O 55 24.64 30.62 18.14
N LEU O 56 23.57 29.94 18.54
CA LEU O 56 22.42 30.60 19.16
C LEU O 56 22.82 31.25 20.48
N VAL O 57 23.36 30.44 21.39
CA VAL O 57 23.78 30.91 22.70
C VAL O 57 24.78 32.06 22.64
N SER O 58 25.58 32.11 21.58
CA SER O 58 26.57 33.17 21.43
C SER O 58 25.90 34.38 20.80
N PHE O 59 25.13 34.12 19.75
CA PHE O 59 24.41 35.17 19.03
C PHE O 59 23.41 35.86 19.94
N TYR O 60 22.78 35.09 20.83
CA TYR O 60 21.81 35.64 21.75
C TYR O 60 22.24 35.53 23.21
N LEU O 61 21.94 36.56 23.97
CA LEU O 61 22.25 36.62 25.39
C LEU O 61 21.73 35.32 26.00
N GLU O 62 22.46 34.74 26.95
CA GLU O 62 21.99 33.50 27.55
C GLU O 62 20.70 33.75 28.33
N THR O 63 20.74 34.73 29.23
CA THR O 63 19.57 35.09 30.02
C THR O 63 18.41 35.34 29.06
N TYR O 64 18.69 36.17 28.06
CA TYR O 64 17.71 36.53 27.05
C TYR O 64 17.40 35.37 26.11
N GLY O 65 18.37 34.48 25.95
CA GLY O 65 18.17 33.33 25.07
C GLY O 65 17.10 32.41 25.61
N ALA O 66 17.11 32.21 26.93
CA ALA O 66 16.13 31.34 27.58
C ALA O 66 14.72 31.79 27.21
N GLU O 67 14.46 33.09 27.38
CA GLU O 67 13.15 33.65 27.07
C GLU O 67 12.78 33.39 25.62
N LEU O 68 13.65 33.84 24.72
CA LEU O 68 13.44 33.68 23.28
C LEU O 68 13.10 32.23 22.96
N THR O 69 13.78 31.31 23.63
CA THR O 69 13.55 29.88 23.45
C THR O 69 12.08 29.54 23.64
N ALA O 70 11.55 29.86 24.81
CA ALA O 70 10.16 29.58 25.15
C ALA O 70 9.20 30.06 24.07
N ASN O 71 9.36 31.31 23.64
CA ASN O 71 8.51 31.91 22.63
C ASN O 71 8.23 30.98 21.45
N VAL O 72 9.26 30.77 20.64
CA VAL O 72 9.15 29.93 19.44
C VAL O 72 8.52 28.57 19.73
N LEU O 73 8.98 27.90 20.79
CA LEU O 73 8.47 26.60 21.17
C LEU O 73 6.96 26.59 21.40
N ARG O 74 6.53 27.26 22.47
CA ARG O 74 5.10 27.29 22.79
C ARG O 74 4.24 27.78 21.63
N ASP O 75 4.86 28.39 20.63
CA ASP O 75 4.11 28.90 19.50
C ASP O 75 4.02 27.91 18.33
N MET O 76 5.11 27.17 18.09
CA MET O 76 5.12 26.19 17.01
C MET O 76 5.35 24.79 17.56
N GLY O 77 6.40 24.64 18.37
CA GLY O 77 6.71 23.35 18.95
C GLY O 77 5.50 22.80 19.67
N LEU O 78 4.82 23.67 20.41
CA LEU O 78 3.62 23.30 21.16
C LEU O 78 3.81 21.99 21.91
N GLN O 79 4.85 21.93 22.74
CA GLN O 79 5.13 20.72 23.51
C GLN O 79 5.15 20.99 25.00
N GLU O 80 4.76 19.99 25.78
CA GLU O 80 4.74 20.09 27.23
C GLU O 80 6.18 20.21 27.75
N MET O 81 7.13 19.83 26.91
CA MET O 81 8.54 19.88 27.25
C MET O 81 9.02 21.34 27.22
N ALA O 82 8.35 22.15 26.42
CA ALA O 82 8.69 23.56 26.31
C ALA O 82 8.79 24.13 27.71
N GLY O 83 7.86 23.75 28.56
CA GLY O 83 7.87 24.21 29.94
C GLY O 83 8.98 23.53 30.71
N GLN O 84 9.28 22.30 30.33
CA GLN O 84 10.34 21.52 30.98
C GLN O 84 11.62 22.33 31.05
N LEU O 85 11.94 23.05 29.97
CA LEU O 85 13.13 23.86 29.94
C LEU O 85 12.99 25.02 30.91
N GLN O 86 11.89 25.75 30.80
CA GLN O 86 11.63 26.90 31.69
C GLN O 86 11.90 26.51 33.13
N ALA O 87 11.51 25.29 33.50
CA ALA O 87 11.71 24.79 34.85
C ALA O 87 13.15 25.03 35.29
N ALA O 88 14.08 24.55 34.47
CA ALA O 88 15.51 24.69 34.75
C ALA O 88 16.09 26.01 34.24
N THR O 89 15.49 26.60 33.22
CA THR O 89 15.98 27.85 32.65
C THR O 89 16.24 28.90 33.71
N HIS O 90 15.21 29.25 34.47
CA HIS O 90 15.33 30.26 35.52
C HIS O 90 16.44 29.85 36.48
N GLN O 91 16.32 28.65 37.03
CA GLN O 91 17.28 28.07 37.97
C GLN O 91 16.63 26.95 38.76
#